data_5X3J
#
_entry.id   5X3J
#
_cell.length_a   180.538
_cell.length_b   180.538
_cell.length_c   391.626
_cell.angle_alpha   90.00
_cell.angle_beta   90.00
_cell.angle_gamma   120.00
#
_symmetry.space_group_name_H-M   'H 3 2'
#
loop_
_entity.id
_entity.type
_entity.pdbx_description
1 polymer 'Glycoside hydrolase family 31'
2 branched 'Cyclic alpha-D-glucopyranose-(1-3)-alpha-D-glucopyranose-(1-6)-alpha-D-glucopyranose-(1-3)-alpha-D-glucopyranose'
3 non-polymer 'SULFATE ION'
4 non-polymer GLYCEROL
5 water water
#
_entity_poly.entity_id   1
_entity_poly.type   'polypeptide(L)'
_entity_poly.pdbx_seq_one_letter_code
;MGSSHHHHHHSSGLVPRGSHMIKHRPHGIEHPYAVSPDQRVPVLPLAGEPVLLGVVAPEADRVVCEWGTLELPLSATSAA
AADAAALAGGEGHLSEAQAKSLGADGAWSVQTPPLAEPVKYRFHAHRGGAAESTEWFEVSPAVWTADGVGEVRGGGERVR
GVEWLVSSQGVHRGRFRLQLQDGDRLVGFGERYDALDQRGRELDAVVFEQYKAQGVHGRTYLPMPFAHVVGADGNGWGFH
VRTSRRTWYSSAGNELTVEVALGDEPVVDLAIYEGDPATVLTGFLDEVGRAEELPGWVFRLWASGNEWNTQQLVTARMDT
HRDLAIPVGAVVIEAWSDEQGITIWRDAVYAVTEDGSAHRAEDFSYRPDGAWPDPKAMIDELHARGIKVILWQIPLQKTE
FSTGQVAADAAAMVRDGHAVLEADGTAYRNRGWWFPQALMPDLSVQRTRDWWTEKRRYLVEHFDVDGFKTAGGEHAWGHD
LVYADGRKGDEGNNLYPVHYARAFGDLLRSAGKAPVTFSRAGFTGSQAHGIFWAGDEDSTWQAFRSSVTAGLTAASCGIV
YWGWDLAGFSGPVPDAELYLRAAAASAFMPIMQYHSEFNHHQLPLRDRTPWHVAETTGDDRVVPLFRRFATLRESLVPYL
TEQAARTIATDRPLMRPLFFDHENDPEIWNHPYQYLLGDELLINPVLEPGATTWTTYLPAGEWIDVWTGDRVPSGLVTRD
VPLEVVPVYCRASRWSELQPVFS
;
_entity_poly.pdbx_strand_id   A,B
#
# COMPACT_ATOMS: atom_id res chain seq x y z
N MET A 21 58.83 2.56 31.24
CA MET A 21 57.94 1.55 30.69
C MET A 21 57.95 1.62 29.17
N ILE A 22 57.86 0.45 28.53
CA ILE A 22 57.85 0.39 27.08
C ILE A 22 56.84 -0.64 26.57
N LYS A 23 56.01 -0.23 25.60
CA LYS A 23 54.92 -1.08 25.13
C LYS A 23 55.03 -1.39 23.64
N HIS A 24 54.92 -2.66 23.30
CA HIS A 24 54.83 -3.07 21.89
C HIS A 24 53.77 -4.14 21.72
N ARG A 25 52.86 -3.91 20.79
CA ARG A 25 51.76 -4.81 20.49
C ARG A 25 51.70 -5.09 18.99
N PRO A 26 52.31 -6.19 18.55
CA PRO A 26 52.52 -6.46 17.11
C PRO A 26 51.29 -6.20 16.25
N HIS A 27 50.11 -6.62 16.70
CA HIS A 27 48.88 -6.35 15.96
C HIS A 27 48.32 -4.94 16.21
N GLY A 28 48.73 -4.32 17.29
CA GLY A 28 48.25 -2.99 17.63
C GLY A 28 46.81 -2.98 18.10
N ILE A 29 46.13 -1.85 17.89
CA ILE A 29 44.76 -1.69 18.37
C ILE A 29 43.78 -2.46 17.48
N GLU A 30 44.23 -2.79 16.27
CA GLU A 30 43.47 -3.56 15.29
C GLU A 30 42.22 -2.83 14.78
N HIS A 31 42.32 -1.52 14.67
CA HIS A 31 41.47 -0.75 13.80
C HIS A 31 41.66 -1.33 12.41
N PRO A 32 40.56 -1.75 11.75
CA PRO A 32 40.68 -2.51 10.50
C PRO A 32 41.28 -1.73 9.33
N TYR A 33 41.09 -0.42 9.31
CA TYR A 33 41.73 0.42 8.30
C TYR A 33 42.96 1.20 8.77
N ALA A 34 43.38 1.03 10.00
CA ALA A 34 44.44 1.88 10.53
C ALA A 34 45.44 1.16 11.42
N VAL A 35 46.58 1.80 11.65
CA VAL A 35 47.59 1.25 12.54
C VAL A 35 47.81 2.16 13.73
N SER A 36 48.33 1.58 14.81
CA SER A 36 48.61 2.32 16.03
C SER A 36 50.12 2.37 16.27
N PRO A 37 50.59 3.39 16.99
CA PRO A 37 52.02 3.63 17.21
C PRO A 37 52.76 2.51 17.93
N ASP A 38 52.05 1.58 18.55
CA ASP A 38 52.69 0.51 19.32
C ASP A 38 52.94 -0.78 18.51
N GLN A 39 52.66 -0.77 17.21
CA GLN A 39 52.59 -2.02 16.48
C GLN A 39 53.64 -2.22 15.38
N ARG A 40 53.53 -3.37 14.74
CA ARG A 40 54.36 -3.77 13.62
C ARG A 40 53.61 -3.53 12.31
N VAL A 41 54.18 -2.71 11.44
CA VAL A 41 53.57 -2.40 10.14
C VAL A 41 54.41 -2.87 8.96
N PRO A 42 53.89 -3.80 8.14
CA PRO A 42 52.64 -4.55 8.31
C PRO A 42 52.79 -5.63 9.36
N VAL A 43 51.67 -6.14 9.88
CA VAL A 43 51.72 -7.23 10.84
C VAL A 43 52.30 -8.47 10.19
N LEU A 44 51.90 -8.73 8.95
CA LEU A 44 52.39 -9.89 8.20
C LEU A 44 53.08 -9.44 6.92
N PRO A 45 54.39 -9.16 7.01
CA PRO A 45 55.16 -8.70 5.85
C PRO A 45 55.35 -9.82 4.83
N LEU A 46 55.28 -9.50 3.55
CA LEU A 46 55.76 -10.44 2.54
C LEU A 46 57.27 -10.59 2.69
N ALA A 47 57.79 -11.77 2.35
CA ALA A 47 59.24 -11.95 2.31
C ALA A 47 59.83 -10.94 1.33
N GLY A 48 60.83 -10.20 1.78
CA GLY A 48 61.41 -9.15 0.96
C GLY A 48 60.96 -7.75 1.36
N GLU A 49 59.88 -7.67 2.13
CA GLU A 49 59.40 -6.39 2.65
C GLU A 49 60.14 -6.01 3.91
N PRO A 50 60.44 -4.72 4.07
CA PRO A 50 60.88 -4.23 5.38
C PRO A 50 59.68 -4.08 6.31
N VAL A 51 59.90 -4.10 7.62
CA VAL A 51 58.81 -3.84 8.54
C VAL A 51 59.10 -2.58 9.36
N LEU A 52 58.07 -1.76 9.55
CA LEU A 52 58.15 -0.62 10.44
C LEU A 52 57.76 -1.05 11.85
N LEU A 53 58.60 -0.72 12.84
CA LEU A 53 58.33 -1.10 14.22
C LEU A 53 58.02 0.11 15.07
N GLY A 54 56.77 0.24 15.50
CA GLY A 54 56.41 1.29 16.44
C GLY A 54 56.50 0.79 17.87
N VAL A 55 56.78 1.71 18.78
CA VAL A 55 56.82 1.41 20.21
C VAL A 55 56.40 2.66 20.99
N VAL A 56 55.69 2.46 22.10
CA VAL A 56 55.31 3.58 22.95
C VAL A 56 56.06 3.51 24.27
N ALA A 57 56.94 4.48 24.48
CA ALA A 57 57.69 4.62 25.72
C ALA A 57 57.75 6.09 26.10
N PRO A 58 56.70 6.59 26.77
CA PRO A 58 56.50 8.03 27.00
C PRO A 58 57.72 8.70 27.62
N GLU A 59 58.31 8.10 28.65
CA GLU A 59 59.56 8.62 29.16
C GLU A 59 60.69 7.62 28.91
N ALA A 60 61.53 7.94 27.93
CA ALA A 60 62.75 7.21 27.68
C ALA A 60 63.76 8.14 27.02
N ASP A 61 65.02 8.01 27.36
CA ASP A 61 66.05 8.80 26.69
C ASP A 61 66.39 8.19 25.35
N ARG A 62 66.50 6.86 25.34
CA ARG A 62 66.87 6.14 24.13
C ARG A 62 66.16 4.80 24.06
N VAL A 63 65.85 4.37 22.83
CA VAL A 63 65.22 3.09 22.60
C VAL A 63 65.90 2.34 21.46
N VAL A 64 66.29 1.10 21.72
CA VAL A 64 66.87 0.26 20.66
C VAL A 64 66.09 -1.02 20.53
N CYS A 65 66.08 -1.56 19.32
CA CYS A 65 65.49 -2.87 19.08
C CYS A 65 66.58 -3.89 18.85
N GLU A 66 66.49 -5.02 19.55
CA GLU A 66 67.40 -6.11 19.23
C GLU A 66 66.68 -6.94 18.20
N TRP A 67 67.17 -6.85 16.97
CA TRP A 67 66.49 -7.45 15.83
C TRP A 67 67.37 -8.56 15.29
N GLY A 68 66.97 -9.80 15.53
CA GLY A 68 67.83 -10.92 15.24
C GLY A 68 69.15 -10.73 15.95
N THR A 69 70.24 -10.75 15.18
CA THR A 69 71.57 -10.51 15.72
C THR A 69 71.97 -9.04 15.62
N LEU A 70 71.08 -8.20 15.11
CA LEU A 70 71.42 -6.77 14.97
C LEU A 70 70.89 -5.93 16.12
N GLU A 71 71.24 -4.65 16.08
CA GLU A 71 70.74 -3.66 17.03
C GLU A 71 70.28 -2.46 16.24
N LEU A 72 69.00 -2.14 16.32
CA LEU A 72 68.44 -1.06 15.54
C LEU A 72 67.98 0.10 16.42
N PRO A 73 68.65 1.26 16.29
CA PRO A 73 68.30 2.44 17.07
C PRO A 73 66.96 3.01 16.64
N LEU A 74 66.11 3.36 17.60
CA LEU A 74 64.82 3.92 17.25
C LEU A 74 64.83 5.44 17.32
N SER A 75 64.33 6.06 16.26
CA SER A 75 64.07 7.49 16.26
C SER A 75 62.78 7.75 17.03
N ALA A 76 62.63 8.95 17.58
CA ALA A 76 61.39 9.26 18.26
C ALA A 76 60.45 9.93 17.27
N THR A 77 59.41 9.18 16.90
CA THR A 77 58.45 9.56 15.86
C THR A 77 57.49 8.37 15.80
N SER A 78 56.34 8.55 15.16
CA SER A 78 55.29 7.55 15.22
C SER A 78 54.83 7.14 13.83
N ALA A 79 54.09 6.03 13.76
CA ALA A 79 53.35 5.72 12.54
C ALA A 79 51.86 5.96 12.77
N ALA A 80 51.35 7.03 12.18
CA ALA A 80 52.23 8.01 11.51
C ALA A 80 52.18 9.43 12.14
N ALA A 81 51.05 10.16 12.11
CA ALA A 81 49.75 9.65 11.74
C ALA A 81 48.84 10.61 10.99
N ALA A 82 48.21 10.10 9.94
CA ALA A 82 46.86 10.51 9.59
C ALA A 82 45.98 9.44 10.20
N ASP A 83 46.65 8.44 10.77
CA ASP A 83 46.00 7.28 11.36
C ASP A 83 45.52 7.58 12.77
N ALA A 84 46.05 8.63 13.38
CA ALA A 84 45.66 8.99 14.73
C ALA A 84 44.30 9.67 14.69
N ALA A 85 44.04 10.36 13.60
CA ALA A 85 42.71 10.90 13.36
C ALA A 85 41.75 9.72 13.22
N ALA A 86 42.15 8.74 12.44
CA ALA A 86 41.36 7.52 12.24
C ALA A 86 41.09 6.83 13.56
N LEU A 87 42.08 6.79 14.45
CA LEU A 87 41.92 6.14 15.73
C LEU A 87 40.98 6.94 16.63
N ALA A 88 40.84 8.22 16.33
CA ALA A 88 39.94 9.10 17.07
C ALA A 88 38.55 9.11 16.44
N GLY A 89 38.33 8.26 15.45
CA GLY A 89 37.04 8.17 14.80
C GLY A 89 36.96 8.77 13.41
N GLY A 90 38.09 9.25 12.90
CA GLY A 90 38.13 9.78 11.55
C GLY A 90 37.88 11.27 11.48
N GLU A 91 37.89 11.80 10.27
CA GLU A 91 37.83 13.24 10.04
C GLU A 91 36.51 13.86 10.53
N GLY A 92 35.44 13.09 10.50
CA GLY A 92 34.16 13.59 10.97
C GLY A 92 34.18 13.95 12.44
N HIS A 93 34.90 13.15 13.22
CA HIS A 93 35.11 13.42 14.63
C HIS A 93 36.25 14.38 15.00
N LEU A 94 37.38 14.30 14.30
CA LEU A 94 38.56 14.98 14.81
C LEU A 94 39.34 15.80 13.80
N SER A 95 39.32 17.12 13.99
CA SER A 95 40.49 17.99 13.75
C SER A 95 40.39 19.28 14.58
N GLU A 96 41.50 19.84 15.07
CA GLU A 96 42.81 19.20 15.32
C GLU A 96 43.46 18.51 14.11
N ALA A 97 43.90 19.30 13.15
CA ALA A 97 44.61 18.76 11.99
C ALA A 97 45.80 17.96 12.47
N GLN A 98 46.41 18.46 13.55
CA GLN A 98 47.59 17.88 14.17
C GLN A 98 47.55 18.04 15.69
N ALA A 99 48.58 17.48 16.35
CA ALA A 99 48.74 17.42 17.82
C ALA A 99 47.98 16.26 18.45
N ASP A 105 54.22 11.20 19.90
CA ASP A 105 53.52 11.42 21.16
C ASP A 105 53.96 10.39 22.20
N GLY A 106 55.26 10.35 22.46
CA GLY A 106 55.84 9.34 23.33
C GLY A 106 56.19 8.10 22.53
N ALA A 107 56.06 8.21 21.22
CA ALA A 107 56.21 7.07 20.33
C ALA A 107 57.56 7.03 19.63
N TRP A 108 58.10 5.82 19.50
CA TRP A 108 59.37 5.60 18.79
C TRP A 108 59.15 4.64 17.63
N SER A 109 60.00 4.76 16.60
CA SER A 109 59.93 3.81 15.49
C SER A 109 61.25 3.65 14.75
N VAL A 110 61.38 2.52 14.06
CA VAL A 110 62.51 2.28 13.16
C VAL A 110 62.06 1.32 12.05
N GLN A 111 62.64 1.49 10.87
CA GLN A 111 62.42 0.56 9.78
C GLN A 111 63.54 -0.48 9.73
N THR A 112 63.15 -1.75 9.69
CA THR A 112 64.10 -2.86 9.65
C THR A 112 64.61 -3.12 8.24
N PRO A 113 65.70 -3.92 8.12
CA PRO A 113 66.05 -4.49 6.82
C PRO A 113 64.92 -5.37 6.32
N PRO A 114 64.87 -5.65 5.01
CA PRO A 114 63.83 -6.53 4.44
C PRO A 114 63.78 -7.89 5.15
N LEU A 115 62.63 -8.55 5.15
CA LEU A 115 62.49 -9.80 5.89
C LEU A 115 62.80 -10.98 5.00
N ALA A 116 63.94 -11.62 5.23
CA ALA A 116 64.29 -12.83 4.50
C ALA A 116 63.91 -14.11 5.22
N GLU A 117 63.57 -14.00 6.50
CA GLU A 117 63.28 -15.19 7.30
C GLU A 117 62.63 -14.81 8.62
N PRO A 118 62.21 -15.81 9.42
CA PRO A 118 61.70 -15.47 10.74
C PRO A 118 62.72 -14.77 11.61
N VAL A 119 62.32 -13.67 12.23
CA VAL A 119 63.19 -12.92 13.13
C VAL A 119 62.55 -12.84 14.52
N LYS A 120 63.33 -13.18 15.54
CA LYS A 120 62.92 -12.86 16.90
C LYS A 120 63.49 -11.50 17.25
N TYR A 121 62.68 -10.65 17.87
CA TYR A 121 63.14 -9.33 18.24
C TYR A 121 62.53 -8.88 19.56
N ARG A 122 63.23 -7.98 20.24
CA ARG A 122 62.70 -7.35 21.44
C ARG A 122 63.23 -5.93 21.49
N PHE A 123 62.82 -5.17 22.51
CA PHE A 123 63.22 -3.78 22.59
C PHE A 123 63.89 -3.47 23.93
N HIS A 124 64.88 -2.59 23.87
CA HIS A 124 65.58 -2.12 25.06
C HIS A 124 65.50 -0.61 25.15
N ALA A 125 65.03 -0.11 26.28
CA ALA A 125 64.92 1.32 26.49
C ALA A 125 65.42 1.70 27.87
N HIS A 126 65.89 2.92 28.01
CA HIS A 126 66.33 3.41 29.31
C HIS A 126 66.12 4.90 29.48
N ARG A 127 65.76 5.30 30.69
CA ARG A 127 65.66 6.72 31.02
C ARG A 127 66.79 7.12 31.97
N GLY A 128 67.75 7.88 31.45
CA GLY A 128 68.85 8.39 32.24
C GLY A 128 69.58 7.36 33.07
N GLY A 129 69.73 6.15 32.55
CA GLY A 129 70.45 5.11 33.26
C GLY A 129 69.58 4.12 34.00
N ALA A 130 68.28 4.13 33.72
CA ALA A 130 67.36 3.13 34.26
C ALA A 130 66.71 2.39 33.09
N ALA A 131 67.00 1.10 32.94
CA ALA A 131 66.69 0.38 31.71
C ALA A 131 65.60 -0.66 31.84
N GLU A 132 64.88 -0.88 30.75
CA GLU A 132 63.84 -1.92 30.67
C GLU A 132 63.94 -2.72 29.39
N SER A 133 63.50 -3.98 29.46
CA SER A 133 63.51 -4.85 28.29
C SER A 133 62.13 -5.47 28.06
N THR A 134 61.64 -5.37 26.83
CA THR A 134 60.39 -6.01 26.45
C THR A 134 60.56 -7.51 26.30
N GLU A 135 59.43 -8.22 26.32
CA GLU A 135 59.38 -9.64 26.03
C GLU A 135 59.82 -9.89 24.60
N TRP A 136 60.25 -11.10 24.29
CA TRP A 136 60.59 -11.46 22.92
C TRP A 136 59.34 -11.48 22.03
N PHE A 137 59.49 -10.98 20.82
CA PHE A 137 58.47 -11.08 19.78
C PHE A 137 59.05 -11.82 18.60
N GLU A 138 58.19 -12.37 17.75
CA GLU A 138 58.65 -13.02 16.53
C GLU A 138 57.76 -12.65 15.34
N VAL A 139 58.36 -12.54 14.16
CA VAL A 139 57.61 -12.32 12.95
C VAL A 139 58.16 -13.17 11.81
N SER A 140 57.28 -13.91 11.16
CA SER A 140 57.64 -14.76 10.03
C SER A 140 57.12 -14.16 8.73
N PRO A 141 58.00 -13.97 7.74
CA PRO A 141 57.58 -13.42 6.45
C PRO A 141 56.70 -14.41 5.69
N ALA A 142 55.85 -13.89 4.80
CA ALA A 142 54.91 -14.73 4.08
C ALA A 142 55.09 -14.59 2.57
N VAL A 143 54.69 -15.61 1.83
CA VAL A 143 54.78 -15.60 0.38
C VAL A 143 53.51 -16.17 -0.25
N TRP A 144 53.19 -15.70 -1.45
CA TRP A 144 52.06 -16.24 -2.22
C TRP A 144 52.52 -17.41 -3.10
N THR A 145 51.78 -18.51 -3.05
CA THR A 145 52.13 -19.71 -3.80
C THR A 145 50.91 -20.47 -4.32
N ALA A 146 51.08 -21.14 -5.46
CA ALA A 146 50.02 -21.98 -5.99
C ALA A 146 50.13 -23.39 -5.42
N ASP A 147 51.21 -23.66 -4.70
CA ASP A 147 51.44 -24.97 -4.12
C ASP A 147 50.87 -25.05 -2.70
N GLY A 148 50.13 -26.11 -2.40
CA GLY A 148 49.58 -26.28 -1.07
C GLY A 148 48.51 -27.35 -0.94
N VAL A 149 48.18 -27.70 0.30
CA VAL A 149 47.14 -28.67 0.59
C VAL A 149 45.75 -28.04 0.58
N GLY A 150 45.71 -26.71 0.50
CA GLY A 150 44.47 -25.97 0.57
C GLY A 150 43.66 -26.04 -0.71
N GLU A 151 42.33 -26.01 -0.60
CA GLU A 151 41.48 -25.99 -1.78
C GLU A 151 40.38 -24.93 -1.73
N VAL A 152 40.05 -24.39 -2.89
CA VAL A 152 38.85 -23.59 -3.06
C VAL A 152 37.77 -24.52 -3.59
N ARG A 153 36.72 -24.74 -2.81
CA ARG A 153 35.67 -25.66 -3.19
C ARG A 153 34.42 -24.94 -3.68
N GLY A 154 33.87 -25.40 -4.80
CA GLY A 154 32.54 -24.99 -5.22
C GLY A 154 32.42 -24.05 -6.40
N GLY A 155 33.53 -23.47 -6.84
CA GLY A 155 33.47 -22.50 -7.90
C GLY A 155 33.48 -23.06 -9.31
N GLY A 156 33.68 -24.36 -9.42
CA GLY A 156 33.72 -25.02 -10.72
C GLY A 156 34.72 -24.40 -11.68
N GLU A 157 34.31 -24.27 -12.94
CA GLU A 157 35.20 -23.77 -13.98
C GLU A 157 35.28 -22.25 -14.00
N ARG A 158 34.54 -21.60 -13.11
CA ARG A 158 34.58 -20.15 -13.01
C ARG A 158 35.83 -19.67 -12.27
N VAL A 159 36.43 -20.56 -11.48
CA VAL A 159 37.58 -20.21 -10.65
C VAL A 159 38.92 -20.52 -11.31
N ARG A 160 39.79 -19.51 -11.36
CA ARG A 160 41.16 -19.68 -11.85
C ARG A 160 42.14 -19.05 -10.88
N GLY A 161 43.41 -19.43 -11.00
CA GLY A 161 44.49 -18.78 -10.29
C GLY A 161 44.44 -18.84 -8.78
N VAL A 162 44.14 -20.01 -8.24
CA VAL A 162 44.14 -20.21 -6.81
C VAL A 162 45.56 -20.08 -6.25
N GLU A 163 45.73 -19.22 -5.26
CA GLU A 163 47.01 -19.11 -4.55
C GLU A 163 46.78 -18.98 -3.05
N TRP A 164 47.82 -19.26 -2.28
CA TRP A 164 47.75 -19.25 -0.82
C TRP A 164 48.86 -18.42 -0.25
N LEU A 165 48.56 -17.65 0.79
CA LEU A 165 49.58 -16.85 1.47
C LEU A 165 50.08 -17.63 2.67
N VAL A 166 51.35 -18.01 2.63
CA VAL A 166 51.89 -18.93 3.62
C VAL A 166 53.15 -18.39 4.30
N SER A 167 53.36 -18.84 5.53
CA SER A 167 54.60 -18.57 6.25
C SER A 167 54.92 -19.81 7.06
N SER A 168 55.98 -19.74 7.86
CA SER A 168 56.33 -20.86 8.73
C SER A 168 55.22 -21.13 9.75
N GLN A 169 54.34 -20.15 9.94
CA GLN A 169 53.23 -20.27 10.87
C GLN A 169 52.05 -21.07 10.31
N GLY A 170 51.81 -20.96 9.01
CA GLY A 170 50.70 -21.65 8.38
C GLY A 170 50.15 -20.93 7.17
N VAL A 171 48.95 -21.30 6.73
CA VAL A 171 48.31 -20.65 5.60
C VAL A 171 47.38 -19.55 6.09
N HIS A 172 47.78 -18.31 5.84
CA HIS A 172 47.06 -17.13 6.33
C HIS A 172 45.86 -16.73 5.48
N ARG A 173 46.02 -16.77 4.16
CA ARG A 173 44.96 -16.32 3.26
C ARG A 173 44.87 -17.13 1.98
N GLY A 174 43.65 -17.25 1.46
CA GLY A 174 43.45 -17.75 0.11
C GLY A 174 43.23 -16.61 -0.85
N ARG A 175 43.44 -16.87 -2.13
CA ARG A 175 43.14 -15.90 -3.16
C ARG A 175 42.82 -16.63 -4.46
N PHE A 176 41.93 -16.06 -5.26
CA PHE A 176 41.57 -16.66 -6.53
C PHE A 176 40.87 -15.66 -7.43
N ARG A 177 40.54 -16.11 -8.64
CA ARG A 177 39.95 -15.23 -9.63
C ARG A 177 38.65 -15.83 -10.17
N LEU A 178 37.65 -14.98 -10.34
CA LEU A 178 36.42 -15.39 -10.99
C LEU A 178 36.37 -14.75 -12.37
N GLN A 179 36.05 -15.55 -13.38
CA GLN A 179 36.03 -15.07 -14.75
C GLN A 179 34.82 -14.20 -15.01
N LEU A 180 35.06 -13.04 -15.60
CA LEU A 180 34.00 -12.10 -15.96
C LEU A 180 33.92 -11.99 -17.47
N GLN A 181 32.75 -11.61 -17.97
CA GLN A 181 32.54 -11.42 -19.39
C GLN A 181 32.27 -9.96 -19.67
N ASP A 182 32.54 -9.52 -20.90
CA ASP A 182 32.28 -8.15 -21.28
C ASP A 182 30.81 -7.81 -21.04
N GLY A 183 30.56 -6.67 -20.41
CA GLY A 183 29.20 -6.27 -20.11
C GLY A 183 28.74 -6.69 -18.72
N ASP A 184 29.52 -7.53 -18.05
CA ASP A 184 29.20 -7.96 -16.70
C ASP A 184 29.34 -6.82 -15.71
N ARG A 185 28.34 -6.70 -14.83
CA ARG A 185 28.39 -5.76 -13.73
C ARG A 185 28.51 -6.52 -12.42
N LEU A 186 29.14 -5.90 -11.42
CA LEU A 186 29.22 -6.51 -10.11
C LEU A 186 28.41 -5.70 -9.10
N VAL A 187 27.28 -6.26 -8.66
CA VAL A 187 26.36 -5.56 -7.78
C VAL A 187 26.09 -6.39 -6.54
N GLY A 188 26.32 -5.81 -5.36
CA GLY A 188 26.38 -6.67 -4.20
C GLY A 188 27.22 -6.14 -3.07
N PHE A 189 27.78 -7.10 -2.34
CA PHE A 189 28.77 -6.85 -1.30
C PHE A 189 28.16 -6.16 -0.10
N GLY A 190 26.88 -6.43 0.14
CA GLY A 190 26.19 -5.79 1.23
C GLY A 190 25.74 -4.40 0.84
N GLU A 191 25.80 -3.49 1.80
CA GLU A 191 25.39 -2.11 1.60
C GLU A 191 26.58 -1.25 1.19
N ARG A 192 26.51 -0.64 0.01
CA ARG A 192 27.64 0.11 -0.55
C ARG A 192 27.26 1.54 -0.86
N TYR A 193 28.07 2.49 -0.41
CA TYR A 193 27.75 3.89 -0.65
C TYR A 193 28.40 4.58 -1.86
N ASP A 194 29.44 4.00 -2.47
CA ASP A 194 30.06 4.68 -3.62
C ASP A 194 29.42 4.42 -4.98
N ALA A 195 29.10 3.16 -5.28
CA ALA A 195 28.53 2.85 -6.59
C ALA A 195 27.69 1.58 -6.57
N LEU A 196 26.71 1.48 -7.47
CA LEU A 196 25.93 0.27 -7.64
C LEU A 196 26.78 -0.84 -8.26
N ASP A 197 27.46 -0.51 -9.36
CA ASP A 197 28.38 -1.43 -10.02
C ASP A 197 29.77 -1.25 -9.44
N GLN A 198 30.30 -2.31 -8.85
CA GLN A 198 31.62 -2.25 -8.21
C GLN A 198 32.77 -2.68 -9.13
N ARG A 199 32.46 -3.08 -10.36
CA ARG A 199 33.51 -3.56 -11.26
C ARG A 199 34.54 -2.49 -11.54
N GLY A 200 35.81 -2.83 -11.35
CA GLY A 200 36.90 -1.91 -11.59
C GLY A 200 37.42 -1.27 -10.32
N ARG A 201 36.91 -1.71 -9.18
CA ARG A 201 37.24 -1.09 -7.91
C ARG A 201 37.88 -2.06 -6.95
N GLU A 202 38.61 -1.50 -5.98
CA GLU A 202 39.07 -2.27 -4.84
C GLU A 202 38.13 -2.00 -3.66
N LEU A 203 37.73 -3.06 -2.97
CA LEU A 203 36.88 -2.96 -1.80
C LEU A 203 37.08 -4.19 -0.94
N ASP A 204 36.66 -4.13 0.31
CA ASP A 204 36.70 -5.33 1.13
C ASP A 204 35.37 -5.51 1.87
N ALA A 205 35.21 -6.62 2.59
CA ALA A 205 34.03 -6.76 3.42
C ALA A 205 34.44 -6.98 4.86
N VAL A 206 34.28 -5.94 5.66
CA VAL A 206 34.54 -6.01 7.08
C VAL A 206 33.61 -5.01 7.78
N VAL A 207 33.05 -5.41 8.91
CA VAL A 207 32.17 -4.52 9.66
C VAL A 207 33.01 -3.40 10.26
N PHE A 208 32.64 -2.16 9.97
CA PHE A 208 33.39 -1.04 10.50
C PHE A 208 32.49 0.17 10.69
N GLU A 209 32.79 1.00 11.68
CA GLU A 209 31.99 2.21 11.84
C GLU A 209 32.77 3.35 11.24
N GLN A 210 32.32 3.78 10.07
CA GLN A 210 32.92 4.91 9.38
C GLN A 210 32.03 6.08 9.65
N TYR A 211 32.53 7.08 10.35
CA TYR A 211 31.68 8.17 10.82
C TYR A 211 31.49 9.22 9.74
N LYS A 212 30.50 8.97 8.89
CA LYS A 212 30.13 9.87 7.80
C LYS A 212 31.02 9.61 6.59
N ALA A 213 30.66 10.20 5.45
CA ALA A 213 31.48 10.09 4.26
C ALA A 213 31.78 8.64 3.92
N GLN A 214 30.78 7.77 4.05
CA GLN A 214 31.02 6.33 3.82
C GLN A 214 31.37 6.07 2.36
N GLY A 215 30.74 6.80 1.46
CA GLY A 215 30.97 6.64 0.03
C GLY A 215 32.37 7.05 -0.37
N VAL A 216 32.86 8.12 0.25
CA VAL A 216 34.19 8.63 -0.07
C VAL A 216 35.27 7.62 0.27
N HIS A 217 35.18 7.03 1.47
CA HIS A 217 36.14 6.02 1.90
C HIS A 217 35.84 4.65 1.30
N GLY A 218 34.66 4.50 0.75
CA GLY A 218 34.22 3.20 0.24
C GLY A 218 34.14 2.13 1.31
N ARG A 219 33.63 2.49 2.50
CA ARG A 219 33.49 1.53 3.59
C ARG A 219 32.01 1.34 3.95
N THR A 220 31.72 0.41 4.85
CA THR A 220 30.33 0.16 5.20
C THR A 220 30.14 -0.48 6.57
N TYR A 221 28.98 -0.20 7.17
CA TYR A 221 28.58 -0.84 8.41
C TYR A 221 28.09 -2.26 8.16
N LEU A 222 27.62 -2.50 6.94
CA LEU A 222 26.89 -3.73 6.62
C LEU A 222 27.42 -4.42 5.35
N PRO A 223 28.65 -4.94 5.40
CA PRO A 223 29.22 -5.67 4.26
C PRO A 223 28.72 -7.09 4.17
N MET A 224 28.70 -7.67 2.97
CA MET A 224 28.51 -9.10 2.79
C MET A 224 29.45 -9.63 1.71
N PRO A 225 30.01 -10.83 1.91
CA PRO A 225 30.87 -11.42 0.88
C PRO A 225 30.04 -12.10 -0.21
N PHE A 226 29.15 -11.33 -0.82
CA PHE A 226 28.21 -11.84 -1.81
C PHE A 226 28.01 -10.80 -2.90
N ALA A 227 27.83 -11.24 -4.14
CA ALA A 227 27.49 -10.29 -5.20
C ALA A 227 26.79 -10.93 -6.40
N HIS A 228 26.08 -10.10 -7.16
CA HIS A 228 25.53 -10.47 -8.44
C HIS A 228 26.56 -10.24 -9.53
N VAL A 229 26.73 -11.21 -10.42
CA VAL A 229 27.44 -10.98 -11.68
C VAL A 229 26.42 -11.01 -12.81
N VAL A 230 26.19 -9.85 -13.42
CA VAL A 230 25.00 -9.65 -14.24
C VAL A 230 25.27 -8.81 -15.48
N GLY A 231 24.58 -9.13 -16.57
CA GLY A 231 24.55 -8.28 -17.75
C GLY A 231 25.28 -8.73 -18.99
N ALA A 232 26.06 -9.80 -18.87
CA ALA A 232 26.61 -10.43 -20.07
C ALA A 232 25.46 -11.08 -20.83
N ASP A 233 25.65 -11.33 -22.12
CA ASP A 233 24.61 -11.88 -22.97
C ASP A 233 23.94 -13.11 -22.35
N GLY A 234 24.75 -14.01 -21.82
CA GLY A 234 24.24 -15.22 -21.19
C GLY A 234 23.50 -14.90 -19.90
N ASN A 235 22.90 -15.91 -19.29
CA ASN A 235 22.22 -15.71 -18.03
C ASN A 235 23.23 -15.40 -16.93
N GLY A 236 22.82 -14.56 -15.99
CA GLY A 236 23.70 -14.11 -14.93
C GLY A 236 23.89 -15.13 -13.84
N TRP A 237 24.69 -14.76 -12.84
CA TRP A 237 24.97 -15.63 -11.71
C TRP A 237 25.39 -14.82 -10.50
N GLY A 238 25.74 -15.51 -9.42
CA GLY A 238 26.23 -14.84 -8.24
C GLY A 238 26.99 -15.77 -7.34
N PHE A 239 27.75 -15.21 -6.42
CA PHE A 239 28.59 -16.00 -5.54
C PHE A 239 28.48 -15.54 -4.09
N HIS A 240 28.70 -16.46 -3.17
CA HIS A 240 28.84 -16.16 -1.76
C HIS A 240 30.06 -16.89 -1.22
N VAL A 241 31.05 -16.14 -0.75
CA VAL A 241 32.16 -16.76 -0.05
C VAL A 241 31.67 -17.13 1.34
N ARG A 242 31.71 -18.38 1.76
CA ARG A 242 31.10 -18.59 3.05
C ARG A 242 32.17 -18.48 4.11
N THR A 243 32.23 -17.28 4.67
CA THR A 243 33.12 -16.96 5.76
C THR A 243 32.57 -15.74 6.46
N SER A 244 32.77 -15.63 7.78
CA SER A 244 32.58 -14.34 8.42
C SER A 244 33.91 -13.60 8.64
N ARG A 245 35.00 -14.21 8.19
CA ARG A 245 36.30 -13.55 8.20
C ARG A 245 36.38 -12.48 7.11
N ARG A 246 37.33 -11.57 7.25
CA ARG A 246 37.55 -10.52 6.25
C ARG A 246 37.83 -11.05 4.83
N THR A 247 37.27 -10.36 3.84
CA THR A 247 37.55 -10.67 2.43
C THR A 247 37.85 -9.38 1.69
N TRP A 248 38.63 -9.47 0.62
CA TRP A 248 38.97 -8.32 -0.21
C TRP A 248 38.66 -8.60 -1.67
N TYR A 249 38.43 -7.55 -2.45
CA TYR A 249 37.96 -7.70 -3.82
C TYR A 249 38.61 -6.66 -4.73
N SER A 250 38.99 -7.08 -5.93
CA SER A 250 39.39 -6.15 -6.97
C SER A 250 39.10 -6.74 -8.34
N SER A 251 38.75 -5.88 -9.28
CA SER A 251 38.46 -6.36 -10.61
C SER A 251 39.20 -5.50 -11.64
N ALA A 252 39.87 -6.17 -12.55
CA ALA A 252 40.56 -5.52 -13.66
C ALA A 252 40.48 -6.46 -14.83
N GLY A 253 40.33 -5.90 -16.03
CA GLY A 253 40.13 -6.70 -17.20
C GLY A 253 38.92 -7.60 -17.01
N ASN A 254 39.07 -8.87 -17.38
CA ASN A 254 37.98 -9.84 -17.31
C ASN A 254 37.96 -10.71 -16.06
N GLU A 255 38.82 -10.41 -15.08
CA GLU A 255 38.81 -11.17 -13.84
C GLU A 255 38.42 -10.37 -12.59
N LEU A 256 37.72 -11.02 -11.67
CA LEU A 256 37.49 -10.48 -10.34
C LEU A 256 38.34 -11.24 -9.34
N THR A 257 39.19 -10.53 -8.61
CA THR A 257 40.09 -11.18 -7.68
C THR A 257 39.50 -11.19 -6.26
N VAL A 258 39.42 -12.37 -5.67
CA VAL A 258 38.87 -12.54 -4.33
C VAL A 258 39.92 -13.02 -3.35
N GLU A 259 40.13 -12.25 -2.29
CA GLU A 259 41.10 -12.63 -1.27
C GLU A 259 40.39 -12.90 0.06
N VAL A 260 40.73 -14.03 0.68
CA VAL A 260 39.99 -14.52 1.83
C VAL A 260 40.90 -14.81 3.03
N ALA A 261 40.64 -14.16 4.17
CA ALA A 261 41.37 -14.46 5.39
C ALA A 261 40.95 -15.84 5.90
N LEU A 262 41.87 -16.58 6.51
CA LEU A 262 41.60 -17.96 6.86
C LEU A 262 41.77 -18.24 8.33
N GLY A 263 41.14 -19.31 8.79
CA GLY A 263 41.39 -19.84 10.12
C GLY A 263 42.41 -20.96 10.05
N ASP A 264 42.29 -21.95 10.92
CA ASP A 264 43.20 -23.09 10.96
C ASP A 264 43.10 -23.99 9.74
N GLU A 265 41.95 -23.98 9.08
CA GLU A 265 41.72 -24.86 7.94
C GLU A 265 41.88 -24.10 6.64
N PRO A 266 42.83 -24.53 5.79
CA PRO A 266 43.06 -23.85 4.52
C PRO A 266 42.01 -24.23 3.48
N VAL A 267 40.75 -23.90 3.74
CA VAL A 267 39.68 -24.18 2.80
C VAL A 267 38.82 -22.95 2.60
N VAL A 268 38.54 -22.62 1.34
CA VAL A 268 37.54 -21.62 1.02
C VAL A 268 36.35 -22.32 0.39
N ASP A 269 35.19 -22.22 1.04
CA ASP A 269 33.97 -22.78 0.49
C ASP A 269 33.21 -21.70 -0.25
N LEU A 270 32.95 -21.94 -1.52
CA LEU A 270 32.36 -20.92 -2.39
C LEU A 270 31.07 -21.43 -2.99
N ALA A 271 29.99 -20.67 -2.78
CA ALA A 271 28.69 -21.00 -3.36
C ALA A 271 28.50 -20.23 -4.65
N ILE A 272 27.93 -20.91 -5.65
CA ILE A 272 27.59 -20.27 -6.91
C ILE A 272 26.10 -20.40 -7.13
N TYR A 273 25.44 -19.30 -7.46
CA TYR A 273 24.01 -19.32 -7.74
C TYR A 273 23.78 -18.96 -9.20
N GLU A 274 22.91 -19.69 -9.88
CA GLU A 274 22.63 -19.39 -11.28
C GLU A 274 21.16 -19.11 -11.54
N GLY A 275 20.90 -18.13 -12.42
CA GLY A 275 19.54 -17.80 -12.83
C GLY A 275 19.42 -16.33 -13.12
N ASP A 276 18.19 -15.84 -13.20
CA ASP A 276 17.96 -14.39 -13.25
C ASP A 276 18.31 -13.83 -11.86
N PRO A 277 18.50 -12.50 -11.77
CA PRO A 277 18.97 -11.91 -10.50
C PRO A 277 18.15 -12.29 -9.27
N ALA A 278 16.83 -12.36 -9.39
CA ALA A 278 15.99 -12.74 -8.27
C ALA A 278 16.28 -14.18 -7.84
N THR A 279 16.45 -15.07 -8.81
CA THR A 279 16.73 -16.48 -8.54
C THR A 279 18.09 -16.64 -7.89
N VAL A 280 19.05 -15.82 -8.32
CA VAL A 280 20.35 -15.77 -7.68
C VAL A 280 20.19 -15.39 -6.21
N LEU A 281 19.38 -14.36 -5.97
CA LEU A 281 19.13 -13.89 -4.62
C LEU A 281 18.45 -14.98 -3.78
N THR A 282 17.53 -15.72 -4.40
CA THR A 282 16.83 -16.79 -3.72
C THR A 282 17.80 -17.84 -3.18
N GLY A 283 18.79 -18.19 -4.00
CA GLY A 283 19.80 -19.15 -3.60
C GLY A 283 20.57 -18.68 -2.38
N PHE A 284 21.00 -17.42 -2.43
CA PHE A 284 21.67 -16.78 -1.31
C PHE A 284 20.80 -16.75 -0.05
N LEU A 285 19.58 -16.24 -0.17
CA LEU A 285 18.73 -16.05 0.99
C LEU A 285 18.22 -17.37 1.57
N ASP A 286 17.99 -18.36 0.71
CA ASP A 286 17.70 -19.72 1.18
C ASP A 286 18.81 -20.22 2.09
N GLU A 287 20.04 -19.86 1.75
CA GLU A 287 21.20 -20.29 2.52
C GLU A 287 21.42 -19.49 3.81
N VAL A 288 21.42 -18.16 3.69
CA VAL A 288 21.78 -17.32 4.83
C VAL A 288 20.64 -16.66 5.62
N GLY A 289 19.40 -16.84 5.18
CA GLY A 289 18.28 -16.19 5.83
C GLY A 289 17.60 -15.06 5.05
N ARG A 290 16.38 -14.76 5.47
CA ARG A 290 15.45 -13.93 4.70
C ARG A 290 14.57 -13.10 5.65
N ALA A 291 14.15 -11.92 5.21
CA ALA A 291 13.22 -11.12 6.00
C ALA A 291 11.91 -11.86 6.24
N GLU A 292 11.31 -11.66 7.41
CA GLU A 292 9.92 -12.06 7.58
C GLU A 292 9.07 -10.81 7.42
N GLU A 293 7.76 -10.96 7.43
CA GLU A 293 6.89 -9.81 7.19
C GLU A 293 6.78 -8.99 8.47
N LEU A 294 7.10 -7.71 8.36
CA LEU A 294 6.91 -6.78 9.46
C LEU A 294 5.52 -6.13 9.35
N PRO A 295 4.98 -5.64 10.49
CA PRO A 295 3.68 -4.97 10.46
C PRO A 295 3.69 -3.77 9.54
N GLY A 296 2.55 -3.48 8.94
CA GLY A 296 2.45 -2.38 8.00
C GLY A 296 2.77 -1.01 8.55
N TRP A 297 2.72 -0.86 9.87
CA TRP A 297 2.96 0.47 10.45
C TRP A 297 4.41 0.95 10.24
N VAL A 298 5.34 0.04 9.97
CA VAL A 298 6.72 0.45 9.73
C VAL A 298 6.85 1.26 8.45
N PHE A 299 5.82 1.22 7.61
CA PHE A 299 5.84 1.97 6.37
C PHE A 299 5.32 3.40 6.54
N ARG A 300 4.92 3.77 7.74
CA ARG A 300 4.52 5.15 7.99
C ARG A 300 5.78 5.95 8.30
N LEU A 301 5.62 7.26 8.49
CA LEU A 301 6.76 8.13 8.73
C LEU A 301 7.36 7.90 10.12
N TRP A 302 8.68 7.83 10.18
CA TRP A 302 9.40 7.73 11.45
C TRP A 302 9.96 9.09 11.83
N ALA A 303 9.63 9.55 13.03
CA ALA A 303 10.13 10.82 13.52
C ALA A 303 11.20 10.57 14.58
N SER A 304 12.27 11.35 14.52
CA SER A 304 13.36 11.18 15.45
C SER A 304 14.13 12.48 15.64
N GLY A 305 14.66 12.69 16.83
CA GLY A 305 15.83 13.54 16.99
C GLY A 305 16.42 13.34 18.36
N ASN A 306 17.73 13.52 18.44
CA ASN A 306 18.48 13.00 19.56
C ASN A 306 18.31 13.84 20.80
N GLU A 307 18.03 15.12 20.58
CA GLU A 307 17.87 16.05 21.68
C GLU A 307 16.47 16.01 22.28
N TRP A 308 15.60 15.11 21.85
CA TRP A 308 14.36 15.06 22.58
C TRP A 308 14.67 14.10 23.70
N ASN A 309 15.10 14.70 24.81
CA ASN A 309 15.59 13.97 25.96
C ASN A 309 14.70 13.95 27.19
N THR A 310 13.52 14.54 27.09
CA THR A 310 12.57 14.50 28.21
C THR A 310 11.18 14.16 27.71
N GLN A 311 10.32 13.76 28.64
CA GLN A 311 8.92 13.52 28.36
C GLN A 311 8.27 14.77 27.78
N GLN A 312 8.57 15.91 28.38
CA GLN A 312 8.05 17.19 27.88
C GLN A 312 8.43 17.45 26.42
N LEU A 313 9.68 17.17 26.05
CA LEU A 313 10.12 17.43 24.68
C LEU A 313 9.49 16.47 23.67
N VAL A 314 9.44 15.18 24.00
CA VAL A 314 8.87 14.20 23.09
C VAL A 314 7.40 14.48 22.84
N THR A 315 6.67 14.80 23.89
CA THR A 315 5.24 15.07 23.74
C THR A 315 5.04 16.39 22.98
N ALA A 316 5.90 17.37 23.22
CA ALA A 316 5.80 18.65 22.49
C ALA A 316 6.04 18.48 20.99
N ARG A 317 7.05 17.69 20.63
CA ARG A 317 7.37 17.45 19.22
C ARG A 317 6.25 16.67 18.51
N MET A 318 5.68 15.69 19.19
CA MET A 318 4.62 14.90 18.60
C MET A 318 3.32 15.72 18.54
N ASP A 319 3.13 16.61 19.51
CA ASP A 319 1.97 17.49 19.48
C ASP A 319 2.05 18.40 18.27
N THR A 320 3.25 18.87 17.96
CA THR A 320 3.45 19.74 16.80
C THR A 320 3.12 18.98 15.52
N HIS A 321 3.54 17.71 15.47
CA HIS A 321 3.14 16.84 14.37
C HIS A 321 1.63 16.79 14.21
N ARG A 322 0.94 16.53 15.32
CA ARG A 322 -0.52 16.48 15.31
C ARG A 322 -1.11 17.82 14.84
N ASP A 323 -0.64 18.91 15.42
CA ASP A 323 -1.24 20.21 15.16
C ASP A 323 -1.00 20.72 13.74
N LEU A 324 0.11 20.29 13.15
CA LEU A 324 0.45 20.68 11.79
C LEU A 324 -0.09 19.68 10.77
N ALA A 325 -0.81 18.68 11.27
CA ALA A 325 -1.39 17.63 10.44
C ALA A 325 -0.35 16.91 9.59
N ILE A 326 0.82 16.65 10.16
CA ILE A 326 1.82 15.83 9.49
C ILE A 326 1.85 14.46 10.15
N PRO A 327 1.32 13.45 9.46
CA PRO A 327 1.15 12.12 10.04
C PRO A 327 2.50 11.49 10.35
N VAL A 328 2.58 10.83 11.49
CA VAL A 328 3.78 10.13 11.89
C VAL A 328 3.35 8.81 12.48
N GLY A 329 3.99 7.72 12.08
CA GLY A 329 3.63 6.42 12.61
C GLY A 329 4.55 5.89 13.70
N ALA A 330 5.72 6.49 13.86
CA ALA A 330 6.64 6.03 14.90
C ALA A 330 7.52 7.16 15.40
N VAL A 331 7.88 7.11 16.67
CA VAL A 331 8.83 8.06 17.20
C VAL A 331 9.96 7.27 17.86
N VAL A 332 11.19 7.66 17.53
CA VAL A 332 12.37 7.09 18.16
C VAL A 332 12.83 8.01 19.28
N ILE A 333 13.03 7.45 20.46
CA ILE A 333 13.63 8.22 21.55
C ILE A 333 15.02 7.69 21.87
N GLU A 334 16.02 8.54 21.63
CA GLU A 334 17.42 8.16 21.78
C GLU A 334 17.90 8.43 23.19
N ALA A 335 17.87 9.67 23.67
CA ALA A 335 18.26 9.74 25.05
C ALA A 335 17.01 9.72 25.89
N TRP A 336 16.64 8.50 26.25
CA TRP A 336 15.57 8.22 27.16
C TRP A 336 16.06 7.73 28.51
N SER A 337 17.36 7.46 28.60
CA SER A 337 17.81 6.58 29.67
C SER A 337 18.74 7.29 30.63
N ASP A 338 19.18 6.55 31.64
CA ASP A 338 20.09 7.07 32.66
C ASP A 338 21.48 7.36 32.10
N GLU A 339 21.70 7.00 30.84
CA GLU A 339 22.97 7.19 30.16
C GLU A 339 24.09 6.43 30.85
N GLN A 340 23.75 5.40 31.61
CA GLN A 340 24.78 4.55 32.15
C GLN A 340 24.61 3.13 31.63
N GLY A 341 23.75 2.34 32.24
CA GLY A 341 23.40 1.05 31.71
C GLY A 341 22.57 1.07 30.44
N ILE A 342 21.84 2.16 30.21
CA ILE A 342 21.03 2.35 29.02
C ILE A 342 19.90 1.37 28.94
N THR A 343 19.28 1.11 30.06
CA THR A 343 18.23 0.16 30.14
C THR A 343 17.21 0.59 31.15
N ILE A 344 17.43 1.76 31.67
CA ILE A 344 16.55 2.37 32.67
C ILE A 344 16.21 3.81 32.30
N TRP A 345 14.96 4.24 32.49
CA TRP A 345 14.59 5.64 32.17
C TRP A 345 15.41 6.60 33.03
N ARG A 346 15.80 7.73 32.46
CA ARG A 346 16.52 8.73 33.22
C ARG A 346 15.69 9.22 34.40
N ASP A 347 16.35 9.37 35.55
CA ASP A 347 15.78 9.89 36.80
C ASP A 347 14.89 8.88 37.52
N ALA A 348 14.72 7.69 36.96
CA ALA A 348 14.06 6.60 37.67
C ALA A 348 14.76 6.32 39.00
N VAL A 349 13.99 5.95 40.01
CA VAL A 349 14.49 5.68 41.34
C VAL A 349 14.21 4.22 41.69
N TYR A 350 15.15 3.56 42.36
CA TYR A 350 15.07 2.12 42.58
C TYR A 350 16.21 1.63 43.45
N ALA A 351 16.06 0.44 44.01
CA ALA A 351 17.14 -0.19 44.74
C ALA A 351 18.00 -0.96 43.75
N VAL A 352 19.29 -0.65 43.73
CA VAL A 352 20.26 -1.36 42.91
C VAL A 352 20.32 -2.82 43.31
N THR A 353 20.32 -3.71 42.33
CA THR A 353 20.51 -5.12 42.62
C THR A 353 22.00 -5.45 42.54
N GLU A 354 22.59 -5.79 43.68
CA GLU A 354 24.04 -6.01 43.81
C GLU A 354 24.52 -7.16 42.93
N ASP A 355 23.65 -8.12 42.67
CA ASP A 355 24.03 -9.33 41.96
C ASP A 355 23.98 -9.15 40.44
N GLY A 356 23.57 -7.96 39.99
CA GLY A 356 23.49 -7.69 38.56
C GLY A 356 22.29 -8.31 37.87
N SER A 357 21.29 -8.69 38.65
CA SER A 357 20.05 -9.24 38.10
C SER A 357 19.19 -8.12 37.51
N ALA A 358 18.29 -8.50 36.62
CA ALA A 358 17.37 -7.57 35.97
C ALA A 358 16.27 -7.06 36.91
N HIS A 359 15.75 -5.88 36.58
CA HIS A 359 14.69 -5.25 37.36
C HIS A 359 13.29 -5.57 36.84
N ARG A 360 12.34 -5.71 37.77
CA ARG A 360 10.93 -5.69 37.42
C ARG A 360 10.44 -4.25 37.29
N ALA A 361 9.37 -4.06 36.51
CA ALA A 361 8.77 -2.73 36.35
C ALA A 361 8.47 -2.06 37.70
N GLU A 362 8.00 -2.85 38.65
CA GLU A 362 7.59 -2.31 39.95
C GLU A 362 8.78 -1.93 40.83
N ASP A 363 9.99 -2.28 40.41
CA ASP A 363 11.20 -1.82 41.10
C ASP A 363 11.35 -0.30 41.02
N PHE A 364 10.76 0.29 40.00
CA PHE A 364 11.05 1.68 39.67
C PHE A 364 9.96 2.63 40.13
N SER A 365 10.36 3.81 40.55
CA SER A 365 9.40 4.89 40.71
C SER A 365 9.92 6.13 39.98
N TYR A 366 8.98 6.94 39.49
CA TYR A 366 9.30 8.06 38.64
C TYR A 366 8.82 9.37 39.27
N ARG A 367 9.75 10.26 39.55
CA ARG A 367 9.45 11.47 40.30
C ARG A 367 8.84 12.54 39.41
N PRO A 368 7.93 13.34 39.99
CA PRO A 368 7.24 14.41 39.27
C PRO A 368 8.19 15.39 38.58
N ASP A 369 9.34 15.64 39.19
CA ASP A 369 10.30 16.59 38.64
C ASP A 369 11.40 15.96 37.78
N GLY A 370 11.32 14.65 37.56
CA GLY A 370 12.32 13.98 36.75
C GLY A 370 12.15 14.22 35.27
N ALA A 371 13.09 13.70 34.47
CA ALA A 371 13.00 13.84 33.02
C ALA A 371 11.78 13.09 32.46
N TRP A 372 11.41 11.99 33.10
CA TRP A 372 10.28 11.19 32.66
C TRP A 372 9.38 10.86 33.86
N PRO A 373 8.51 11.80 34.23
CA PRO A 373 7.66 11.61 35.42
C PRO A 373 6.65 10.49 35.27
N ASP A 374 6.12 10.30 34.07
CA ASP A 374 5.17 9.23 33.81
C ASP A 374 5.34 8.66 32.41
N PRO A 375 6.39 7.86 32.19
CA PRO A 375 6.61 7.36 30.83
C PRO A 375 5.50 6.46 30.29
N LYS A 376 4.83 5.70 31.15
CA LYS A 376 3.73 4.85 30.69
C LYS A 376 2.58 5.68 30.13
N ALA A 377 2.27 6.81 30.78
CA ALA A 377 1.19 7.66 30.31
C ALA A 377 1.54 8.26 28.97
N MET A 378 2.80 8.66 28.81
CA MET A 378 3.28 9.19 27.52
C MET A 378 3.07 8.18 26.40
N ILE A 379 3.54 6.96 26.62
CA ILE A 379 3.45 5.90 25.63
C ILE A 379 2.00 5.51 25.34
N ASP A 380 1.18 5.41 26.37
CA ASP A 380 -0.23 5.10 26.18
C ASP A 380 -0.92 6.15 25.31
N GLU A 381 -0.58 7.42 25.53
CA GLU A 381 -1.15 8.49 24.73
C GLU A 381 -0.65 8.44 23.29
N LEU A 382 0.63 8.16 23.10
CA LEU A 382 1.19 8.02 21.77
C LEU A 382 0.52 6.88 21.03
N HIS A 383 0.37 5.75 21.72
CA HIS A 383 -0.34 4.60 21.18
C HIS A 383 -1.77 4.93 20.82
N ALA A 384 -2.45 5.72 21.66
CA ALA A 384 -3.83 6.09 21.41
C ALA A 384 -3.93 6.88 20.11
N ARG A 385 -2.86 7.59 19.77
CA ARG A 385 -2.79 8.32 18.51
C ARG A 385 -2.25 7.46 17.38
N GLY A 386 -1.98 6.20 17.66
CA GLY A 386 -1.47 5.30 16.64
C GLY A 386 0.01 5.47 16.32
N ILE A 387 0.76 6.02 17.28
CA ILE A 387 2.20 6.19 17.10
C ILE A 387 2.97 5.16 17.90
N LYS A 388 3.80 4.40 17.21
CA LYS A 388 4.68 3.43 17.86
C LYS A 388 5.89 4.10 18.52
N VAL A 389 6.47 3.43 19.51
CA VAL A 389 7.57 3.98 20.27
C VAL A 389 8.81 3.08 20.23
N ILE A 390 9.95 3.67 19.86
CA ILE A 390 11.18 2.91 19.70
C ILE A 390 12.28 3.49 20.58
N LEU A 391 12.92 2.62 21.37
CA LEU A 391 14.00 3.05 22.25
C LEU A 391 15.39 2.67 21.73
N TRP A 392 16.33 3.57 21.92
CA TRP A 392 17.71 3.44 21.49
C TRP A 392 18.49 2.46 22.35
N GLN A 393 19.41 1.74 21.73
CA GLN A 393 20.24 0.75 22.42
C GLN A 393 21.68 0.73 21.89
N ILE A 394 22.60 0.34 22.76
CA ILE A 394 23.96 -0.02 22.37
C ILE A 394 24.32 -1.33 23.05
N PRO A 395 25.10 -2.17 22.35
CA PRO A 395 25.54 -3.44 22.93
C PRO A 395 26.82 -3.25 23.74
N LEU A 396 26.76 -2.36 24.72
CA LEU A 396 27.94 -1.98 25.50
C LEU A 396 27.60 -1.73 26.96
N GLN A 397 28.45 -2.23 27.86
CA GLN A 397 28.30 -1.93 29.26
C GLN A 397 29.44 -0.99 29.69
N LYS A 398 29.10 0.26 29.97
CA LYS A 398 30.07 1.29 30.34
C LYS A 398 30.81 0.97 31.63
N THR A 399 32.14 1.07 31.58
CA THR A 399 32.97 0.84 32.75
C THR A 399 33.45 2.11 33.48
N GLU A 400 33.12 3.29 32.96
CA GLU A 400 33.66 4.54 33.52
C GLU A 400 33.05 4.90 34.87
N PHE A 401 31.95 4.24 35.22
CA PHE A 401 31.32 4.42 36.52
C PHE A 401 31.70 3.25 37.43
N SER A 402 32.15 3.55 38.64
CA SER A 402 32.56 2.49 39.54
C SER A 402 31.46 2.08 40.52
N THR A 403 30.33 2.78 40.48
CA THR A 403 29.22 2.49 41.38
C THR A 403 27.88 2.41 40.66
N GLY A 404 26.86 1.92 41.37
CA GLY A 404 25.51 1.88 40.85
C GLY A 404 25.21 0.61 40.06
N GLN A 405 24.02 0.57 39.47
CA GLN A 405 23.57 -0.60 38.73
C GLN A 405 24.50 -0.95 37.57
N VAL A 406 24.98 0.07 36.87
CA VAL A 406 25.86 -0.14 35.73
C VAL A 406 27.14 -0.87 36.13
N ALA A 407 27.66 -0.55 37.31
CA ALA A 407 28.87 -1.17 37.82
C ALA A 407 28.61 -2.59 38.33
N ALA A 408 27.46 -2.77 38.97
CA ALA A 408 27.05 -4.08 39.45
C ALA A 408 26.86 -5.06 38.29
N ASP A 409 26.31 -4.57 37.18
CA ASP A 409 26.06 -5.43 36.03
C ASP A 409 27.38 -5.76 35.31
N ALA A 410 28.28 -4.78 35.24
CA ALA A 410 29.60 -5.02 34.66
C ALA A 410 30.36 -6.11 35.42
N ALA A 411 30.32 -6.03 36.74
CA ALA A 411 30.95 -7.05 37.58
C ALA A 411 30.27 -8.41 37.36
N ALA A 412 28.96 -8.39 37.24
CA ALA A 412 28.21 -9.62 37.00
C ALA A 412 28.60 -10.25 35.65
N MET A 413 28.84 -9.41 34.64
CA MET A 413 29.21 -9.88 33.32
C MET A 413 30.52 -10.67 33.34
N VAL A 414 31.48 -10.15 34.09
CA VAL A 414 32.78 -10.80 34.22
C VAL A 414 32.68 -12.05 35.08
N ARG A 415 31.96 -11.95 36.18
CA ARG A 415 31.83 -13.06 37.11
C ARG A 415 31.13 -14.26 36.48
N ASP A 416 30.01 -14.00 35.80
CA ASP A 416 29.18 -15.06 35.26
C ASP A 416 29.43 -15.38 33.80
N GLY A 417 30.41 -14.72 33.19
CA GLY A 417 30.81 -15.06 31.84
C GLY A 417 29.91 -14.54 30.73
N HIS A 418 29.36 -13.35 30.91
CA HIS A 418 28.50 -12.73 29.89
C HIS A 418 29.27 -11.76 29.01
N ALA A 419 30.57 -11.61 29.24
CA ALA A 419 31.37 -10.66 28.49
C ALA A 419 32.22 -11.33 27.41
N VAL A 420 32.30 -10.68 26.25
CA VAL A 420 33.25 -11.09 25.22
C VAL A 420 34.66 -11.01 25.81
N LEU A 421 35.50 -11.99 25.51
CA LEU A 421 36.79 -12.12 26.17
C LEU A 421 37.99 -11.86 25.25
N GLU A 422 39.05 -11.33 25.83
CA GLU A 422 40.38 -11.30 25.21
C GLU A 422 40.96 -12.70 25.20
N ALA A 423 41.97 -12.93 24.37
CA ALA A 423 42.71 -14.19 24.33
C ALA A 423 43.15 -14.65 25.72
N ASP A 424 43.56 -13.72 26.57
CA ASP A 424 44.10 -14.07 27.88
C ASP A 424 43.04 -14.35 28.93
N GLY A 425 41.76 -14.24 28.55
CA GLY A 425 40.69 -14.63 29.45
C GLY A 425 40.05 -13.48 30.19
N THR A 426 40.70 -12.33 30.16
CA THR A 426 40.11 -11.10 30.69
C THR A 426 39.04 -10.58 29.73
N ALA A 427 38.14 -9.76 30.25
CA ALA A 427 37.04 -9.24 29.46
C ALA A 427 37.55 -8.23 28.44
N TYR A 428 37.06 -8.34 27.21
CA TYR A 428 37.37 -7.35 26.19
C TYR A 428 36.92 -5.95 26.61
N ARG A 429 37.83 -4.98 26.50
CA ARG A 429 37.53 -3.59 26.74
C ARG A 429 37.49 -2.88 25.40
N ASN A 430 36.43 -2.12 25.14
CA ASN A 430 36.23 -1.53 23.83
C ASN A 430 37.43 -0.66 23.40
N ARG A 431 37.98 -0.96 22.23
CA ARG A 431 39.17 -0.26 21.75
C ARG A 431 38.82 0.96 20.90
N GLY A 432 37.55 1.07 20.54
CA GLY A 432 37.09 2.15 19.67
C GLY A 432 37.01 3.50 20.34
N TRP A 433 36.70 4.51 19.54
CA TRP A 433 36.59 5.89 20.03
C TRP A 433 35.24 6.16 20.70
N TRP A 434 34.25 5.31 20.41
CA TRP A 434 32.91 5.51 20.95
C TRP A 434 32.70 4.66 22.20
N PHE A 435 32.56 5.33 23.34
CA PHE A 435 32.51 4.66 24.63
C PHE A 435 33.68 3.69 24.83
N PRO A 436 34.91 4.21 24.90
CA PRO A 436 36.08 3.33 25.09
C PRO A 436 36.07 2.60 26.43
N GLN A 437 36.67 1.40 26.43
CA GLN A 437 36.81 0.53 27.61
C GLN A 437 35.53 -0.20 28.01
N ALA A 438 34.40 0.14 27.40
CA ALA A 438 33.14 -0.54 27.68
C ALA A 438 33.23 -2.02 27.35
N LEU A 439 32.55 -2.85 28.15
CA LEU A 439 32.44 -4.28 27.86
C LEU A 439 31.40 -4.55 26.79
N MET A 440 31.55 -5.67 26.09
CA MET A 440 30.55 -6.13 25.14
C MET A 440 29.87 -7.39 25.67
N PRO A 441 28.53 -7.38 25.79
CA PRO A 441 27.85 -8.62 26.17
C PRO A 441 28.08 -9.66 25.09
N ASP A 442 28.26 -10.92 25.46
CA ASP A 442 28.59 -11.87 24.43
C ASP A 442 27.27 -12.45 23.94
N LEU A 443 26.86 -11.99 22.77
CA LEU A 443 25.51 -12.23 22.29
C LEU A 443 25.53 -13.43 21.35
N SER A 444 26.69 -14.06 21.24
CA SER A 444 26.86 -15.23 20.39
C SER A 444 26.18 -16.47 20.97
N VAL A 445 25.83 -16.42 22.25
CA VAL A 445 25.13 -17.55 22.89
C VAL A 445 23.82 -17.15 23.57
N GLN A 446 22.90 -18.11 23.61
CA GLN A 446 21.54 -17.88 24.05
C GLN A 446 21.46 -17.39 25.49
N ARG A 447 22.22 -18.00 26.39
CA ARG A 447 22.14 -17.65 27.82
C ARG A 447 22.47 -16.18 28.08
N THR A 448 23.43 -15.63 27.35
CA THR A 448 23.78 -14.23 27.54
C THR A 448 22.84 -13.30 26.76
N ARG A 449 22.36 -13.74 25.61
CA ARG A 449 21.28 -13.01 24.94
C ARG A 449 20.09 -12.85 25.90
N ASP A 450 19.74 -13.93 26.60
CA ASP A 450 18.67 -13.89 27.60
C ASP A 450 18.98 -12.89 28.70
N TRP A 451 20.16 -13.01 29.27
CA TRP A 451 20.58 -12.20 30.42
C TRP A 451 20.57 -10.72 30.11
N TRP A 452 21.08 -10.38 28.92
CA TRP A 452 21.24 -8.99 28.51
C TRP A 452 19.89 -8.36 28.19
N THR A 453 19.06 -9.07 27.43
CA THR A 453 17.76 -8.55 27.04
C THR A 453 16.77 -8.61 28.20
N GLU A 454 17.01 -9.48 29.18
CA GLU A 454 16.12 -9.58 30.34
C GLU A 454 16.02 -8.25 31.07
N LYS A 455 17.10 -7.47 31.01
CA LYS A 455 17.13 -6.17 31.65
C LYS A 455 16.18 -5.21 30.96
N ARG A 456 15.91 -5.45 29.68
CA ARG A 456 15.02 -4.60 28.90
C ARG A 456 13.58 -5.12 28.85
N ARG A 457 13.32 -6.28 29.43
CA ARG A 457 12.02 -6.95 29.27
C ARG A 457 10.83 -6.11 29.74
N TYR A 458 10.94 -5.50 30.92
CA TYR A 458 9.87 -4.68 31.47
C TYR A 458 9.50 -3.52 30.53
N LEU A 459 10.45 -3.07 29.72
CA LEU A 459 10.19 -2.01 28.76
C LEU A 459 9.18 -2.45 27.71
N VAL A 460 9.30 -3.71 27.28
CA VAL A 460 8.35 -4.24 26.32
C VAL A 460 7.04 -4.71 26.96
N GLU A 461 7.14 -5.42 28.08
CA GLU A 461 5.98 -6.07 28.68
C GLU A 461 5.11 -5.13 29.51
N HIS A 462 5.74 -4.22 30.24
CA HIS A 462 5.01 -3.22 31.02
C HIS A 462 4.77 -1.96 30.20
N PHE A 463 5.85 -1.32 29.76
CA PHE A 463 5.73 -0.07 29.03
C PHE A 463 5.27 -0.22 27.59
N ASP A 464 5.17 -1.46 27.12
CA ASP A 464 4.65 -1.76 25.77
C ASP A 464 5.42 -1.04 24.65
N VAL A 465 6.73 -0.90 24.83
CA VAL A 465 7.60 -0.37 23.79
C VAL A 465 7.54 -1.26 22.55
N ASP A 466 7.49 -0.65 21.37
CA ASP A 466 7.28 -1.39 20.11
C ASP A 466 8.53 -1.80 19.32
N GLY A 467 9.69 -1.29 19.70
CA GLY A 467 10.89 -1.61 18.95
C GLY A 467 12.12 -1.06 19.61
N PHE A 468 13.28 -1.44 19.08
CA PHE A 468 14.53 -0.92 19.60
C PHE A 468 15.41 -0.44 18.45
N LYS A 469 16.01 0.72 18.64
CA LYS A 469 16.93 1.16 17.63
C LYS A 469 18.24 0.59 18.13
N THR A 470 18.73 -0.42 17.44
CA THR A 470 19.88 -1.08 17.99
C THR A 470 21.04 -0.49 17.20
N ALA A 471 21.65 0.50 17.83
CA ALA A 471 22.78 1.23 17.28
C ALA A 471 24.09 0.51 17.60
N GLY A 472 25.10 0.74 16.80
CA GLY A 472 26.42 0.20 17.09
C GLY A 472 26.51 -1.27 16.73
N GLY A 473 27.35 -2.01 17.45
CA GLY A 473 27.64 -3.39 17.11
C GLY A 473 28.98 -3.62 16.41
N GLU A 474 29.68 -2.55 16.05
CA GLU A 474 30.95 -2.65 15.30
C GLU A 474 32.17 -2.66 16.22
N HIS A 475 31.93 -2.68 17.53
CA HIS A 475 32.99 -2.33 18.49
C HIS A 475 34.05 -3.41 18.73
N ALA A 476 33.85 -4.62 18.24
CA ALA A 476 34.79 -5.69 18.57
C ALA A 476 35.99 -5.64 17.63
N TRP A 477 37.15 -5.36 18.19
CA TRP A 477 38.40 -5.36 17.46
C TRP A 477 39.37 -6.37 18.04
N GLY A 478 40.10 -7.00 17.13
CA GLY A 478 41.09 -8.02 17.38
C GLY A 478 40.75 -9.46 17.07
N HIS A 479 41.80 -10.12 16.59
CA HIS A 479 41.71 -11.38 15.87
C HIS A 479 41.60 -12.54 16.83
N ASP A 480 42.20 -12.37 18.00
CA ASP A 480 42.23 -13.41 19.02
C ASP A 480 41.15 -13.31 20.12
N LEU A 481 40.19 -12.40 19.96
CA LEU A 481 39.07 -12.34 20.91
C LEU A 481 38.33 -13.66 20.95
N VAL A 482 37.74 -13.98 22.11
CA VAL A 482 37.08 -15.27 22.28
C VAL A 482 35.59 -15.11 22.60
N TYR A 483 34.75 -15.77 21.80
CA TYR A 483 33.30 -15.77 22.01
C TYR A 483 32.86 -17.11 22.57
N ALA A 484 31.81 -17.10 23.37
CA ALA A 484 31.33 -18.31 24.04
C ALA A 484 30.78 -19.34 23.06
N ASP A 485 30.56 -18.95 21.81
CA ASP A 485 30.09 -19.93 20.83
C ASP A 485 31.26 -20.71 20.21
N GLY A 486 32.48 -20.40 20.65
CA GLY A 486 33.65 -21.12 20.18
C GLY A 486 34.44 -20.37 19.12
N ARG A 487 33.85 -19.33 18.55
CA ARG A 487 34.51 -18.56 17.51
C ARG A 487 35.56 -17.61 18.07
N LYS A 488 36.60 -17.35 17.29
CA LYS A 488 37.55 -16.31 17.67
C LYS A 488 37.17 -15.03 16.97
N GLY A 489 37.87 -13.95 17.30
CA GLY A 489 37.49 -12.62 16.84
C GLY A 489 37.58 -12.45 15.34
N ASP A 490 38.53 -13.12 14.70
CA ASP A 490 38.70 -13.00 13.26
C ASP A 490 37.46 -13.52 12.53
N GLU A 491 36.85 -14.56 13.06
CA GLU A 491 35.54 -15.05 12.61
C GLU A 491 34.32 -14.33 13.22
N GLY A 492 34.38 -14.09 14.53
CA GLY A 492 33.19 -13.69 15.28
C GLY A 492 32.82 -12.21 15.27
N ASN A 493 33.81 -11.34 15.08
CA ASN A 493 33.58 -9.91 15.16
C ASN A 493 32.63 -9.38 14.09
N ASN A 494 32.71 -9.92 12.89
CA ASN A 494 31.77 -9.54 11.84
C ASN A 494 30.36 -10.05 12.12
N LEU A 495 30.26 -11.13 12.88
CA LEU A 495 28.97 -11.73 13.17
C LEU A 495 28.24 -11.01 14.29
N TYR A 496 28.99 -10.25 15.09
CA TYR A 496 28.42 -9.65 16.30
C TYR A 496 27.16 -8.80 16.06
N PRO A 497 27.16 -7.91 15.05
CA PRO A 497 25.93 -7.13 14.87
C PRO A 497 24.71 -7.97 14.48
N VAL A 498 24.94 -9.13 13.88
CA VAL A 498 23.85 -10.03 13.52
C VAL A 498 23.24 -10.62 14.80
N HIS A 499 24.09 -11.09 15.72
CA HIS A 499 23.63 -11.59 17.01
C HIS A 499 22.86 -10.52 17.76
N TYR A 500 23.33 -9.28 17.62
CA TYR A 500 22.81 -8.13 18.33
C TYR A 500 21.36 -7.83 17.93
N ALA A 501 21.12 -7.73 16.63
CA ALA A 501 19.77 -7.47 16.14
C ALA A 501 18.86 -8.65 16.46
N ARG A 502 19.39 -9.85 16.31
CA ARG A 502 18.65 -11.08 16.57
C ARG A 502 18.19 -11.14 18.02
N ALA A 503 19.07 -10.73 18.94
CA ALA A 503 18.79 -10.79 20.36
C ALA A 503 17.57 -9.94 20.72
N PHE A 504 17.52 -8.72 20.21
CA PHE A 504 16.43 -7.84 20.56
C PHE A 504 15.17 -8.15 19.73
N GLY A 505 15.36 -8.68 18.54
CA GLY A 505 14.25 -9.25 17.78
C GLY A 505 13.57 -10.31 18.61
N ASP A 506 14.37 -11.19 19.20
CA ASP A 506 13.83 -12.29 19.99
C ASP A 506 13.16 -11.82 21.29
N LEU A 507 13.66 -10.73 21.86
CA LEU A 507 13.02 -10.16 23.03
C LEU A 507 11.59 -9.77 22.70
N LEU A 508 11.44 -9.08 21.58
CA LEU A 508 10.14 -8.63 21.11
C LEU A 508 9.20 -9.80 20.83
N ARG A 509 9.71 -10.83 20.15
CA ARG A 509 8.93 -12.04 19.88
C ARG A 509 8.45 -12.68 21.17
N SER A 510 9.30 -12.72 22.18
CA SER A 510 8.98 -13.41 23.43
C SER A 510 7.88 -12.69 24.19
N ALA A 511 7.71 -11.40 23.88
CA ALA A 511 6.64 -10.60 24.44
C ALA A 511 5.44 -10.58 23.50
N GLY A 512 5.53 -11.36 22.43
CA GLY A 512 4.41 -11.46 21.50
C GLY A 512 4.35 -10.30 20.51
N LYS A 513 5.48 -9.63 20.31
CA LYS A 513 5.51 -8.49 19.40
C LYS A 513 6.44 -8.74 18.21
N ALA A 514 6.16 -8.06 17.11
CA ALA A 514 6.96 -8.17 15.89
C ALA A 514 8.41 -7.76 16.15
N PRO A 515 9.35 -8.46 15.51
CA PRO A 515 10.77 -8.23 15.79
C PRO A 515 11.27 -6.95 15.15
N VAL A 516 10.78 -5.81 15.61
CA VAL A 516 11.21 -4.59 14.96
C VAL A 516 12.42 -4.03 15.68
N THR A 517 13.56 -4.20 15.03
CA THR A 517 14.83 -3.64 15.46
C THR A 517 15.22 -2.74 14.34
N PHE A 518 16.00 -1.73 14.67
CA PHE A 518 16.38 -0.69 13.75
C PHE A 518 17.90 -0.59 13.91
N SER A 519 18.65 -1.01 12.90
CA SER A 519 20.10 -1.20 13.03
C SER A 519 20.90 -0.59 11.87
N ARG A 520 22.04 0.02 12.15
CA ARG A 520 22.95 0.41 11.09
C ARG A 520 23.90 -0.72 10.64
N ALA A 521 24.28 -1.58 11.58
CA ALA A 521 25.35 -2.55 11.34
C ALA A 521 24.82 -3.96 11.15
N GLY A 522 25.53 -4.74 10.34
CA GLY A 522 25.19 -6.12 10.10
C GLY A 522 26.16 -6.86 9.20
N PHE A 523 25.77 -8.05 8.79
CA PHE A 523 26.62 -8.93 8.00
C PHE A 523 25.72 -9.94 7.31
N THR A 524 26.33 -10.94 6.69
CA THR A 524 25.59 -12.05 6.13
C THR A 524 24.67 -12.61 7.21
N GLY A 525 23.38 -12.74 6.89
CA GLY A 525 22.40 -13.22 7.85
C GLY A 525 21.53 -12.14 8.46
N SER A 526 21.97 -10.89 8.37
CA SER A 526 21.21 -9.77 8.90
C SER A 526 19.83 -9.60 8.26
N GLN A 527 19.66 -10.19 7.09
CA GLN A 527 18.43 -10.09 6.32
C GLN A 527 17.20 -10.50 7.13
N ALA A 528 17.42 -11.38 8.11
CA ALA A 528 16.33 -11.97 8.85
C ALA A 528 15.97 -11.18 10.11
N HIS A 529 16.74 -10.14 10.43
CA HIS A 529 16.43 -9.39 11.65
C HIS A 529 16.17 -7.90 11.46
N GLY A 530 14.90 -7.53 11.58
CA GLY A 530 14.49 -6.14 11.61
C GLY A 530 14.81 -5.23 10.46
N ILE A 531 15.01 -3.96 10.81
CA ILE A 531 15.09 -2.86 9.87
C ILE A 531 16.50 -2.31 9.92
N PHE A 532 16.93 -1.65 8.84
CA PHE A 532 18.26 -1.07 8.78
C PHE A 532 18.22 0.34 8.23
N TRP A 533 19.07 1.21 8.77
CA TRP A 533 19.22 2.55 8.23
C TRP A 533 20.68 2.77 7.87
N ALA A 534 20.92 3.71 6.95
CA ALA A 534 22.23 3.86 6.31
C ALA A 534 23.30 4.45 7.22
N GLY A 535 22.92 4.84 8.44
CA GLY A 535 23.88 5.34 9.40
C GLY A 535 24.09 6.84 9.35
N ASP A 536 25.24 7.29 9.83
CA ASP A 536 25.53 8.71 10.03
C ASP A 536 26.05 9.42 8.79
N GLU A 537 25.46 10.57 8.46
CA GLU A 537 25.96 11.41 7.37
C GLU A 537 25.68 12.91 7.55
N ASP A 538 26.46 13.72 6.85
CA ASP A 538 26.26 15.16 6.75
C ASP A 538 25.07 15.47 5.85
N SER A 539 24.55 16.69 5.93
CA SER A 539 23.48 17.04 5.01
C SER A 539 24.09 17.66 3.77
N THR A 540 24.11 16.88 2.70
CA THR A 540 24.78 17.25 1.45
C THR A 540 24.13 16.47 0.35
N TRP A 541 24.27 16.93 -0.88
CA TRP A 541 23.75 16.19 -2.02
C TRP A 541 24.54 14.91 -2.23
N GLN A 542 25.83 14.97 -1.92
CA GLN A 542 26.69 13.80 -2.08
C GLN A 542 26.25 12.67 -1.16
N ALA A 543 25.95 13.00 0.10
CA ALA A 543 25.44 12.02 1.04
C ALA A 543 24.08 11.46 0.61
N PHE A 544 23.23 12.33 0.07
CA PHE A 544 21.93 11.92 -0.49
C PHE A 544 22.15 10.85 -1.56
N ARG A 545 23.02 11.13 -2.53
CA ARG A 545 23.30 10.18 -3.59
C ARG A 545 23.89 8.88 -3.06
N SER A 546 24.81 8.97 -2.10
CA SER A 546 25.41 7.78 -1.49
C SER A 546 24.35 6.91 -0.83
N SER A 547 23.37 7.54 -0.19
CA SER A 547 22.37 6.81 0.58
C SER A 547 21.46 6.00 -0.35
N VAL A 548 21.06 6.60 -1.46
CA VAL A 548 20.28 5.88 -2.47
C VAL A 548 21.03 4.62 -2.94
N THR A 549 22.31 4.77 -3.21
CA THR A 549 23.18 3.67 -3.61
C THR A 549 23.25 2.61 -2.52
N ALA A 550 23.27 3.06 -1.26
CA ALA A 550 23.32 2.15 -0.12
C ALA A 550 22.07 1.28 -0.04
N GLY A 551 20.90 1.89 -0.24
CA GLY A 551 19.64 1.17 -0.23
C GLY A 551 19.51 0.19 -1.37
N LEU A 552 19.98 0.60 -2.55
CA LEU A 552 19.91 -0.21 -3.75
C LEU A 552 20.79 -1.45 -3.65
N THR A 553 22.02 -1.27 -3.19
CA THR A 553 22.94 -2.39 -3.04
C THR A 553 22.50 -3.34 -1.93
N ALA A 554 22.04 -2.79 -0.80
CA ALA A 554 21.53 -3.62 0.30
C ALA A 554 20.34 -4.45 -0.14
N ALA A 555 19.46 -3.85 -0.93
CA ALA A 555 18.28 -4.57 -1.41
C ALA A 555 18.69 -5.72 -2.32
N SER A 556 19.71 -5.48 -3.15
CA SER A 556 20.23 -6.51 -4.05
C SER A 556 20.75 -7.71 -3.28
N CYS A 557 21.15 -7.49 -2.03
CA CYS A 557 21.63 -8.56 -1.16
C CYS A 557 20.56 -9.10 -0.21
N GLY A 558 19.33 -8.60 -0.35
CA GLY A 558 18.23 -9.15 0.42
C GLY A 558 17.83 -8.34 1.66
N ILE A 559 18.32 -7.11 1.75
CA ILE A 559 17.93 -6.26 2.87
C ILE A 559 16.68 -5.50 2.43
N VAL A 560 15.56 -5.85 3.05
CA VAL A 560 14.23 -5.45 2.59
C VAL A 560 13.80 -4.12 3.20
N TYR A 561 13.72 -4.07 4.52
CA TYR A 561 13.30 -2.85 5.14
C TYR A 561 14.52 -2.01 5.46
N TRP A 562 14.67 -0.94 4.69
CA TRP A 562 15.84 -0.10 4.72
C TRP A 562 15.43 1.35 4.60
N GLY A 563 16.18 2.23 5.25
CA GLY A 563 15.93 3.66 5.17
C GLY A 563 17.22 4.39 5.45
N TRP A 564 17.13 5.71 5.59
CA TRP A 564 18.27 6.55 5.92
C TRP A 564 17.77 7.76 6.67
N ASP A 565 18.68 8.64 7.10
CA ASP A 565 18.23 9.87 7.72
C ASP A 565 18.09 10.83 6.58
N LEU A 566 16.85 11.18 6.23
CA LEU A 566 16.62 11.92 5.02
C LEU A 566 17.23 13.31 5.16
N ALA A 567 18.03 13.68 4.18
CA ALA A 567 18.81 14.91 4.12
C ALA A 567 19.80 15.08 5.27
N GLY A 568 20.18 13.97 5.91
CA GLY A 568 21.30 13.92 6.84
C GLY A 568 20.95 14.36 8.25
N PHE A 569 21.57 13.73 9.25
CA PHE A 569 21.34 14.13 10.64
C PHE A 569 22.43 15.01 11.26
N SER A 570 23.53 15.21 10.56
CA SER A 570 24.74 15.75 11.18
C SER A 570 25.09 17.13 10.64
N GLY A 571 25.58 18.00 11.51
CA GLY A 571 25.91 19.36 11.13
C GLY A 571 24.70 20.27 11.13
N PRO A 572 24.83 21.46 10.52
CA PRO A 572 23.76 22.44 10.40
C PRO A 572 22.54 21.88 9.70
N VAL A 573 21.38 22.45 10.02
CA VAL A 573 20.13 22.10 9.37
C VAL A 573 20.28 22.23 7.85
N PRO A 574 19.79 21.24 7.09
CA PRO A 574 19.79 21.30 5.62
C PRO A 574 18.95 22.43 5.08
N ASP A 575 19.29 22.93 3.89
CA ASP A 575 18.47 23.91 3.20
C ASP A 575 17.17 23.28 2.72
N ALA A 576 16.18 24.12 2.42
CA ALA A 576 14.85 23.67 2.02
C ALA A 576 14.88 22.73 0.83
N GLU A 577 15.71 23.05 -0.16
CA GLU A 577 15.73 22.28 -1.41
C GLU A 577 16.19 20.85 -1.19
N LEU A 578 17.33 20.69 -0.53
CA LEU A 578 17.85 19.37 -0.25
C LEU A 578 16.87 18.60 0.63
N TYR A 579 16.37 19.27 1.66
CA TYR A 579 15.41 18.66 2.57
C TYR A 579 14.19 18.14 1.80
N LEU A 580 13.63 18.96 0.93
CA LEU A 580 12.42 18.57 0.21
C LEU A 580 12.71 17.54 -0.90
N ARG A 581 13.86 17.64 -1.56
CA ARG A 581 14.23 16.63 -2.53
C ARG A 581 14.35 15.27 -1.86
N ALA A 582 15.00 15.26 -0.71
CA ALA A 582 15.22 14.04 0.04
C ALA A 582 13.90 13.48 0.57
N ALA A 583 13.05 14.36 1.08
CA ALA A 583 11.77 13.94 1.65
C ALA A 583 10.87 13.33 0.57
N ALA A 584 10.84 13.95 -0.60
CA ALA A 584 10.00 13.47 -1.70
C ALA A 584 10.42 12.08 -2.12
N ALA A 585 11.73 11.88 -2.28
CA ALA A 585 12.28 10.60 -2.68
C ALA A 585 12.05 9.53 -1.62
N SER A 586 12.26 9.91 -0.36
CA SER A 586 12.18 8.96 0.76
C SER A 586 10.75 8.44 0.95
N ALA A 587 9.77 9.23 0.53
CA ALA A 587 8.36 8.79 0.59
C ALA A 587 8.15 7.57 -0.31
N PHE A 588 9.03 7.44 -1.29
CA PHE A 588 9.10 6.31 -2.22
C PHE A 588 10.13 5.23 -1.87
N MET A 589 10.68 5.29 -0.66
CA MET A 589 11.67 4.33 -0.17
C MET A 589 11.06 3.45 0.92
N PRO A 590 11.63 2.24 1.14
CA PRO A 590 11.04 1.32 2.13
C PRO A 590 10.82 1.93 3.52
N ILE A 591 11.77 2.71 4.02
CA ILE A 591 11.58 3.34 5.31
C ILE A 591 11.82 4.84 5.26
N MET A 592 10.79 5.61 5.61
CA MET A 592 10.86 7.06 5.60
C MET A 592 11.05 7.59 7.01
N GLN A 593 12.20 8.20 7.25
CA GLN A 593 12.59 8.62 8.59
C GLN A 593 13.43 9.89 8.53
N TYR A 594 13.19 10.82 9.46
CA TYR A 594 14.10 11.93 9.63
C TYR A 594 14.74 11.81 11.01
N HIS A 595 15.91 12.42 11.16
CA HIS A 595 16.68 12.25 12.37
C HIS A 595 17.66 13.42 12.52
N SER A 596 18.13 13.65 13.75
CA SER A 596 19.08 14.71 13.98
C SER A 596 20.08 14.33 15.06
N GLU A 597 21.33 14.75 14.88
CA GLU A 597 22.40 14.38 15.79
C GLU A 597 22.39 15.22 17.07
N PHE A 598 22.97 14.67 18.14
CA PHE A 598 23.22 15.40 19.36
C PHE A 598 23.99 16.70 19.11
N ASN A 599 23.39 17.82 19.52
CA ASN A 599 23.98 19.17 19.45
C ASN A 599 24.55 19.78 20.75
N HIS A 600 24.64 19.01 21.83
CA HIS A 600 25.00 19.53 23.16
C HIS A 600 23.95 20.46 23.75
N HIS A 601 22.73 20.31 23.30
CA HIS A 601 21.62 21.13 23.70
C HIS A 601 21.85 22.61 23.58
N GLN A 602 22.53 23.02 22.54
CA GLN A 602 22.73 24.41 22.29
C GLN A 602 21.53 24.92 21.55
N LEU A 603 21.38 26.22 21.51
CA LEU A 603 20.38 26.88 20.70
C LEU A 603 21.15 27.63 19.66
N PRO A 604 20.68 27.76 18.44
CA PRO A 604 19.42 27.21 17.95
C PRO A 604 19.44 25.69 17.77
N LEU A 605 18.25 25.11 17.68
CA LEU A 605 18.10 23.67 17.50
C LEU A 605 18.57 23.20 16.12
N ARG A 606 19.10 21.99 16.10
CA ARG A 606 19.47 21.28 14.88
C ARG A 606 18.44 20.26 14.41
N ASP A 607 17.25 20.27 15.01
CA ASP A 607 16.17 19.36 14.63
C ASP A 607 15.94 19.33 13.12
N ARG A 608 15.69 18.13 12.62
CA ARG A 608 15.33 17.89 11.23
C ARG A 608 13.81 17.83 11.01
N THR A 609 13.03 18.16 12.04
CA THR A 609 11.59 18.30 11.84
C THR A 609 11.26 19.28 10.73
N PRO A 610 10.16 19.04 10.01
CA PRO A 610 9.73 19.91 8.91
C PRO A 610 9.59 21.36 9.34
N TRP A 611 9.00 21.59 10.50
CA TRP A 611 8.76 22.96 10.93
C TRP A 611 10.03 23.65 11.38
N HIS A 612 10.98 22.91 11.92
CA HIS A 612 12.23 23.57 12.31
C HIS A 612 13.06 23.89 11.08
N VAL A 613 12.99 23.04 10.07
CA VAL A 613 13.67 23.30 8.81
C VAL A 613 13.09 24.56 8.16
N ALA A 614 11.75 24.67 8.19
CA ALA A 614 11.07 25.83 7.64
C ALA A 614 11.48 27.08 8.42
N GLU A 615 11.50 26.97 9.73
CA GLU A 615 11.92 28.06 10.61
C GLU A 615 13.36 28.51 10.34
N THR A 616 14.24 27.55 10.13
CA THR A 616 15.65 27.86 9.95
C THR A 616 15.90 28.50 8.58
N THR A 617 15.27 27.93 7.55
CA THR A 617 15.46 28.41 6.19
C THR A 617 14.60 29.61 5.85
N GLY A 618 13.52 29.82 6.61
CA GLY A 618 12.57 30.86 6.31
C GLY A 618 11.71 30.53 5.10
N ASP A 619 11.73 29.27 4.68
CA ASP A 619 11.04 28.83 3.48
C ASP A 619 9.64 28.30 3.81
N ASP A 620 8.60 28.96 3.29
CA ASP A 620 7.23 28.63 3.67
C ASP A 620 6.67 27.48 2.85
N ARG A 621 7.46 26.92 1.95
CA ARG A 621 7.05 25.72 1.22
C ARG A 621 7.30 24.40 1.97
N VAL A 622 8.18 24.43 2.96
CA VAL A 622 8.69 23.18 3.55
C VAL A 622 7.62 22.36 4.26
N VAL A 623 6.89 22.99 5.17
CA VAL A 623 5.81 22.30 5.88
C VAL A 623 4.67 21.82 4.96
N PRO A 624 4.13 22.70 4.09
CA PRO A 624 3.05 22.20 3.23
C PRO A 624 3.49 21.08 2.29
N LEU A 625 4.68 21.18 1.71
CA LEU A 625 5.16 20.15 0.79
C LEU A 625 5.51 18.86 1.53
N PHE A 626 6.15 18.97 2.70
CA PHE A 626 6.43 17.78 3.48
C PHE A 626 5.14 17.07 3.88
N ARG A 627 4.14 17.87 4.25
CA ARG A 627 2.83 17.33 4.61
C ARG A 627 2.25 16.49 3.47
N ARG A 628 2.34 17.01 2.25
CA ARG A 628 1.87 16.29 1.08
C ARG A 628 2.59 14.96 0.90
N PHE A 629 3.91 14.97 1.04
CA PHE A 629 4.69 13.75 0.90
C PHE A 629 4.30 12.76 1.97
N ALA A 630 4.18 13.24 3.20
CA ALA A 630 3.80 12.39 4.33
C ALA A 630 2.37 11.87 4.18
N THR A 631 1.51 12.68 3.59
CA THR A 631 0.11 12.30 3.40
C THR A 631 -0.03 11.25 2.31
N LEU A 632 0.70 11.46 1.21
CA LEU A 632 0.76 10.49 0.14
C LEU A 632 1.35 9.17 0.65
N ARG A 633 2.35 9.29 1.52
CA ARG A 633 2.99 8.14 2.13
C ARG A 633 1.99 7.24 2.84
N GLU A 634 1.12 7.85 3.65
CA GLU A 634 0.07 7.11 4.36
C GLU A 634 -0.81 6.32 3.38
N SER A 635 -1.09 6.91 2.24
CA SER A 635 -1.90 6.27 1.21
C SER A 635 -1.18 5.09 0.56
N LEU A 636 0.14 5.08 0.66
CA LEU A 636 0.95 4.05 0.02
C LEU A 636 1.15 2.80 0.88
N VAL A 637 0.77 2.88 2.14
CA VAL A 637 1.02 1.79 3.07
C VAL A 637 0.43 0.44 2.62
N PRO A 638 -0.83 0.41 2.15
CA PRO A 638 -1.33 -0.89 1.65
C PRO A 638 -0.54 -1.45 0.46
N TYR A 639 -0.10 -0.59 -0.45
CA TYR A 639 0.72 -1.01 -1.57
C TYR A 639 2.08 -1.55 -1.09
N LEU A 640 2.75 -0.77 -0.24
CA LEU A 640 4.04 -1.15 0.29
C LEU A 640 3.97 -2.47 1.03
N THR A 641 2.88 -2.66 1.78
CA THR A 641 2.65 -3.88 2.52
C THR A 641 2.56 -5.10 1.60
N GLU A 642 1.79 -4.96 0.52
CA GLU A 642 1.61 -6.06 -0.42
C GLU A 642 2.91 -6.35 -1.16
N GLN A 643 3.59 -5.28 -1.57
CA GLN A 643 4.85 -5.42 -2.28
C GLN A 643 5.94 -6.02 -1.39
N ALA A 644 5.90 -5.70 -0.10
CA ALA A 644 6.87 -6.28 0.84
C ALA A 644 6.65 -7.78 0.95
N ALA A 645 5.38 -8.18 0.97
CA ALA A 645 5.04 -9.59 1.05
C ALA A 645 5.48 -10.34 -0.19
N ARG A 646 5.37 -9.71 -1.35
CA ARG A 646 5.81 -10.31 -2.60
C ARG A 646 7.33 -10.43 -2.60
N THR A 647 8.00 -9.38 -2.13
CA THR A 647 9.45 -9.37 -2.02
C THR A 647 9.94 -10.51 -1.14
N ILE A 648 9.26 -10.75 -0.03
CA ILE A 648 9.64 -11.82 0.88
C ILE A 648 9.30 -13.19 0.29
N ALA A 649 8.24 -13.26 -0.50
CA ALA A 649 7.88 -14.53 -1.14
C ALA A 649 8.70 -14.82 -2.40
N THR A 650 8.88 -13.82 -3.26
CA THR A 650 9.63 -14.01 -4.51
C THR A 650 11.11 -13.62 -4.50
N ASP A 651 11.56 -12.93 -3.45
CA ASP A 651 12.94 -12.40 -3.36
C ASP A 651 13.24 -11.28 -4.37
N ARG A 652 12.30 -10.96 -5.26
CA ARG A 652 12.40 -9.74 -6.07
C ARG A 652 12.31 -8.52 -5.14
N PRO A 653 13.38 -7.70 -5.10
CA PRO A 653 13.54 -6.65 -4.09
C PRO A 653 12.45 -5.60 -4.04
N LEU A 654 12.30 -4.98 -2.87
CA LEU A 654 11.36 -3.88 -2.68
C LEU A 654 11.91 -2.58 -3.25
N MET A 655 13.16 -2.26 -2.92
CA MET A 655 13.79 -1.12 -3.56
C MET A 655 14.69 -1.74 -4.61
N ARG A 656 14.27 -1.64 -5.87
CA ARG A 656 14.72 -2.59 -6.88
C ARG A 656 15.48 -1.97 -8.03
N PRO A 657 16.80 -2.23 -8.09
CA PRO A 657 17.58 -1.83 -9.28
C PRO A 657 16.97 -2.44 -10.54
N LEU A 658 17.08 -1.77 -11.66
CA LEU A 658 16.37 -2.21 -12.87
C LEU A 658 16.89 -3.53 -13.43
N PHE A 659 18.09 -3.94 -13.06
CA PHE A 659 18.66 -5.14 -13.65
C PHE A 659 17.92 -6.40 -13.22
N PHE A 660 17.08 -6.29 -12.20
CA PHE A 660 16.35 -7.46 -11.73
C PHE A 660 15.30 -7.92 -12.75
N ASP A 661 14.45 -6.99 -13.17
CA ASP A 661 13.47 -7.28 -14.22
C ASP A 661 14.03 -7.15 -15.64
N HIS A 662 14.89 -6.15 -15.83
CA HIS A 662 15.41 -5.69 -17.11
C HIS A 662 16.80 -6.15 -17.60
N GLU A 663 17.41 -7.16 -16.97
CA GLU A 663 18.85 -7.41 -17.02
C GLU A 663 19.52 -7.32 -18.40
N ASN A 664 18.82 -7.70 -19.46
CA ASN A 664 19.38 -7.64 -20.80
C ASN A 664 19.39 -6.25 -21.41
N ASP A 665 18.78 -5.29 -20.74
CA ASP A 665 18.75 -3.91 -21.23
C ASP A 665 20.00 -3.18 -20.75
N PRO A 666 20.89 -2.84 -21.69
CA PRO A 666 22.17 -2.19 -21.39
C PRO A 666 22.03 -0.75 -20.92
N GLU A 667 20.97 -0.08 -21.33
CA GLU A 667 20.82 1.34 -21.04
C GLU A 667 20.60 1.62 -19.54
N ILE A 668 20.11 0.62 -18.82
CA ILE A 668 19.78 0.79 -17.40
C ILE A 668 20.98 1.24 -16.56
N TRP A 669 22.18 0.87 -16.99
CA TRP A 669 23.38 1.13 -16.19
C TRP A 669 23.82 2.58 -16.26
N ASN A 670 23.19 3.35 -17.14
CA ASN A 670 23.47 4.76 -17.24
C ASN A 670 22.56 5.58 -16.31
N HIS A 671 21.66 4.89 -15.63
CA HIS A 671 20.77 5.55 -14.67
C HIS A 671 20.70 4.77 -13.37
N PRO A 672 21.83 4.73 -12.64
CA PRO A 672 22.02 3.89 -11.45
C PRO A 672 21.20 4.35 -10.24
N TYR A 673 20.69 5.56 -10.25
CA TYR A 673 19.92 6.06 -9.11
C TYR A 673 18.42 5.83 -9.23
N GLN A 674 17.97 5.32 -10.38
CA GLN A 674 16.57 4.94 -10.57
C GLN A 674 16.32 3.59 -9.94
N TYR A 675 15.08 3.35 -9.55
CA TYR A 675 14.68 2.03 -9.08
C TYR A 675 13.20 1.80 -9.20
N LEU A 676 12.81 0.53 -9.13
CA LEU A 676 11.41 0.17 -9.01
C LEU A 676 11.06 0.01 -7.53
N LEU A 677 9.99 0.67 -7.09
CA LEU A 677 9.47 0.41 -5.76
C LEU A 677 8.38 -0.63 -5.91
N GLY A 678 8.64 -1.84 -5.44
CA GLY A 678 7.79 -2.96 -5.76
C GLY A 678 7.76 -3.21 -7.27
N ASP A 679 6.75 -3.95 -7.73
CA ASP A 679 6.62 -4.24 -9.15
C ASP A 679 6.19 -3.03 -9.97
N GLU A 680 5.29 -2.22 -9.43
CA GLU A 680 4.53 -1.28 -10.25
C GLU A 680 5.06 0.14 -10.41
N LEU A 681 6.03 0.56 -9.62
CA LEU A 681 6.41 1.98 -9.62
C LEU A 681 7.89 2.21 -9.87
N LEU A 682 8.20 3.12 -10.79
CA LEU A 682 9.58 3.50 -11.06
C LEU A 682 9.85 4.89 -10.51
N ILE A 683 10.94 5.00 -9.75
CA ILE A 683 11.25 6.22 -9.01
C ILE A 683 12.55 6.83 -9.51
N ASN A 684 12.59 8.16 -9.61
CA ASN A 684 13.81 8.83 -10.05
C ASN A 684 14.11 10.07 -9.22
N PRO A 685 14.77 9.88 -8.06
CA PRO A 685 15.09 10.95 -7.12
C PRO A 685 15.79 12.12 -7.78
N VAL A 686 15.49 13.35 -7.36
CA VAL A 686 16.20 14.48 -7.92
C VAL A 686 17.39 14.76 -7.02
N LEU A 687 18.56 14.43 -7.56
CA LEU A 687 19.80 14.36 -6.79
C LEU A 687 20.72 15.57 -6.89
N GLU A 688 20.29 16.61 -7.60
CA GLU A 688 21.14 17.80 -7.76
C GLU A 688 20.40 19.07 -7.42
N PRO A 689 21.11 20.05 -6.83
CA PRO A 689 20.53 21.37 -6.56
C PRO A 689 20.29 22.17 -7.83
N GLY A 690 19.19 22.91 -7.89
CA GLY A 690 18.94 23.81 -8.99
C GLY A 690 18.26 23.21 -10.21
N ALA A 691 17.90 21.94 -10.16
CA ALA A 691 17.30 21.29 -11.32
C ALA A 691 15.83 21.67 -11.52
N THR A 692 15.51 22.24 -12.67
CA THR A 692 14.11 22.51 -13.04
C THR A 692 13.47 21.42 -13.91
N THR A 693 14.28 20.52 -14.44
CA THR A 693 13.79 19.43 -15.27
C THR A 693 14.59 18.20 -14.92
N TRP A 694 14.03 17.02 -15.19
CA TRP A 694 14.72 15.79 -14.84
C TRP A 694 14.38 14.73 -15.86
N THR A 695 15.36 13.91 -16.21
CA THR A 695 15.16 12.92 -17.24
C THR A 695 15.18 11.51 -16.66
N THR A 696 14.21 10.70 -17.08
CA THR A 696 14.04 9.35 -16.58
C THR A 696 14.07 8.34 -17.71
N TYR A 697 14.83 7.25 -17.54
CA TYR A 697 14.80 6.21 -18.54
C TYR A 697 13.79 5.14 -18.20
N LEU A 698 12.75 5.04 -19.02
CA LEU A 698 11.73 4.03 -18.83
C LEU A 698 12.00 2.82 -19.72
N PRO A 699 12.26 1.67 -19.09
CA PRO A 699 12.55 0.42 -19.78
C PRO A 699 11.32 -0.12 -20.51
N ALA A 700 11.43 -1.31 -21.07
CA ALA A 700 10.34 -1.91 -21.84
C ALA A 700 9.06 -1.99 -21.02
N GLY A 701 7.99 -1.45 -21.58
CA GLY A 701 6.67 -1.56 -20.98
C GLY A 701 5.82 -0.35 -21.30
N GLU A 702 4.64 -0.29 -20.71
CA GLU A 702 3.76 0.87 -20.86
C GLU A 702 3.72 1.65 -19.57
N TRP A 703 3.95 2.95 -19.65
CA TRP A 703 4.11 3.76 -18.45
C TRP A 703 3.10 4.89 -18.34
N ILE A 704 2.88 5.32 -17.11
CA ILE A 704 1.99 6.44 -16.82
C ILE A 704 2.63 7.37 -15.81
N ASP A 705 2.69 8.66 -16.15
CA ASP A 705 3.16 9.67 -15.22
C ASP A 705 2.11 9.78 -14.12
N VAL A 706 2.50 9.56 -12.87
CA VAL A 706 1.51 9.47 -11.80
C VAL A 706 0.94 10.83 -11.45
N TRP A 707 1.69 11.87 -11.76
CA TRP A 707 1.27 13.22 -11.42
C TRP A 707 0.22 13.75 -12.40
N THR A 708 0.41 13.51 -13.69
CA THR A 708 -0.60 13.90 -14.68
C THR A 708 -1.61 12.81 -15.06
N GLY A 709 -1.35 11.57 -14.67
CA GLY A 709 -2.13 10.45 -15.16
C GLY A 709 -1.99 10.17 -16.65
N ASP A 710 -1.10 10.89 -17.33
CA ASP A 710 -0.91 10.70 -18.77
C ASP A 710 -0.16 9.42 -19.09
N ARG A 711 -0.37 8.89 -20.30
CA ARG A 711 0.45 7.79 -20.81
C ARG A 711 1.80 8.36 -21.24
N VAL A 712 2.86 7.57 -21.08
CA VAL A 712 4.19 7.99 -21.49
C VAL A 712 4.87 6.82 -22.19
N PRO A 713 5.62 7.10 -23.28
CA PRO A 713 6.34 6.05 -23.99
C PRO A 713 7.63 5.61 -23.31
N SER A 714 8.10 4.40 -23.64
CA SER A 714 9.37 3.90 -23.15
C SER A 714 10.52 4.75 -23.69
N GLY A 715 11.65 4.69 -23.01
CA GLY A 715 12.81 5.47 -23.39
C GLY A 715 12.99 6.66 -22.47
N LEU A 716 13.87 7.58 -22.85
CA LEU A 716 14.12 8.77 -22.04
C LEU A 716 12.89 9.66 -22.00
N VAL A 717 12.50 10.06 -20.80
CA VAL A 717 11.38 10.96 -20.61
C VAL A 717 11.80 12.12 -19.72
N THR A 718 11.54 13.34 -20.18
CA THR A 718 11.85 14.53 -19.39
C THR A 718 10.56 15.20 -18.92
N ARG A 719 10.54 15.62 -17.66
CA ARG A 719 9.41 16.37 -17.13
C ARG A 719 9.90 17.42 -16.14
N ASP A 720 9.05 18.41 -15.86
CA ASP A 720 9.39 19.45 -14.91
C ASP A 720 9.48 18.92 -13.48
N VAL A 721 10.43 19.43 -12.71
CA VAL A 721 10.53 19.05 -11.31
C VAL A 721 10.52 20.25 -10.37
N PRO A 722 9.34 20.86 -10.18
CA PRO A 722 9.18 21.77 -9.04
C PRO A 722 9.26 20.95 -7.75
N LEU A 723 9.45 21.61 -6.61
CA LEU A 723 9.72 20.88 -5.37
C LEU A 723 8.60 19.93 -4.93
N GLU A 724 7.40 20.10 -5.46
CA GLU A 724 6.30 19.23 -5.06
C GLU A 724 6.30 17.94 -5.87
N VAL A 725 7.28 17.80 -6.76
CA VAL A 725 7.33 16.63 -7.63
C VAL A 725 8.67 15.91 -7.60
N VAL A 726 8.62 14.58 -7.51
CA VAL A 726 9.75 13.75 -7.89
C VAL A 726 9.22 12.82 -8.97
N PRO A 727 10.01 12.56 -10.01
CA PRO A 727 9.48 11.74 -11.11
C PRO A 727 9.15 10.32 -10.66
N VAL A 728 7.94 9.90 -10.96
CA VAL A 728 7.42 8.59 -10.58
C VAL A 728 6.53 8.09 -11.70
N TYR A 729 6.69 6.82 -12.08
CA TYR A 729 5.90 6.26 -13.17
C TYR A 729 5.30 4.94 -12.76
N CYS A 730 4.10 4.67 -13.25
CA CYS A 730 3.38 3.46 -12.90
C CYS A 730 3.15 2.59 -14.12
N ARG A 731 3.32 1.29 -13.96
CA ARG A 731 2.98 0.35 -15.02
C ARG A 731 1.50 0.54 -15.36
N ALA A 732 1.22 0.74 -16.64
CA ALA A 732 -0.11 1.14 -17.09
C ALA A 732 -1.19 0.15 -16.67
N SER A 733 -0.86 -1.12 -16.63
CA SER A 733 -1.86 -2.15 -16.35
C SER A 733 -2.34 -2.15 -14.89
N ARG A 734 -1.47 -1.74 -13.98
CA ARG A 734 -1.85 -1.63 -12.57
C ARG A 734 -2.19 -0.20 -12.13
N TRP A 735 -2.14 0.77 -13.04
CA TRP A 735 -2.39 2.18 -12.68
C TRP A 735 -3.77 2.42 -12.08
N SER A 736 -4.73 1.58 -12.43
CA SER A 736 -6.06 1.67 -11.85
C SER A 736 -6.03 1.47 -10.35
N GLU A 737 -5.11 0.63 -9.88
CA GLU A 737 -4.98 0.39 -8.46
C GLU A 737 -4.28 1.54 -7.77
N LEU A 738 -3.30 2.14 -8.43
CA LEU A 738 -2.46 3.16 -7.81
C LEU A 738 -3.02 4.57 -7.92
N GLN A 739 -3.99 4.77 -8.81
CA GLN A 739 -4.53 6.10 -9.10
C GLN A 739 -5.12 6.83 -7.88
N PRO A 740 -5.90 6.14 -7.03
CA PRO A 740 -6.41 6.81 -5.83
C PRO A 740 -5.32 7.42 -4.96
N VAL A 741 -4.19 6.73 -4.85
CA VAL A 741 -3.06 7.21 -4.06
C VAL A 741 -2.61 8.59 -4.51
N PHE A 742 -2.61 8.80 -5.83
CA PHE A 742 -2.10 10.05 -6.40
C PHE A 742 -3.16 11.10 -6.73
N SER A 743 -4.42 10.83 -6.43
CA SER A 743 -5.50 11.75 -6.81
C SER A 743 -5.62 12.92 -5.84
N MET B 21 -13.06 0.76 -46.63
CA MET B 21 -14.40 0.63 -46.08
C MET B 21 -14.65 1.72 -45.03
N ILE B 22 -15.83 2.35 -45.10
CA ILE B 22 -16.18 3.41 -44.16
C ILE B 22 -17.27 2.96 -43.21
N LYS B 23 -17.25 3.49 -41.99
CA LYS B 23 -18.33 3.29 -41.05
C LYS B 23 -18.68 4.60 -40.34
N HIS B 24 -19.94 4.99 -40.43
CA HIS B 24 -20.45 6.13 -39.68
C HIS B 24 -21.81 5.81 -39.07
N ARG B 25 -21.89 5.81 -37.74
CA ARG B 25 -23.14 5.68 -37.02
C ARG B 25 -23.40 6.94 -36.22
N PRO B 26 -24.36 7.77 -36.66
CA PRO B 26 -24.61 9.09 -36.06
C PRO B 26 -24.75 9.07 -34.53
N HIS B 27 -25.33 8.00 -33.98
CA HIS B 27 -25.48 7.90 -32.52
C HIS B 27 -24.27 7.23 -31.87
N GLY B 28 -23.42 6.63 -32.68
CA GLY B 28 -22.27 5.93 -32.16
C GLY B 28 -22.63 4.75 -31.27
N ILE B 29 -21.70 4.37 -30.40
CA ILE B 29 -21.86 3.21 -29.53
C ILE B 29 -22.94 3.48 -28.47
N GLU B 30 -23.27 4.76 -28.28
CA GLU B 30 -24.30 5.23 -27.36
C GLU B 30 -23.99 4.90 -25.91
N HIS B 31 -22.72 4.96 -25.58
CA HIS B 31 -22.25 5.12 -24.21
C HIS B 31 -22.86 6.43 -23.71
N PRO B 32 -23.58 6.39 -22.58
CA PRO B 32 -24.32 7.56 -22.12
C PRO B 32 -23.45 8.78 -21.77
N TYR B 33 -22.24 8.54 -21.26
CA TYR B 33 -21.34 9.65 -20.96
C TYR B 33 -20.19 9.90 -21.95
N ALA B 34 -20.12 9.13 -23.03
CA ALA B 34 -18.98 9.25 -23.94
C ALA B 34 -19.37 9.13 -25.42
N VAL B 35 -18.53 9.66 -26.31
CA VAL B 35 -18.76 9.57 -27.74
C VAL B 35 -17.73 8.70 -28.45
N SER B 36 -18.19 7.91 -29.41
CA SER B 36 -17.33 7.04 -30.21
C SER B 36 -16.84 7.76 -31.48
N PRO B 37 -15.72 7.30 -32.06
CA PRO B 37 -15.12 7.98 -33.22
C PRO B 37 -15.95 7.93 -34.51
N ASP B 38 -16.96 7.08 -34.55
CA ASP B 38 -17.75 6.88 -35.76
C ASP B 38 -19.02 7.73 -35.82
N GLN B 39 -19.22 8.62 -34.86
CA GLN B 39 -20.51 9.29 -34.72
C GLN B 39 -20.52 10.78 -34.96
N ARG B 40 -21.71 11.36 -34.78
CA ARG B 40 -21.92 12.80 -34.89
C ARG B 40 -22.02 13.44 -33.51
N VAL B 41 -21.20 14.45 -33.25
CA VAL B 41 -21.20 15.14 -31.97
C VAL B 41 -21.53 16.63 -32.11
N PRO B 42 -22.64 17.08 -31.51
CA PRO B 42 -23.66 16.27 -30.84
C PRO B 42 -24.60 15.62 -31.85
N VAL B 43 -25.26 14.54 -31.46
CA VAL B 43 -26.21 13.88 -32.36
C VAL B 43 -27.36 14.82 -32.70
N LEU B 44 -27.74 15.66 -31.73
CA LEU B 44 -28.81 16.63 -31.93
C LEU B 44 -28.29 18.06 -31.70
N PRO B 45 -27.72 18.66 -32.75
CA PRO B 45 -27.17 20.02 -32.69
C PRO B 45 -28.22 21.10 -32.52
N LEU B 46 -27.88 22.16 -31.79
CA LEU B 46 -28.73 23.34 -31.72
C LEU B 46 -28.52 24.17 -32.98
N ALA B 47 -29.56 24.87 -33.38
CA ALA B 47 -29.47 25.78 -34.52
C ALA B 47 -28.41 26.85 -34.25
N GLY B 48 -27.46 26.99 -35.17
CA GLY B 48 -26.44 28.01 -35.03
C GLY B 48 -25.13 27.50 -34.48
N GLU B 49 -25.04 26.20 -34.21
CA GLU B 49 -23.79 25.62 -33.74
C GLU B 49 -23.31 24.54 -34.71
N PRO B 50 -21.99 24.42 -34.84
CA PRO B 50 -21.43 23.39 -35.74
C PRO B 50 -21.62 21.99 -35.19
N VAL B 51 -21.23 20.99 -35.96
CA VAL B 51 -21.26 19.61 -35.50
C VAL B 51 -19.96 18.94 -35.88
N LEU B 52 -19.55 17.96 -35.09
CA LEU B 52 -18.31 17.23 -35.35
C LEU B 52 -18.62 15.85 -35.92
N LEU B 53 -18.14 15.59 -37.12
CA LEU B 53 -18.42 14.34 -37.81
C LEU B 53 -17.24 13.39 -37.78
N GLY B 54 -17.37 12.30 -37.02
CA GLY B 54 -16.34 11.29 -36.99
C GLY B 54 -16.64 10.14 -37.94
N VAL B 55 -15.59 9.45 -38.36
CA VAL B 55 -15.73 8.31 -39.25
C VAL B 55 -14.59 7.31 -39.00
N VAL B 56 -14.89 6.02 -39.10
CA VAL B 56 -13.85 5.01 -38.98
C VAL B 56 -13.52 4.42 -40.35
N ALA B 57 -12.34 4.79 -40.86
CA ALA B 57 -11.88 4.32 -42.15
C ALA B 57 -10.38 4.04 -42.11
N PRO B 58 -10.00 2.86 -41.61
CA PRO B 58 -8.59 2.51 -41.36
C PRO B 58 -7.74 2.40 -42.64
N GLU B 59 -8.34 1.98 -43.74
CA GLU B 59 -7.59 1.69 -44.95
C GLU B 59 -7.57 2.82 -45.98
N ALA B 60 -8.30 3.90 -45.73
CA ALA B 60 -8.40 4.98 -46.72
C ALA B 60 -7.34 6.06 -46.49
N ASP B 61 -6.79 6.60 -47.58
CA ASP B 61 -5.78 7.64 -47.46
C ASP B 61 -6.33 9.07 -47.51
N ARG B 62 -7.60 9.19 -47.90
CA ARG B 62 -8.27 10.49 -47.81
C ARG B 62 -9.78 10.29 -47.67
N VAL B 63 -10.42 11.17 -46.91
CA VAL B 63 -11.86 11.09 -46.69
C VAL B 63 -12.50 12.48 -46.76
N VAL B 64 -13.58 12.58 -47.53
CA VAL B 64 -14.29 13.84 -47.68
C VAL B 64 -15.77 13.64 -47.38
N CYS B 65 -16.40 14.65 -46.79
CA CYS B 65 -17.83 14.61 -46.51
C CYS B 65 -18.60 15.49 -47.48
N GLU B 66 -19.70 14.99 -48.00
CA GLU B 66 -20.56 15.81 -48.83
C GLU B 66 -21.62 16.42 -47.92
N TRP B 67 -21.50 17.72 -47.67
CA TRP B 67 -22.36 18.37 -46.70
C TRP B 67 -23.21 19.45 -47.35
N GLY B 68 -24.51 19.17 -47.54
CA GLY B 68 -25.41 20.14 -48.13
C GLY B 68 -24.87 20.75 -49.42
N THR B 69 -24.49 19.89 -50.36
CA THR B 69 -23.87 20.30 -51.62
C THR B 69 -22.54 21.01 -51.40
N LEU B 70 -21.80 20.59 -50.39
CA LEU B 70 -20.45 21.08 -50.14
C LEU B 70 -19.50 19.89 -50.02
N GLU B 71 -18.20 20.16 -50.09
CA GLU B 71 -17.22 19.13 -49.81
C GLU B 71 -16.36 19.52 -48.62
N LEU B 72 -16.34 18.66 -47.61
CA LEU B 72 -15.58 18.91 -46.39
C LEU B 72 -14.45 17.92 -46.24
N PRO B 73 -13.21 18.42 -46.27
CA PRO B 73 -12.05 17.53 -46.13
C PRO B 73 -11.92 17.02 -44.69
N LEU B 74 -11.60 15.74 -44.53
CA LEU B 74 -11.44 15.17 -43.20
C LEU B 74 -9.99 14.87 -42.87
N SER B 75 -9.49 15.53 -41.82
CA SER B 75 -8.17 15.20 -41.28
C SER B 75 -8.25 13.88 -40.53
N ALA B 76 -7.11 13.24 -40.29
CA ALA B 76 -7.11 12.00 -39.55
C ALA B 76 -6.98 12.32 -38.07
N THR B 77 -8.05 12.06 -37.32
CA THR B 77 -8.10 12.35 -35.90
C THR B 77 -9.13 11.45 -35.24
N SER B 78 -9.03 11.28 -33.93
CA SER B 78 -9.99 10.46 -33.20
C SER B 78 -10.77 11.29 -32.18
N ALA B 79 -12.09 11.20 -32.23
CA ALA B 79 -12.94 11.92 -31.28
C ALA B 79 -13.88 10.98 -30.53
N ALA B 80 -13.91 11.11 -29.21
CA ALA B 80 -13.03 12.03 -28.50
C ALA B 80 -11.82 11.28 -28.02
N ALA B 81 -10.63 11.84 -28.25
CA ALA B 81 -9.37 11.20 -27.95
C ALA B 81 -9.32 10.63 -26.53
N ALA B 82 -9.86 11.39 -25.58
CA ALA B 82 -9.91 10.94 -24.20
C ALA B 82 -11.03 9.91 -23.98
N ASP B 83 -12.14 10.08 -24.69
CA ASP B 83 -13.31 9.22 -24.51
C ASP B 83 -13.07 7.75 -24.84
N ALA B 84 -11.99 7.47 -25.57
CA ALA B 84 -11.64 6.08 -25.90
C ALA B 84 -11.39 5.27 -24.64
N ALA B 85 -10.80 5.92 -23.64
CA ALA B 85 -10.59 5.30 -22.34
C ALA B 85 -11.94 5.03 -21.66
N ALA B 86 -12.86 5.97 -21.78
CA ALA B 86 -14.19 5.84 -21.19
C ALA B 86 -14.96 4.69 -21.82
N LEU B 87 -14.82 4.52 -23.14
CA LEU B 87 -15.49 3.43 -23.86
C LEU B 87 -14.93 2.08 -23.44
N ALA B 88 -13.72 2.10 -22.87
CA ALA B 88 -13.02 0.90 -22.46
C ALA B 88 -13.38 0.50 -21.03
N GLY B 89 -14.33 1.22 -20.44
CA GLY B 89 -14.77 0.93 -19.09
C GLY B 89 -14.36 1.93 -18.02
N GLY B 90 -13.82 3.07 -18.45
CA GLY B 90 -13.42 4.12 -17.52
C GLY B 90 -11.93 4.08 -17.29
N GLU B 91 -11.44 4.97 -16.44
CA GLU B 91 -10.01 5.01 -16.16
C GLU B 91 -9.64 3.96 -15.10
N GLY B 92 -10.65 3.25 -14.63
CA GLY B 92 -10.44 2.06 -13.82
C GLY B 92 -10.12 0.85 -14.69
N HIS B 93 -10.74 0.76 -15.86
CA HIS B 93 -10.49 -0.39 -16.74
C HIS B 93 -9.52 -0.15 -17.90
N LEU B 94 -9.08 1.09 -18.10
CA LEU B 94 -8.03 1.37 -19.10
C LEU B 94 -7.33 2.70 -18.79
N SER B 95 -6.18 2.90 -19.44
CA SER B 95 -5.24 3.99 -19.16
C SER B 95 -4.64 3.76 -17.78
N ASP B 105 -8.62 5.79 -33.35
CA ASP B 105 -7.58 4.90 -33.88
C ASP B 105 -7.39 5.13 -35.38
N GLY B 106 -8.19 4.44 -36.19
CA GLY B 106 -8.19 4.63 -37.63
C GLY B 106 -9.22 5.67 -38.01
N ALA B 107 -9.58 6.51 -37.05
CA ALA B 107 -10.66 7.47 -37.21
C ALA B 107 -10.29 8.68 -38.07
N TRP B 108 -11.33 9.35 -38.56
CA TRP B 108 -11.20 10.62 -39.25
C TRP B 108 -12.23 11.59 -38.68
N SER B 109 -12.03 12.88 -38.88
CA SER B 109 -13.08 13.84 -38.50
C SER B 109 -13.01 15.19 -39.20
N VAL B 110 -14.05 15.99 -38.98
CA VAL B 110 -14.11 17.37 -39.45
C VAL B 110 -15.08 18.16 -38.57
N GLN B 111 -14.82 19.45 -38.39
CA GLN B 111 -15.83 20.32 -37.79
C GLN B 111 -16.61 20.98 -38.91
N THR B 112 -17.90 20.66 -38.99
CA THR B 112 -18.77 21.19 -40.02
C THR B 112 -19.09 22.67 -39.75
N PRO B 113 -19.53 23.42 -40.77
CA PRO B 113 -19.98 24.79 -40.52
C PRO B 113 -21.25 24.82 -39.67
N PRO B 114 -21.55 25.96 -39.03
CA PRO B 114 -22.75 26.09 -38.19
C PRO B 114 -24.02 25.63 -38.90
N LEU B 115 -24.82 24.80 -38.23
CA LEU B 115 -26.01 24.26 -38.85
C LEU B 115 -27.22 25.13 -38.53
N ALA B 116 -27.67 25.91 -39.51
CA ALA B 116 -28.86 26.74 -39.34
C ALA B 116 -30.09 26.12 -40.01
N GLU B 117 -29.87 25.05 -40.75
CA GLU B 117 -30.93 24.40 -41.51
C GLU B 117 -30.66 22.90 -41.61
N PRO B 118 -31.71 22.09 -41.80
CA PRO B 118 -31.51 20.64 -41.98
C PRO B 118 -30.56 20.34 -43.13
N VAL B 119 -29.69 19.35 -42.95
CA VAL B 119 -28.69 19.01 -43.96
C VAL B 119 -28.53 17.51 -44.10
N LYS B 120 -28.54 17.03 -45.33
CA LYS B 120 -28.21 15.63 -45.62
C LYS B 120 -26.74 15.53 -45.97
N TYR B 121 -26.09 14.46 -45.54
CA TYR B 121 -24.66 14.32 -45.77
C TYR B 121 -24.21 12.87 -45.96
N ARG B 122 -23.04 12.71 -46.59
CA ARG B 122 -22.38 11.41 -46.68
C ARG B 122 -20.87 11.58 -46.87
N PHE B 123 -20.17 10.46 -46.92
CA PHE B 123 -18.71 10.47 -46.97
C PHE B 123 -18.16 9.66 -48.13
N HIS B 124 -17.10 10.17 -48.75
CA HIS B 124 -16.40 9.46 -49.81
C HIS B 124 -14.97 9.20 -49.40
N ALA B 125 -14.53 7.95 -49.50
CA ALA B 125 -13.16 7.59 -49.14
C ALA B 125 -12.44 6.94 -50.32
N HIS B 126 -11.21 7.38 -50.56
CA HIS B 126 -10.42 6.84 -51.67
C HIS B 126 -9.12 6.21 -51.20
N ARG B 127 -8.94 4.93 -51.50
CA ARG B 127 -7.66 4.27 -51.30
C ARG B 127 -7.10 3.85 -52.66
N GLY B 128 -6.05 4.54 -53.10
CA GLY B 128 -5.40 4.25 -54.37
C GLY B 128 -6.35 4.20 -55.55
N GLY B 129 -7.29 5.13 -55.60
CA GLY B 129 -8.24 5.21 -56.69
C GLY B 129 -9.49 4.39 -56.43
N ALA B 130 -9.38 3.40 -55.55
CA ALA B 130 -10.54 2.62 -55.14
C ALA B 130 -11.40 3.48 -54.22
N ALA B 131 -12.71 3.44 -54.43
CA ALA B 131 -13.60 4.32 -53.68
C ALA B 131 -14.83 3.60 -53.13
N GLU B 132 -14.97 3.63 -51.81
CA GLU B 132 -16.22 3.25 -51.17
C GLU B 132 -16.83 4.51 -50.59
N SER B 133 -18.15 4.65 -50.74
CA SER B 133 -18.86 5.77 -50.12
C SER B 133 -20.02 5.25 -49.28
N THR B 134 -20.40 6.00 -48.27
CA THR B 134 -21.46 5.56 -47.37
C THR B 134 -22.84 5.98 -47.86
N GLU B 135 -23.86 5.58 -47.11
CA GLU B 135 -25.22 6.00 -47.40
C GLU B 135 -25.39 7.46 -47.00
N TRP B 136 -26.57 8.00 -47.24
CA TRP B 136 -26.86 9.36 -46.80
C TRP B 136 -27.36 9.39 -45.36
N PHE B 137 -26.94 10.41 -44.63
CA PHE B 137 -27.44 10.66 -43.28
C PHE B 137 -28.07 12.03 -43.29
N GLU B 138 -28.92 12.31 -42.32
CA GLU B 138 -29.48 13.65 -42.19
C GLU B 138 -29.44 14.09 -40.74
N VAL B 139 -29.31 15.40 -40.54
CA VAL B 139 -29.34 15.97 -39.21
C VAL B 139 -30.14 17.27 -39.22
N SER B 140 -31.06 17.39 -38.27
CA SER B 140 -31.95 18.55 -38.20
C SER B 140 -31.70 19.35 -36.93
N PRO B 141 -31.30 20.62 -37.09
CA PRO B 141 -31.05 21.51 -35.94
C PRO B 141 -32.31 21.74 -35.12
N ALA B 142 -32.14 21.95 -33.82
CA ALA B 142 -33.30 22.16 -32.94
C ALA B 142 -33.16 23.44 -32.15
N VAL B 143 -34.28 23.94 -31.64
CA VAL B 143 -34.26 25.13 -30.79
C VAL B 143 -35.23 24.98 -29.62
N TRP B 144 -34.93 25.71 -28.54
CA TRP B 144 -35.83 25.77 -27.41
C TRP B 144 -36.86 26.86 -27.67
N THR B 145 -38.13 26.53 -27.47
CA THR B 145 -39.20 27.49 -27.67
C THR B 145 -40.21 27.45 -26.55
N ALA B 146 -40.79 28.61 -26.23
CA ALA B 146 -41.81 28.70 -25.20
C ALA B 146 -43.19 28.40 -25.76
N ASP B 147 -43.23 28.10 -27.06
CA ASP B 147 -44.49 27.77 -27.72
C ASP B 147 -45.08 26.50 -27.12
N GLY B 148 -46.38 26.32 -27.29
CA GLY B 148 -47.16 25.34 -26.55
C GLY B 148 -47.15 23.96 -27.19
N VAL B 149 -46.08 23.68 -27.92
CA VAL B 149 -45.96 22.45 -28.69
C VAL B 149 -45.98 21.17 -27.85
N GLY B 150 -45.98 21.30 -26.53
CA GLY B 150 -46.10 20.15 -25.64
C GLY B 150 -46.78 20.49 -24.32
N GLU B 151 -47.01 19.48 -23.51
CA GLU B 151 -47.65 19.68 -22.20
C GLU B 151 -46.88 19.06 -21.03
N VAL B 152 -46.68 19.85 -19.98
CA VAL B 152 -46.26 19.30 -18.70
C VAL B 152 -47.48 19.16 -17.80
N ARG B 153 -47.75 17.94 -17.35
CA ARG B 153 -48.98 17.65 -16.61
C ARG B 153 -48.74 17.29 -15.15
N GLY B 154 -49.40 18.03 -14.24
CA GLY B 154 -49.46 17.63 -12.85
C GLY B 154 -48.67 18.43 -11.85
N GLY B 155 -47.83 19.35 -12.33
CA GLY B 155 -46.95 20.10 -11.45
C GLY B 155 -47.59 21.25 -10.70
N GLY B 156 -48.83 21.58 -11.06
CA GLY B 156 -49.54 22.66 -10.40
C GLY B 156 -48.86 24.01 -10.53
N GLU B 157 -48.95 24.81 -9.48
CA GLU B 157 -48.42 26.17 -9.50
C GLU B 157 -46.91 26.20 -9.28
N ARG B 158 -46.32 25.06 -8.94
CA ARG B 158 -44.88 24.99 -8.70
C ARG B 158 -44.07 25.00 -9.98
N VAL B 159 -44.74 24.75 -11.12
CA VAL B 159 -44.04 24.71 -12.40
C VAL B 159 -44.08 26.05 -13.12
N ARG B 160 -42.91 26.51 -13.55
CA ARG B 160 -42.79 27.71 -14.37
C ARG B 160 -41.83 27.44 -15.52
N GLY B 161 -41.66 28.44 -16.39
CA GLY B 161 -40.67 28.39 -17.46
C GLY B 161 -40.66 27.14 -18.33
N VAL B 162 -41.83 26.62 -18.67
CA VAL B 162 -41.92 25.45 -19.53
C VAL B 162 -41.46 25.80 -20.95
N GLU B 163 -40.61 24.95 -21.51
CA GLU B 163 -40.17 25.13 -22.89
C GLU B 163 -39.84 23.77 -23.52
N TRP B 164 -39.73 23.76 -24.85
CA TRP B 164 -39.60 22.52 -25.59
C TRP B 164 -38.50 22.58 -26.64
N LEU B 165 -37.77 21.48 -26.79
CA LEU B 165 -36.68 21.40 -27.76
C LEU B 165 -37.18 20.73 -29.03
N VAL B 166 -37.26 21.50 -30.11
CA VAL B 166 -37.94 21.04 -31.32
C VAL B 166 -37.09 21.17 -32.59
N SER B 167 -37.19 20.15 -33.44
CA SER B 167 -36.56 20.18 -34.76
C SER B 167 -37.62 19.98 -35.83
N SER B 168 -37.18 19.87 -37.08
CA SER B 168 -38.10 19.55 -38.16
C SER B 168 -38.68 18.15 -37.99
N GLN B 169 -38.00 17.32 -37.20
CA GLN B 169 -38.43 15.93 -37.00
C GLN B 169 -39.29 15.71 -35.77
N GLY B 170 -39.46 16.74 -34.95
CA GLY B 170 -40.35 16.61 -33.81
C GLY B 170 -39.97 17.36 -32.55
N VAL B 171 -40.59 16.98 -31.43
CA VAL B 171 -40.26 17.54 -30.13
C VAL B 171 -39.39 16.55 -29.37
N HIS B 172 -38.11 16.88 -29.21
CA HIS B 172 -37.14 15.97 -28.63
C HIS B 172 -37.13 15.94 -27.11
N ARG B 173 -37.20 17.11 -26.48
CA ARG B 173 -37.06 17.22 -25.04
C ARG B 173 -37.98 18.28 -24.44
N GLY B 174 -38.48 18.00 -23.24
CA GLY B 174 -39.13 19.01 -22.43
C GLY B 174 -38.19 19.61 -21.39
N ARG B 175 -38.46 20.83 -20.97
CA ARG B 175 -37.72 21.45 -19.89
C ARG B 175 -38.60 22.43 -19.11
N PHE B 176 -38.47 22.42 -17.77
CA PHE B 176 -39.28 23.29 -16.93
C PHE B 176 -38.60 23.59 -15.60
N ARG B 177 -39.09 24.62 -14.91
CA ARG B 177 -38.52 25.03 -13.64
C ARG B 177 -39.45 24.73 -12.48
N LEU B 178 -38.90 24.19 -11.40
CA LEU B 178 -39.65 23.99 -10.17
C LEU B 178 -39.22 25.02 -9.13
N GLN B 179 -40.20 25.71 -8.57
CA GLN B 179 -39.93 26.77 -7.61
C GLN B 179 -39.39 26.21 -6.31
N LEU B 180 -38.37 26.87 -5.76
CA LEU B 180 -37.77 26.47 -4.49
C LEU B 180 -37.81 27.63 -3.51
N GLN B 181 -37.61 27.33 -2.23
CA GLN B 181 -37.58 28.36 -1.21
C GLN B 181 -36.24 28.36 -0.51
N ASP B 182 -35.94 29.46 0.17
CA ASP B 182 -34.75 29.53 1.00
C ASP B 182 -34.79 28.44 2.06
N GLY B 183 -33.70 27.71 2.20
CA GLY B 183 -33.62 26.65 3.19
C GLY B 183 -33.90 25.29 2.61
N ASP B 184 -34.36 25.24 1.36
CA ASP B 184 -34.70 23.97 0.74
C ASP B 184 -33.46 23.18 0.32
N ARG B 185 -33.50 21.89 0.59
CA ARG B 185 -32.49 20.96 0.12
C ARG B 185 -33.15 20.00 -0.87
N LEU B 186 -32.37 19.45 -1.79
CA LEU B 186 -32.86 18.43 -2.70
C LEU B 186 -32.16 17.12 -2.41
N VAL B 187 -32.91 16.16 -1.88
CA VAL B 187 -32.34 14.87 -1.51
C VAL B 187 -33.12 13.77 -2.19
N GLY B 188 -32.42 12.88 -2.87
CA GLY B 188 -33.11 11.94 -3.73
C GLY B 188 -32.27 11.48 -4.90
N PHE B 189 -32.98 11.26 -6.00
CA PHE B 189 -32.43 10.93 -7.31
C PHE B 189 -31.84 9.54 -7.31
N GLY B 190 -32.38 8.69 -6.44
CA GLY B 190 -31.90 7.33 -6.31
C GLY B 190 -30.67 7.31 -5.42
N GLU B 191 -29.75 6.41 -5.72
CA GLU B 191 -28.53 6.25 -4.94
C GLU B 191 -27.43 7.17 -5.47
N ARG B 192 -27.01 8.15 -4.67
CA ARG B 192 -26.02 9.15 -5.08
C ARG B 192 -24.76 9.06 -4.23
N TYR B 193 -23.61 9.09 -4.89
CA TYR B 193 -22.35 8.96 -4.18
C TYR B 193 -21.59 10.26 -3.87
N ASP B 194 -21.96 11.37 -4.51
CA ASP B 194 -21.25 12.63 -4.25
C ASP B 194 -21.78 13.48 -3.08
N ALA B 195 -23.09 13.63 -2.96
CA ALA B 195 -23.68 14.48 -1.91
C ALA B 195 -25.10 14.08 -1.55
N LEU B 196 -25.45 14.29 -0.28
CA LEU B 196 -26.81 14.07 0.18
C LEU B 196 -27.72 15.13 -0.41
N ASP B 197 -27.35 16.39 -0.20
CA ASP B 197 -28.06 17.52 -0.79
C ASP B 197 -27.51 17.79 -2.19
N GLN B 198 -28.39 17.72 -3.19
CA GLN B 198 -27.99 17.92 -4.58
C GLN B 198 -28.24 19.35 -5.06
N ARG B 199 -28.73 20.21 -4.18
CA ARG B 199 -29.06 21.56 -4.61
C ARG B 199 -27.79 22.32 -4.98
N GLY B 200 -27.85 23.05 -6.08
CA GLY B 200 -26.70 23.80 -6.55
C GLY B 200 -25.87 23.03 -7.55
N ARG B 201 -26.22 21.78 -7.81
CA ARG B 201 -25.43 20.95 -8.70
C ARG B 201 -26.17 20.66 -9.99
N GLU B 202 -25.49 19.97 -10.90
CA GLU B 202 -26.15 19.42 -12.06
C GLU B 202 -25.82 17.94 -12.16
N LEU B 203 -26.84 17.16 -12.46
CA LEU B 203 -26.74 15.71 -12.45
C LEU B 203 -27.75 15.18 -13.44
N ASP B 204 -27.77 13.87 -13.65
CA ASP B 204 -28.80 13.31 -14.50
C ASP B 204 -29.25 11.98 -13.96
N ALA B 205 -30.25 11.38 -14.59
CA ALA B 205 -30.65 10.05 -14.17
C ALA B 205 -30.66 9.12 -15.35
N VAL B 206 -29.67 8.24 -15.38
CA VAL B 206 -29.59 7.18 -16.37
C VAL B 206 -28.76 6.06 -15.76
N VAL B 207 -29.19 4.83 -16.00
CA VAL B 207 -28.48 3.68 -15.46
C VAL B 207 -27.14 3.55 -16.18
N PHE B 208 -26.06 3.49 -15.40
CA PHE B 208 -24.73 3.36 -15.96
C PHE B 208 -23.82 2.62 -15.01
N GLU B 209 -22.92 1.83 -15.53
CA GLU B 209 -21.95 1.15 -14.70
C GLU B 209 -20.65 1.94 -14.65
N GLN B 210 -20.48 2.74 -13.61
CA GLN B 210 -19.20 3.39 -13.37
C GLN B 210 -18.29 2.52 -12.49
N TYR B 211 -17.20 2.05 -13.05
CA TYR B 211 -16.31 1.17 -12.32
C TYR B 211 -15.45 1.94 -11.36
N LYS B 212 -15.95 2.11 -10.17
CA LYS B 212 -15.24 2.75 -9.06
C LYS B 212 -15.37 4.26 -9.20
N ALA B 213 -15.06 4.97 -8.12
CA ALA B 213 -15.06 6.43 -8.14
C ALA B 213 -16.40 6.98 -8.62
N GLN B 214 -17.49 6.34 -8.22
CA GLN B 214 -18.82 6.83 -8.57
C GLN B 214 -19.06 8.26 -8.08
N GLY B 215 -18.62 8.54 -6.86
CA GLY B 215 -18.79 9.88 -6.30
C GLY B 215 -18.05 10.95 -7.07
N VAL B 216 -16.82 10.64 -7.46
CA VAL B 216 -16.00 11.56 -8.24
C VAL B 216 -16.69 11.99 -9.53
N HIS B 217 -17.23 11.02 -10.25
CA HIS B 217 -17.92 11.28 -11.51
C HIS B 217 -19.37 11.76 -11.35
N GLY B 218 -19.97 11.46 -10.20
CA GLY B 218 -21.37 11.80 -9.98
C GLY B 218 -22.29 10.97 -10.86
N ARG B 219 -22.06 9.66 -10.85
CA ARG B 219 -22.84 8.73 -11.64
C ARG B 219 -23.35 7.63 -10.72
N THR B 220 -24.30 6.83 -11.18
CA THR B 220 -24.83 5.77 -10.33
C THR B 220 -25.37 4.58 -11.10
N TYR B 221 -25.35 3.41 -10.45
CA TYR B 221 -26.01 2.23 -10.97
C TYR B 221 -27.52 2.33 -10.80
N LEU B 222 -27.96 3.12 -9.82
CA LEU B 222 -29.35 3.13 -9.42
C LEU B 222 -29.93 4.53 -9.29
N PRO B 223 -30.14 5.21 -10.43
CA PRO B 223 -30.78 6.52 -10.43
C PRO B 223 -32.30 6.42 -10.32
N MET B 224 -32.95 7.48 -9.86
CA MET B 224 -34.40 7.60 -9.95
C MET B 224 -34.72 9.05 -10.25
N PRO B 225 -35.73 9.30 -11.10
CA PRO B 225 -36.17 10.66 -11.35
C PRO B 225 -37.13 11.15 -10.26
N PHE B 226 -36.67 11.06 -9.01
CA PHE B 226 -37.46 11.43 -7.84
C PHE B 226 -36.57 12.15 -6.82
N ALA B 227 -37.13 13.12 -6.10
CA ALA B 227 -36.38 13.74 -5.02
C ALA B 227 -37.28 14.40 -3.99
N HIS B 228 -36.74 14.58 -2.78
CA HIS B 228 -37.38 15.37 -1.75
C HIS B 228 -37.02 16.83 -1.90
N VAL B 229 -37.99 17.71 -1.69
CA VAL B 229 -37.70 19.13 -1.54
C VAL B 229 -38.04 19.49 -0.11
N VAL B 230 -37.02 19.75 0.69
CA VAL B 230 -37.18 19.74 2.14
C VAL B 230 -36.36 20.82 2.82
N GLY B 231 -36.91 21.38 3.90
CA GLY B 231 -36.17 22.28 4.77
C GLY B 231 -36.58 23.74 4.81
N ALA B 232 -37.37 24.19 3.85
CA ALA B 232 -37.95 25.52 3.96
C ALA B 232 -38.90 25.52 5.17
N ASP B 233 -39.14 26.70 5.73
CA ASP B 233 -39.96 26.81 6.93
C ASP B 233 -41.31 26.11 6.77
N GLY B 234 -41.88 26.20 5.57
CA GLY B 234 -43.15 25.56 5.29
C GLY B 234 -43.03 24.05 5.22
N ASN B 235 -44.18 23.38 5.12
CA ASN B 235 -44.20 21.94 4.95
C ASN B 235 -43.52 21.55 3.65
N GLY B 236 -42.90 20.36 3.64
CA GLY B 236 -42.13 19.95 2.49
C GLY B 236 -42.93 19.21 1.43
N TRP B 237 -42.24 18.76 0.40
CA TRP B 237 -42.86 18.03 -0.68
C TRP B 237 -41.83 17.20 -1.44
N GLY B 238 -42.26 16.59 -2.54
CA GLY B 238 -41.39 15.78 -3.37
C GLY B 238 -41.99 15.63 -4.75
N PHE B 239 -41.18 15.19 -5.70
CA PHE B 239 -41.67 15.04 -7.07
C PHE B 239 -41.17 13.76 -7.72
N HIS B 240 -41.95 13.23 -8.65
CA HIS B 240 -41.52 12.10 -9.46
C HIS B 240 -41.85 12.38 -10.92
N VAL B 241 -40.81 12.48 -11.75
CA VAL B 241 -41.02 12.60 -13.19
C VAL B 241 -41.32 11.20 -13.68
N ARG B 242 -42.50 10.98 -14.26
CA ARG B 242 -42.82 9.61 -14.59
C ARG B 242 -42.34 9.33 -15.99
N THR B 243 -41.16 8.72 -16.05
CA THR B 243 -40.57 8.27 -17.30
C THR B 243 -39.46 7.30 -16.96
N SER B 244 -39.17 6.39 -17.86
CA SER B 244 -37.97 5.59 -17.74
C SER B 244 -36.88 6.14 -18.69
N ARG B 245 -37.18 7.25 -19.36
CA ARG B 245 -36.20 7.88 -20.22
C ARG B 245 -35.26 8.74 -19.42
N ARG B 246 -34.24 9.27 -20.09
CA ARG B 246 -33.21 10.04 -19.43
C ARG B 246 -33.73 11.39 -18.96
N THR B 247 -33.26 11.82 -17.79
CA THR B 247 -33.58 13.15 -17.29
C THR B 247 -32.32 13.85 -16.80
N TRP B 248 -32.33 15.16 -16.87
CA TRP B 248 -31.22 15.98 -16.40
C TRP B 248 -31.72 16.99 -15.39
N TYR B 249 -30.86 17.41 -14.48
CA TYR B 249 -31.27 18.31 -13.41
C TYR B 249 -30.21 19.34 -13.14
N SER B 250 -30.63 20.58 -12.90
CA SER B 250 -29.73 21.64 -12.47
C SER B 250 -30.50 22.64 -11.63
N SER B 251 -29.87 23.20 -10.61
CA SER B 251 -30.57 24.15 -9.75
C SER B 251 -29.73 25.36 -9.42
N ALA B 252 -30.37 26.53 -9.46
CA ALA B 252 -29.75 27.79 -9.08
C ALA B 252 -30.81 28.70 -8.50
N GLY B 253 -30.39 29.60 -7.63
CA GLY B 253 -31.30 30.54 -7.00
C GLY B 253 -32.47 29.80 -6.37
N ASN B 254 -33.67 30.27 -6.67
CA ASN B 254 -34.90 29.67 -6.16
C ASN B 254 -35.54 28.66 -7.11
N GLU B 255 -34.85 28.30 -8.19
CA GLU B 255 -35.42 27.39 -9.18
C GLU B 255 -34.62 26.10 -9.43
N LEU B 256 -35.34 24.98 -9.55
CA LEU B 256 -34.75 23.74 -10.01
C LEU B 256 -35.18 23.44 -11.44
N THR B 257 -34.22 23.22 -12.32
CA THR B 257 -34.51 22.97 -13.73
C THR B 257 -34.51 21.49 -14.03
N VAL B 258 -35.62 20.98 -14.56
CA VAL B 258 -35.72 19.59 -14.98
C VAL B 258 -35.80 19.50 -16.49
N GLU B 259 -34.97 18.65 -17.07
CA GLU B 259 -34.98 18.41 -18.50
C GLU B 259 -35.34 16.94 -18.75
N VAL B 260 -36.23 16.69 -19.70
CA VAL B 260 -36.74 15.34 -19.92
C VAL B 260 -36.65 14.93 -21.38
N ALA B 261 -36.10 13.74 -21.63
CA ALA B 261 -36.15 13.15 -22.96
C ALA B 261 -37.57 12.68 -23.25
N LEU B 262 -38.01 12.83 -24.50
CA LEU B 262 -39.38 12.52 -24.85
C LEU B 262 -39.48 11.41 -25.89
N GLY B 263 -40.65 10.80 -25.96
CA GLY B 263 -40.99 9.89 -27.04
C GLY B 263 -41.84 10.60 -28.08
N ASP B 264 -42.72 9.84 -28.73
CA ASP B 264 -43.62 10.40 -29.73
C ASP B 264 -44.51 11.49 -29.16
N GLU B 265 -44.96 11.29 -27.93
CA GLU B 265 -45.89 12.21 -27.29
C GLU B 265 -45.18 13.33 -26.54
N PRO B 266 -45.39 14.58 -26.96
CA PRO B 266 -44.82 15.75 -26.28
C PRO B 266 -45.49 16.01 -24.94
N VAL B 267 -45.47 15.01 -24.06
CA VAL B 267 -46.12 15.12 -22.76
C VAL B 267 -45.20 14.67 -21.63
N VAL B 268 -45.03 15.53 -20.64
CA VAL B 268 -44.30 15.17 -19.43
C VAL B 268 -45.26 14.99 -18.25
N ASP B 269 -45.34 13.77 -17.73
CA ASP B 269 -46.19 13.47 -16.59
C ASP B 269 -45.43 13.63 -15.27
N LEU B 270 -45.88 14.58 -14.45
CA LEU B 270 -45.17 14.94 -13.23
C LEU B 270 -46.03 14.74 -11.98
N ALA B 271 -45.62 13.82 -11.12
CA ALA B 271 -46.30 13.60 -9.85
C ALA B 271 -45.74 14.53 -8.77
N ILE B 272 -46.62 15.01 -7.90
CA ILE B 272 -46.22 15.85 -6.78
C ILE B 272 -46.78 15.27 -5.48
N TYR B 273 -45.92 15.07 -4.49
CA TYR B 273 -46.34 14.56 -3.19
C TYR B 273 -46.14 15.62 -2.12
N GLU B 274 -47.06 15.69 -1.17
CA GLU B 274 -47.01 16.71 -0.13
C GLU B 274 -46.96 16.10 1.27
N GLY B 275 -46.52 16.90 2.24
CA GLY B 275 -46.36 16.43 3.61
C GLY B 275 -44.90 16.28 4.03
N ASP B 276 -44.69 15.75 5.23
CA ASP B 276 -43.34 15.57 5.78
C ASP B 276 -42.62 14.48 4.97
N PRO B 277 -41.29 14.36 5.12
CA PRO B 277 -40.54 13.49 4.20
C PRO B 277 -41.03 12.05 4.10
N ALA B 278 -41.41 11.43 5.23
CA ALA B 278 -41.92 10.08 5.18
C ALA B 278 -43.22 10.00 4.37
N THR B 279 -44.07 11.01 4.54
CA THR B 279 -45.34 11.07 3.82
C THR B 279 -45.10 11.21 2.32
N VAL B 280 -44.18 12.09 1.97
CA VAL B 280 -43.75 12.27 0.59
C VAL B 280 -43.28 10.96 -0.02
N LEU B 281 -42.52 10.19 0.75
CA LEU B 281 -42.00 8.92 0.29
C LEU B 281 -43.13 7.90 0.12
N THR B 282 -44.10 7.93 1.02
CA THR B 282 -45.27 7.05 0.94
C THR B 282 -46.02 7.23 -0.37
N GLY B 283 -46.26 8.49 -0.75
CA GLY B 283 -46.86 8.79 -2.04
C GLY B 283 -46.06 8.23 -3.21
N PHE B 284 -44.73 8.32 -3.12
CA PHE B 284 -43.86 7.79 -4.16
C PHE B 284 -43.93 6.26 -4.21
N LEU B 285 -43.81 5.62 -3.05
CA LEU B 285 -43.74 4.17 -3.00
C LEU B 285 -45.09 3.48 -3.22
N ASP B 286 -46.19 4.16 -2.84
CA ASP B 286 -47.51 3.67 -3.19
C ASP B 286 -47.63 3.59 -4.70
N GLU B 287 -47.08 4.59 -5.39
CA GLU B 287 -47.12 4.62 -6.84
C GLU B 287 -46.18 3.62 -7.51
N VAL B 288 -44.90 3.64 -7.16
CA VAL B 288 -43.90 2.87 -7.90
C VAL B 288 -43.46 1.53 -7.27
N GLY B 289 -43.93 1.23 -6.07
CA GLY B 289 -43.51 0.01 -5.40
C GLY B 289 -42.67 0.19 -4.14
N ARG B 290 -42.68 -0.84 -3.30
CA ARG B 290 -42.19 -0.75 -1.94
C ARG B 290 -41.57 -2.08 -1.53
N ALA B 291 -40.63 -2.06 -0.59
CA ALA B 291 -40.03 -3.29 -0.11
C ALA B 291 -41.06 -4.17 0.57
N GLU B 292 -40.85 -5.48 0.45
CA GLU B 292 -41.58 -6.45 1.23
C GLU B 292 -40.61 -7.01 2.25
N GLU B 293 -41.13 -7.44 3.40
CA GLU B 293 -40.26 -7.82 4.51
C GLU B 293 -39.49 -9.10 4.22
N LEU B 294 -38.17 -9.00 4.33
CA LEU B 294 -37.27 -10.13 4.18
C LEU B 294 -37.02 -10.78 5.53
N PRO B 295 -36.63 -12.06 5.54
CA PRO B 295 -36.34 -12.76 6.80
C PRO B 295 -35.17 -12.14 7.55
N GLY B 296 -35.19 -12.25 8.87
CA GLY B 296 -34.20 -11.62 9.72
C GLY B 296 -32.75 -11.99 9.45
N TRP B 297 -32.52 -13.15 8.85
CA TRP B 297 -31.15 -13.62 8.69
C TRP B 297 -30.33 -12.72 7.78
N VAL B 298 -30.99 -11.89 6.97
CA VAL B 298 -30.25 -11.01 6.08
C VAL B 298 -29.49 -9.93 6.88
N PHE B 299 -29.82 -9.80 8.16
CA PHE B 299 -29.19 -8.81 9.03
C PHE B 299 -27.98 -9.37 9.74
N ARG B 300 -27.67 -10.64 9.51
CA ARG B 300 -26.42 -11.19 10.04
C ARG B 300 -25.28 -10.81 9.09
N LEU B 301 -24.06 -11.15 9.45
CA LEU B 301 -22.91 -10.79 8.61
C LEU B 301 -22.86 -11.59 7.31
N TRP B 302 -22.64 -10.91 6.20
CA TRP B 302 -22.44 -11.55 4.91
C TRP B 302 -20.95 -11.67 4.57
N ALA B 303 -20.46 -12.89 4.39
CA ALA B 303 -19.05 -13.11 3.99
C ALA B 303 -18.92 -13.36 2.49
N SER B 304 -17.92 -12.74 1.87
CA SER B 304 -17.73 -12.89 0.44
C SER B 304 -16.28 -12.70 0.03
N GLY B 305 -15.86 -13.40 -1.02
CA GLY B 305 -14.67 -13.02 -1.76
C GLY B 305 -14.58 -13.82 -3.05
N ASN B 306 -14.06 -13.19 -4.09
CA ASN B 306 -14.28 -13.70 -5.43
C ASN B 306 -13.44 -14.91 -5.74
N GLU B 307 -12.34 -15.04 -5.02
CA GLU B 307 -11.37 -16.08 -5.30
C GLU B 307 -11.67 -17.35 -4.53
N TRP B 308 -12.83 -17.40 -3.87
CA TRP B 308 -13.20 -18.68 -3.32
C TRP B 308 -13.94 -19.36 -4.46
N ASN B 309 -13.19 -20.11 -5.25
CA ASN B 309 -13.72 -20.74 -6.46
C ASN B 309 -13.89 -22.25 -6.38
N THR B 310 -13.63 -22.82 -5.21
CA THR B 310 -13.84 -24.26 -5.01
C THR B 310 -14.56 -24.54 -3.71
N GLN B 311 -15.13 -25.74 -3.63
CA GLN B 311 -15.78 -26.23 -2.42
C GLN B 311 -14.82 -26.27 -1.24
N GLN B 312 -13.60 -26.70 -1.52
CA GLN B 312 -12.53 -26.75 -0.52
C GLN B 312 -12.26 -25.39 0.09
N LEU B 313 -12.27 -24.36 -0.76
CA LEU B 313 -11.99 -23.00 -0.33
C LEU B 313 -13.16 -22.39 0.46
N VAL B 314 -14.36 -22.47 -0.09
CA VAL B 314 -15.55 -21.96 0.59
C VAL B 314 -15.66 -22.60 1.96
N THR B 315 -15.41 -23.91 2.03
CA THR B 315 -15.51 -24.64 3.27
C THR B 315 -14.43 -24.20 4.24
N ALA B 316 -13.24 -23.98 3.73
CA ALA B 316 -12.11 -23.54 4.57
C ALA B 316 -12.39 -22.19 5.22
N ARG B 317 -12.83 -21.23 4.42
CA ARG B 317 -13.11 -19.89 4.90
C ARG B 317 -14.21 -19.87 5.96
N MET B 318 -15.24 -20.67 5.74
CA MET B 318 -16.33 -20.73 6.71
C MET B 318 -15.85 -21.46 7.96
N ASP B 319 -15.00 -22.46 7.78
CA ASP B 319 -14.44 -23.18 8.92
C ASP B 319 -13.62 -22.23 9.79
N THR B 320 -12.94 -21.27 9.17
CA THR B 320 -12.15 -20.30 9.93
C THR B 320 -13.06 -19.36 10.73
N HIS B 321 -14.17 -18.93 10.14
CA HIS B 321 -15.17 -18.15 10.87
C HIS B 321 -15.56 -18.84 12.16
N ARG B 322 -15.80 -20.14 12.04
CA ARG B 322 -16.18 -20.96 13.19
C ARG B 322 -15.05 -21.12 14.19
N ASP B 323 -13.85 -21.43 13.70
CA ASP B 323 -12.70 -21.64 14.57
C ASP B 323 -12.37 -20.38 15.38
N LEU B 324 -12.61 -19.22 14.77
CA LEU B 324 -12.31 -17.95 15.43
C LEU B 324 -13.52 -17.37 16.15
N ALA B 325 -14.65 -18.07 16.09
CA ALA B 325 -15.89 -17.61 16.70
C ALA B 325 -16.29 -16.22 16.19
N ILE B 326 -16.18 -16.02 14.88
CA ILE B 326 -16.69 -14.81 14.26
C ILE B 326 -17.98 -15.16 13.53
N PRO B 327 -19.13 -14.75 14.09
CA PRO B 327 -20.45 -15.13 13.59
C PRO B 327 -20.69 -14.67 12.16
N VAL B 328 -21.30 -15.52 11.35
CA VAL B 328 -21.60 -15.18 9.97
C VAL B 328 -22.92 -15.83 9.58
N GLY B 329 -23.80 -15.09 8.91
CA GLY B 329 -25.10 -15.61 8.54
C GLY B 329 -25.30 -15.97 7.08
N ALA B 330 -24.41 -15.48 6.23
CA ALA B 330 -24.55 -15.73 4.80
C ALA B 330 -23.20 -15.74 4.11
N VAL B 331 -23.03 -16.62 3.15
CA VAL B 331 -21.85 -16.59 2.30
C VAL B 331 -22.28 -16.44 0.84
N VAL B 332 -21.61 -15.54 0.14
CA VAL B 332 -21.84 -15.38 -1.28
C VAL B 332 -20.74 -16.11 -2.05
N ILE B 333 -21.12 -16.94 -3.01
CA ILE B 333 -20.13 -17.60 -3.88
C ILE B 333 -20.21 -17.02 -5.29
N GLU B 334 -19.14 -16.39 -5.71
CA GLU B 334 -19.09 -15.69 -6.99
C GLU B 334 -18.58 -16.58 -8.12
N ALA B 335 -17.38 -17.14 -8.00
CA ALA B 335 -17.01 -18.08 -9.05
C ALA B 335 -17.35 -19.47 -8.55
N TRP B 336 -18.59 -19.86 -8.85
CA TRP B 336 -19.11 -21.18 -8.55
C TRP B 336 -19.33 -22.01 -9.81
N SER B 337 -19.20 -21.36 -10.96
CA SER B 337 -19.85 -21.87 -12.16
C SER B 337 -18.87 -22.20 -13.27
N ASP B 338 -19.39 -22.60 -14.42
CA ASP B 338 -18.58 -23.02 -15.55
C ASP B 338 -18.02 -21.81 -16.30
N GLU B 339 -18.40 -20.62 -15.83
CA GLU B 339 -17.95 -19.35 -16.40
C GLU B 339 -18.36 -19.20 -17.85
N GLN B 340 -19.39 -19.94 -18.26
CA GLN B 340 -19.93 -19.79 -19.60
C GLN B 340 -21.41 -19.40 -19.53
N GLY B 341 -22.27 -20.37 -19.30
CA GLY B 341 -23.66 -20.13 -19.05
C GLY B 341 -23.88 -19.35 -17.78
N ILE B 342 -23.05 -19.64 -16.78
CA ILE B 342 -23.18 -19.14 -15.44
C ILE B 342 -24.49 -19.60 -14.85
N THR B 343 -24.94 -20.77 -15.23
CA THR B 343 -26.10 -21.36 -14.61
C THR B 343 -25.83 -22.76 -14.15
N ILE B 344 -24.59 -23.17 -14.24
CA ILE B 344 -24.19 -24.54 -13.90
C ILE B 344 -22.91 -24.55 -13.06
N TRP B 345 -22.84 -25.40 -12.04
CA TRP B 345 -21.63 -25.56 -11.23
C TRP B 345 -20.42 -25.92 -12.09
N ARG B 346 -19.25 -25.39 -11.74
CA ARG B 346 -18.02 -25.70 -12.46
C ARG B 346 -17.67 -27.19 -12.37
N ASP B 347 -17.21 -27.73 -13.50
CA ASP B 347 -16.83 -29.13 -13.65
C ASP B 347 -18.00 -30.11 -13.50
N ALA B 348 -19.21 -29.64 -13.79
CA ALA B 348 -20.38 -30.50 -13.73
C ALA B 348 -20.49 -31.36 -15.00
N VAL B 349 -20.72 -32.65 -14.82
CA VAL B 349 -20.84 -33.56 -15.97
C VAL B 349 -22.29 -33.76 -16.35
N TYR B 350 -22.61 -33.46 -17.60
CA TYR B 350 -23.98 -33.52 -18.08
C TYR B 350 -24.05 -33.67 -19.59
N ALA B 351 -25.22 -34.06 -20.10
CA ALA B 351 -25.46 -34.10 -21.53
C ALA B 351 -26.12 -32.80 -22.01
N VAL B 352 -25.46 -32.09 -22.91
CA VAL B 352 -25.98 -30.84 -23.44
C VAL B 352 -27.32 -31.02 -24.15
N THR B 353 -28.30 -30.17 -23.81
CA THR B 353 -29.55 -30.13 -24.55
C THR B 353 -29.41 -29.09 -25.66
N GLU B 354 -29.39 -29.56 -26.91
CA GLU B 354 -29.07 -28.71 -28.04
C GLU B 354 -30.22 -27.78 -28.42
N ASP B 355 -31.41 -28.07 -27.91
CA ASP B 355 -32.58 -27.21 -28.14
C ASP B 355 -32.52 -25.96 -27.27
N GLY B 356 -31.56 -25.92 -26.35
CA GLY B 356 -31.39 -24.78 -25.48
C GLY B 356 -32.30 -24.83 -24.27
N SER B 357 -32.68 -26.03 -23.88
CA SER B 357 -33.64 -26.22 -22.79
C SER B 357 -32.93 -26.38 -21.46
N ALA B 358 -33.56 -25.85 -20.41
CA ALA B 358 -33.02 -25.91 -19.06
C ALA B 358 -32.82 -27.34 -18.59
N HIS B 359 -31.87 -27.56 -17.70
CA HIS B 359 -31.62 -28.89 -17.16
C HIS B 359 -32.34 -29.10 -15.86
N ARG B 360 -32.27 -30.33 -15.35
CA ARG B 360 -32.81 -30.66 -14.04
C ARG B 360 -31.65 -31.18 -13.21
N ALA B 361 -31.90 -31.47 -11.94
CA ALA B 361 -30.83 -31.84 -11.03
C ALA B 361 -30.16 -33.15 -11.41
N GLU B 362 -30.98 -34.13 -11.78
CA GLU B 362 -30.49 -35.47 -12.11
C GLU B 362 -29.60 -35.49 -13.34
N ASP B 363 -29.71 -34.46 -14.17
CA ASP B 363 -28.87 -34.32 -15.36
C ASP B 363 -27.38 -34.24 -15.03
N PHE B 364 -27.07 -33.83 -13.80
CA PHE B 364 -25.69 -33.53 -13.43
C PHE B 364 -25.03 -34.59 -12.57
N SER B 365 -23.77 -34.87 -12.87
CA SER B 365 -22.93 -35.72 -12.03
C SER B 365 -21.78 -34.90 -11.49
N TYR B 366 -21.29 -35.24 -10.32
CA TYR B 366 -20.22 -34.48 -9.70
C TYR B 366 -19.04 -35.35 -9.30
N ARG B 367 -17.87 -35.04 -9.85
CA ARG B 367 -16.67 -35.86 -9.70
C ARG B 367 -15.88 -35.47 -8.46
N PRO B 368 -15.31 -36.46 -7.76
CA PRO B 368 -14.53 -36.24 -6.54
C PRO B 368 -13.32 -35.34 -6.76
N ASP B 369 -12.79 -35.28 -7.97
CA ASP B 369 -11.65 -34.43 -8.27
C ASP B 369 -12.07 -33.08 -8.86
N GLY B 370 -13.37 -32.85 -8.93
CA GLY B 370 -13.90 -31.60 -9.46
C GLY B 370 -13.80 -30.43 -8.49
N ALA B 371 -14.02 -29.22 -9.02
CA ALA B 371 -14.04 -28.01 -8.20
C ALA B 371 -15.13 -28.07 -7.13
N TRP B 372 -16.26 -28.68 -7.49
CA TRP B 372 -17.36 -28.86 -6.55
C TRP B 372 -17.83 -30.31 -6.56
N PRO B 373 -17.16 -31.17 -5.78
CA PRO B 373 -17.46 -32.61 -5.73
C PRO B 373 -18.86 -32.92 -5.18
N ASP B 374 -19.28 -32.22 -4.14
CA ASP B 374 -20.61 -32.44 -3.57
C ASP B 374 -21.25 -31.13 -3.11
N PRO B 375 -21.70 -30.29 -4.06
CA PRO B 375 -22.28 -28.98 -3.76
C PRO B 375 -23.39 -29.05 -2.73
N LYS B 376 -24.23 -30.08 -2.79
CA LYS B 376 -25.33 -30.22 -1.84
C LYS B 376 -24.86 -30.50 -0.42
N ALA B 377 -23.84 -31.35 -0.28
CA ALA B 377 -23.31 -31.66 1.04
C ALA B 377 -22.76 -30.40 1.69
N MET B 378 -22.10 -29.57 0.90
CA MET B 378 -21.58 -28.29 1.38
C MET B 378 -22.72 -27.41 1.88
N ILE B 379 -23.70 -27.18 1.02
CA ILE B 379 -24.82 -26.29 1.33
C ILE B 379 -25.63 -26.80 2.53
N ASP B 380 -25.73 -28.11 2.65
CA ASP B 380 -26.43 -28.71 3.79
C ASP B 380 -25.70 -28.42 5.09
N GLU B 381 -24.38 -28.52 5.07
CA GLU B 381 -23.59 -28.26 6.27
C GLU B 381 -23.64 -26.78 6.66
N LEU B 382 -23.48 -25.90 5.67
CA LEU B 382 -23.59 -24.47 5.90
C LEU B 382 -24.96 -24.12 6.49
N HIS B 383 -26.02 -24.68 5.91
CA HIS B 383 -27.36 -24.50 6.44
C HIS B 383 -27.46 -25.02 7.87
N ALA B 384 -26.83 -26.16 8.12
CA ALA B 384 -26.82 -26.74 9.46
C ALA B 384 -26.08 -25.84 10.45
N ARG B 385 -25.18 -25.00 9.93
CA ARG B 385 -24.45 -24.05 10.77
C ARG B 385 -25.19 -22.73 10.89
N GLY B 386 -26.28 -22.58 10.15
CA GLY B 386 -27.07 -21.36 10.18
C GLY B 386 -26.58 -20.36 9.15
N ILE B 387 -25.91 -20.85 8.12
CA ILE B 387 -25.38 -19.99 7.08
C ILE B 387 -26.12 -20.16 5.77
N LYS B 388 -26.69 -19.07 5.27
CA LYS B 388 -27.36 -19.07 3.97
C LYS B 388 -26.35 -18.99 2.83
N VAL B 389 -26.76 -19.44 1.65
CA VAL B 389 -25.88 -19.49 0.48
C VAL B 389 -26.44 -18.70 -0.70
N ILE B 390 -25.63 -17.82 -1.27
CA ILE B 390 -26.06 -16.96 -2.37
C ILE B 390 -25.13 -17.11 -3.57
N LEU B 391 -25.69 -17.26 -4.77
CA LEU B 391 -24.89 -17.47 -5.96
C LEU B 391 -24.92 -16.28 -6.90
N TRP B 392 -23.77 -16.02 -7.50
CA TRP B 392 -23.56 -14.89 -8.39
C TRP B 392 -24.27 -15.09 -9.74
N GLN B 393 -24.70 -13.98 -10.35
CA GLN B 393 -25.46 -14.03 -11.61
C GLN B 393 -25.20 -12.83 -12.49
N ILE B 394 -25.34 -13.02 -13.79
CA ILE B 394 -25.32 -11.91 -14.75
C ILE B 394 -26.43 -12.11 -15.76
N PRO B 395 -27.05 -11.01 -16.22
CA PRO B 395 -28.11 -11.13 -17.21
C PRO B 395 -27.52 -11.09 -18.62
N LEU B 396 -26.58 -12.00 -18.88
CA LEU B 396 -25.85 -12.01 -20.14
C LEU B 396 -25.62 -13.43 -20.63
N GLN B 397 -25.74 -13.64 -21.94
CA GLN B 397 -25.39 -14.92 -22.54
C GLN B 397 -24.17 -14.77 -23.43
N LYS B 398 -23.10 -15.47 -23.07
CA LYS B 398 -21.83 -15.36 -23.79
C LYS B 398 -21.91 -15.96 -25.19
N THR B 399 -21.49 -15.17 -26.17
CA THR B 399 -21.54 -15.57 -27.58
C THR B 399 -20.22 -16.09 -28.14
N GLU B 400 -19.19 -16.17 -27.30
CA GLU B 400 -17.84 -16.42 -27.81
C GLU B 400 -17.50 -17.90 -28.03
N PHE B 401 -18.33 -18.79 -27.51
CA PHE B 401 -18.08 -20.22 -27.67
C PHE B 401 -18.93 -20.82 -28.77
N SER B 402 -18.32 -21.66 -29.61
CA SER B 402 -19.03 -22.30 -30.72
C SER B 402 -19.79 -23.55 -30.29
N THR B 403 -19.42 -24.10 -29.14
CA THR B 403 -19.97 -25.39 -28.71
C THR B 403 -20.49 -25.34 -27.27
N GLY B 404 -21.21 -26.37 -26.88
CA GLY B 404 -21.63 -26.53 -25.50
C GLY B 404 -23.00 -25.95 -25.21
N GLN B 405 -23.41 -26.04 -23.95
CA GLN B 405 -24.71 -25.55 -23.51
C GLN B 405 -24.84 -24.05 -23.73
N VAL B 406 -23.73 -23.33 -23.54
CA VAL B 406 -23.75 -21.88 -23.68
C VAL B 406 -24.08 -21.49 -25.11
N ALA B 407 -23.61 -22.28 -26.07
CA ALA B 407 -23.84 -22.00 -27.47
C ALA B 407 -25.27 -22.38 -27.88
N ALA B 408 -25.75 -23.50 -27.36
CA ALA B 408 -27.10 -23.96 -27.66
C ALA B 408 -28.14 -22.96 -27.15
N ASP B 409 -27.99 -22.55 -25.90
CA ASP B 409 -28.92 -21.62 -25.27
C ASP B 409 -28.90 -20.27 -25.98
N ALA B 410 -27.73 -19.85 -26.41
CA ALA B 410 -27.60 -18.59 -27.15
C ALA B 410 -28.32 -18.67 -28.48
N ALA B 411 -28.26 -19.84 -29.11
CA ALA B 411 -28.99 -20.08 -30.35
C ALA B 411 -30.48 -20.06 -30.08
N ALA B 412 -30.87 -20.74 -29.01
CA ALA B 412 -32.28 -20.82 -28.60
C ALA B 412 -32.88 -19.43 -28.36
N MET B 413 -32.10 -18.54 -27.75
CA MET B 413 -32.56 -17.19 -27.45
C MET B 413 -32.96 -16.44 -28.70
N VAL B 414 -32.13 -16.54 -29.72
CA VAL B 414 -32.36 -15.84 -30.98
C VAL B 414 -33.53 -16.45 -31.74
N ARG B 415 -33.57 -17.77 -31.78
CA ARG B 415 -34.59 -18.49 -32.51
C ARG B 415 -35.97 -18.36 -31.87
N ASP B 416 -36.03 -18.54 -30.55
CA ASP B 416 -37.30 -18.53 -29.82
C ASP B 416 -37.68 -17.14 -29.32
N GLY B 417 -36.90 -16.13 -29.70
CA GLY B 417 -37.23 -14.75 -29.41
C GLY B 417 -37.06 -14.35 -27.96
N HIS B 418 -36.01 -14.85 -27.32
CA HIS B 418 -35.75 -14.55 -25.92
C HIS B 418 -34.73 -13.43 -25.72
N ALA B 419 -34.19 -12.92 -26.82
CA ALA B 419 -33.12 -11.94 -26.73
C ALA B 419 -33.59 -10.52 -27.07
N VAL B 420 -33.02 -9.55 -26.38
CA VAL B 420 -33.26 -8.14 -26.68
C VAL B 420 -32.82 -7.86 -28.12
N LEU B 421 -33.53 -6.99 -28.81
CA LEU B 421 -33.29 -6.81 -30.23
C LEU B 421 -32.86 -5.40 -30.61
N GLU B 422 -32.02 -5.35 -31.64
CA GLU B 422 -31.69 -4.10 -32.33
C GLU B 422 -32.88 -3.65 -33.16
N ALA B 423 -32.89 -2.39 -33.57
CA ALA B 423 -33.96 -1.85 -34.40
C ALA B 423 -34.16 -2.62 -35.71
N ASP B 424 -33.12 -3.30 -36.18
CA ASP B 424 -33.20 -4.03 -37.45
C ASP B 424 -33.67 -5.46 -37.26
N GLY B 425 -33.97 -5.83 -36.03
CA GLY B 425 -34.51 -7.15 -35.75
C GLY B 425 -33.47 -8.19 -35.40
N THR B 426 -32.19 -7.84 -35.56
CA THR B 426 -31.12 -8.73 -35.14
C THR B 426 -30.95 -8.65 -33.62
N ALA B 427 -30.43 -9.70 -33.02
CA ALA B 427 -30.25 -9.74 -31.57
C ALA B 427 -29.23 -8.71 -31.11
N TYR B 428 -29.49 -8.07 -29.97
CA TYR B 428 -28.57 -7.08 -29.43
C TYR B 428 -27.28 -7.73 -28.94
N ARG B 429 -26.16 -7.18 -29.37
CA ARG B 429 -24.85 -7.64 -28.92
C ARG B 429 -24.29 -6.61 -27.94
N ASN B 430 -23.85 -7.06 -26.77
CA ASN B 430 -23.42 -6.14 -25.71
C ASN B 430 -22.33 -5.20 -26.19
N ARG B 431 -22.61 -3.91 -26.10
CA ARG B 431 -21.70 -2.89 -26.60
C ARG B 431 -20.68 -2.49 -25.55
N GLY B 432 -20.86 -3.03 -24.34
CA GLY B 432 -20.04 -2.65 -23.21
C GLY B 432 -18.70 -3.34 -23.14
N TRP B 433 -17.88 -2.91 -22.18
CA TRP B 433 -16.54 -3.45 -21.98
C TRP B 433 -16.58 -4.79 -21.26
N TRP B 434 -17.62 -4.99 -20.45
CA TRP B 434 -17.72 -6.20 -19.65
C TRP B 434 -18.51 -7.26 -20.38
N PHE B 435 -17.84 -8.35 -20.73
CA PHE B 435 -18.42 -9.41 -21.55
C PHE B 435 -19.01 -8.86 -22.85
N PRO B 436 -18.15 -8.36 -23.75
CA PRO B 436 -18.63 -7.76 -25.00
C PRO B 436 -19.33 -8.76 -25.88
N GLN B 437 -20.30 -8.28 -26.67
CA GLN B 437 -20.99 -9.07 -27.69
C GLN B 437 -21.93 -10.14 -27.13
N ALA B 438 -21.98 -10.27 -25.80
CA ALA B 438 -22.90 -11.20 -25.17
C ALA B 438 -24.34 -10.78 -25.40
N LEU B 439 -25.27 -11.72 -25.25
CA LEU B 439 -26.69 -11.43 -25.45
C LEU B 439 -27.39 -11.15 -24.12
N MET B 440 -28.37 -10.26 -24.15
CA MET B 440 -29.22 -9.99 -23.00
C MET B 440 -30.60 -10.63 -23.17
N PRO B 441 -31.00 -11.46 -22.20
CA PRO B 441 -32.36 -12.03 -22.18
C PRO B 441 -33.36 -10.89 -22.16
N ASP B 442 -34.52 -11.03 -22.80
CA ASP B 442 -35.47 -9.93 -22.71
C ASP B 442 -36.37 -10.25 -21.54
N LEU B 443 -36.11 -9.57 -20.42
CA LEU B 443 -36.78 -9.90 -19.17
C LEU B 443 -37.96 -8.98 -18.96
N SER B 444 -38.24 -8.15 -19.97
CA SER B 444 -39.39 -7.25 -19.94
C SER B 444 -40.72 -8.00 -20.07
N VAL B 445 -40.65 -9.28 -20.40
CA VAL B 445 -41.86 -10.10 -20.54
C VAL B 445 -41.73 -11.45 -19.83
N GLN B 446 -42.85 -11.98 -19.38
CA GLN B 446 -42.88 -13.15 -18.50
C GLN B 446 -42.29 -14.41 -19.11
N ARG B 447 -42.60 -14.68 -20.38
CA ARG B 447 -42.22 -15.95 -20.99
C ARG B 447 -40.70 -16.11 -21.03
N THR B 448 -39.98 -15.01 -21.26
CA THR B 448 -38.53 -15.06 -21.27
C THR B 448 -37.97 -15.06 -19.85
N ARG B 449 -38.64 -14.36 -18.94
CA ARG B 449 -38.27 -14.42 -17.53
C ARG B 449 -38.39 -15.85 -17.02
N ASP B 450 -39.45 -16.53 -17.45
CA ASP B 450 -39.64 -17.93 -17.12
C ASP B 450 -38.52 -18.78 -17.70
N TRP B 451 -38.25 -18.57 -18.97
CA TRP B 451 -37.29 -19.40 -19.68
C TRP B 451 -35.87 -19.24 -19.12
N TRP B 452 -35.45 -17.99 -18.94
CA TRP B 452 -34.12 -17.68 -18.43
C TRP B 452 -33.91 -18.20 -17.01
N THR B 453 -34.87 -17.93 -16.13
CA THR B 453 -34.76 -18.30 -14.73
C THR B 453 -34.92 -19.80 -14.52
N GLU B 454 -35.61 -20.47 -15.43
CA GLU B 454 -35.86 -21.90 -15.32
C GLU B 454 -34.56 -22.70 -15.33
N LYS B 455 -33.56 -22.16 -16.02
CA LYS B 455 -32.23 -22.80 -16.06
C LYS B 455 -31.59 -22.83 -14.68
N ARG B 456 -31.98 -21.87 -13.83
CA ARG B 456 -31.44 -21.78 -12.48
C ARG B 456 -32.30 -22.51 -11.45
N ARG B 457 -33.48 -22.96 -11.85
CA ARG B 457 -34.48 -23.47 -10.91
C ARG B 457 -33.98 -24.61 -10.03
N TYR B 458 -33.17 -25.52 -10.59
CA TYR B 458 -32.68 -26.66 -9.83
C TYR B 458 -31.79 -26.22 -8.67
N LEU B 459 -31.15 -25.06 -8.80
CA LEU B 459 -30.32 -24.52 -7.72
C LEU B 459 -31.16 -24.21 -6.49
N VAL B 460 -32.32 -23.59 -6.71
CA VAL B 460 -33.22 -23.28 -5.60
C VAL B 460 -33.93 -24.53 -5.09
N GLU B 461 -34.53 -25.30 -5.99
CA GLU B 461 -35.39 -26.40 -5.57
C GLU B 461 -34.61 -27.62 -5.06
N HIS B 462 -33.62 -28.09 -5.81
CA HIS B 462 -32.82 -29.20 -5.33
C HIS B 462 -31.72 -28.79 -4.34
N PHE B 463 -30.97 -27.75 -4.70
CA PHE B 463 -29.80 -27.39 -3.91
C PHE B 463 -30.11 -26.44 -2.75
N ASP B 464 -31.29 -25.84 -2.76
CA ASP B 464 -31.78 -25.02 -1.67
C ASP B 464 -30.92 -23.76 -1.46
N VAL B 465 -30.45 -23.16 -2.55
CA VAL B 465 -29.73 -21.90 -2.44
C VAL B 465 -30.73 -20.83 -2.03
N ASP B 466 -30.29 -19.88 -1.20
CA ASP B 466 -31.20 -18.95 -0.55
C ASP B 466 -31.33 -17.60 -1.23
N GLY B 467 -30.54 -17.37 -2.27
CA GLY B 467 -30.56 -16.09 -2.94
C GLY B 467 -29.60 -16.04 -4.10
N PHE B 468 -29.69 -14.97 -4.88
CA PHE B 468 -28.78 -14.75 -5.98
C PHE B 468 -28.19 -13.36 -5.91
N LYS B 469 -26.90 -13.24 -6.21
CA LYS B 469 -26.32 -11.92 -6.32
C LYS B 469 -26.46 -11.53 -7.77
N THR B 470 -27.37 -10.61 -8.04
CA THR B 470 -27.67 -10.32 -9.41
C THR B 470 -26.91 -9.07 -9.80
N ALA B 471 -25.73 -9.33 -10.37
CA ALA B 471 -24.79 -8.31 -10.81
C ALA B 471 -25.11 -7.83 -12.22
N GLY B 472 -24.69 -6.62 -12.54
CA GLY B 472 -24.85 -6.11 -13.89
C GLY B 472 -26.27 -5.66 -14.14
N GLY B 473 -26.64 -5.59 -15.42
CA GLY B 473 -27.95 -5.13 -15.82
C GLY B 473 -27.89 -3.73 -16.44
N GLU B 474 -26.68 -3.19 -16.55
CA GLU B 474 -26.48 -1.86 -17.12
C GLU B 474 -26.13 -1.93 -18.62
N HIS B 475 -26.13 -3.14 -19.16
CA HIS B 475 -25.50 -3.41 -20.46
C HIS B 475 -26.19 -2.83 -21.69
N ALA B 476 -27.48 -2.52 -21.58
CA ALA B 476 -28.23 -2.13 -22.76
C ALA B 476 -27.97 -0.69 -23.18
N TRP B 477 -27.39 -0.52 -24.37
CA TRP B 477 -27.16 0.80 -24.92
C TRP B 477 -27.88 0.95 -26.25
N GLY B 478 -28.28 2.17 -26.54
CA GLY B 478 -28.96 2.55 -27.76
C GLY B 478 -30.45 2.81 -27.62
N HIS B 479 -30.89 3.83 -28.35
CA HIS B 479 -32.22 4.38 -28.19
C HIS B 479 -33.26 3.58 -28.96
N ASP B 480 -32.85 3.00 -30.07
CA ASP B 480 -33.76 2.29 -30.97
C ASP B 480 -33.81 0.79 -30.68
N LEU B 481 -33.18 0.37 -29.60
CA LEU B 481 -33.29 -1.02 -29.15
C LEU B 481 -34.76 -1.37 -28.94
N VAL B 482 -35.13 -2.63 -29.15
CA VAL B 482 -36.52 -3.03 -29.08
C VAL B 482 -36.75 -4.14 -28.05
N TYR B 483 -37.70 -3.91 -27.14
CA TYR B 483 -38.03 -4.90 -26.12
C TYR B 483 -39.37 -5.56 -26.41
N ALA B 484 -39.49 -6.82 -26.00
CA ALA B 484 -40.67 -7.62 -26.27
C ALA B 484 -41.95 -7.10 -25.59
N ASP B 485 -41.80 -6.12 -24.71
CA ASP B 485 -42.97 -5.53 -24.07
C ASP B 485 -43.44 -4.31 -24.84
N GLY B 486 -42.75 -4.01 -25.94
CA GLY B 486 -43.13 -2.91 -26.80
C GLY B 486 -42.31 -1.66 -26.63
N ARG B 487 -41.52 -1.61 -25.56
CA ARG B 487 -40.71 -0.43 -25.28
C ARG B 487 -39.45 -0.37 -26.13
N LYS B 488 -39.17 0.83 -26.64
CA LYS B 488 -37.91 1.11 -27.31
C LYS B 488 -36.80 1.42 -26.31
N GLY B 489 -35.56 1.25 -26.73
CA GLY B 489 -34.39 1.41 -25.87
C GLY B 489 -34.34 2.66 -25.01
N ASP B 490 -34.78 3.79 -25.54
CA ASP B 490 -34.76 5.05 -24.78
C ASP B 490 -35.64 4.95 -23.52
N GLU B 491 -36.53 3.97 -23.52
CA GLU B 491 -37.46 3.75 -22.43
C GLU B 491 -37.01 2.57 -21.56
N GLY B 492 -36.89 1.39 -22.18
CA GLY B 492 -36.63 0.17 -21.46
C GLY B 492 -35.21 -0.14 -21.05
N ASN B 493 -34.23 0.66 -21.48
CA ASN B 493 -32.85 0.43 -21.09
C ASN B 493 -32.70 0.64 -19.57
N ASN B 494 -33.29 1.72 -19.08
CA ASN B 494 -33.26 2.00 -17.66
C ASN B 494 -34.04 1.00 -16.81
N LEU B 495 -35.08 0.42 -17.39
CA LEU B 495 -35.94 -0.48 -16.62
C LEU B 495 -35.38 -1.90 -16.54
N TYR B 496 -34.43 -2.24 -17.40
CA TYR B 496 -33.90 -3.59 -17.46
C TYR B 496 -33.48 -4.18 -16.10
N PRO B 497 -32.65 -3.45 -15.32
CA PRO B 497 -32.22 -4.07 -14.05
C PRO B 497 -33.37 -4.33 -13.09
N VAL B 498 -34.43 -3.54 -13.18
CA VAL B 498 -35.62 -3.78 -12.36
C VAL B 498 -36.24 -5.13 -12.73
N HIS B 499 -36.46 -5.35 -14.04
CA HIS B 499 -36.95 -6.64 -14.54
C HIS B 499 -36.04 -7.78 -14.09
N TYR B 500 -34.74 -7.52 -14.15
CA TYR B 500 -33.71 -8.49 -13.83
C TYR B 500 -33.83 -8.97 -12.39
N ALA B 501 -33.83 -8.04 -11.44
CA ALA B 501 -33.98 -8.39 -10.04
C ALA B 501 -35.34 -9.06 -9.80
N ARG B 502 -36.38 -8.49 -10.39
CA ARG B 502 -37.74 -9.02 -10.27
C ARG B 502 -37.79 -10.48 -10.71
N ALA B 503 -37.14 -10.78 -11.82
CA ALA B 503 -37.14 -12.12 -12.38
C ALA B 503 -36.64 -13.18 -11.37
N PHE B 504 -35.53 -12.90 -10.70
CA PHE B 504 -34.99 -13.87 -9.77
C PHE B 504 -35.69 -13.84 -8.42
N GLY B 505 -36.28 -12.69 -8.09
CA GLY B 505 -37.16 -12.62 -6.95
C GLY B 505 -38.34 -13.55 -7.15
N ASP B 506 -38.94 -13.50 -8.34
CA ASP B 506 -40.06 -14.36 -8.68
C ASP B 506 -39.66 -15.83 -8.67
N LEU B 507 -38.44 -16.12 -9.10
CA LEU B 507 -37.95 -17.49 -9.10
C LEU B 507 -37.91 -18.06 -7.70
N LEU B 508 -37.36 -17.29 -6.76
CA LEU B 508 -37.29 -17.71 -5.37
C LEU B 508 -38.69 -17.86 -4.76
N ARG B 509 -39.57 -16.91 -5.05
CA ARG B 509 -40.97 -16.98 -4.60
C ARG B 509 -41.61 -18.28 -5.05
N SER B 510 -41.46 -18.60 -6.33
CA SER B 510 -42.11 -19.77 -6.92
C SER B 510 -41.60 -21.08 -6.32
N ALA B 511 -40.47 -21.00 -5.61
CA ALA B 511 -39.95 -22.15 -4.89
C ALA B 511 -40.32 -22.09 -3.41
N GLY B 512 -41.08 -21.06 -3.04
CA GLY B 512 -41.49 -20.89 -1.65
C GLY B 512 -40.40 -20.32 -0.75
N LYS B 513 -39.51 -19.51 -1.32
CA LYS B 513 -38.47 -18.85 -0.55
C LYS B 513 -38.51 -17.34 -0.71
N ALA B 514 -37.98 -16.62 0.27
CA ALA B 514 -37.98 -15.16 0.25
C ALA B 514 -37.24 -14.61 -0.97
N PRO B 515 -37.75 -13.53 -1.55
CA PRO B 515 -37.17 -12.96 -2.77
C PRO B 515 -35.82 -12.28 -2.52
N VAL B 516 -34.82 -13.03 -2.08
CA VAL B 516 -33.56 -12.37 -1.77
C VAL B 516 -32.68 -12.36 -3.01
N THR B 517 -32.63 -11.20 -3.63
CA THR B 517 -31.71 -10.93 -4.71
C THR B 517 -30.80 -9.84 -4.19
N PHE B 518 -29.58 -9.81 -4.72
CA PHE B 518 -28.57 -8.91 -4.23
C PHE B 518 -28.03 -8.16 -5.45
N SER B 519 -28.35 -6.87 -5.56
CA SER B 519 -28.15 -6.15 -6.82
C SER B 519 -27.44 -4.81 -6.65
N ARG B 520 -26.61 -4.46 -7.62
CA ARG B 520 -26.04 -3.12 -7.60
C ARG B 520 -26.86 -2.14 -8.43
N ALA B 521 -27.67 -2.66 -9.34
CA ALA B 521 -28.27 -1.79 -10.35
C ALA B 521 -29.78 -1.76 -10.24
N GLY B 522 -30.36 -0.65 -10.66
CA GLY B 522 -31.80 -0.52 -10.63
C GLY B 522 -32.29 0.83 -11.09
N PHE B 523 -33.57 1.07 -10.85
CA PHE B 523 -34.24 2.28 -11.29
C PHE B 523 -35.53 2.39 -10.46
N THR B 524 -36.39 3.33 -10.83
CA THR B 524 -37.71 3.42 -10.23
C THR B 524 -38.41 2.07 -10.25
N GLY B 525 -38.88 1.63 -9.09
CA GLY B 525 -39.53 0.35 -8.96
C GLY B 525 -38.66 -0.73 -8.34
N SER B 526 -37.36 -0.47 -8.26
CA SER B 526 -36.44 -1.45 -7.69
C SER B 526 -36.68 -1.67 -6.20
N GLN B 527 -37.36 -0.72 -5.56
CA GLN B 527 -37.66 -0.81 -4.13
C GLN B 527 -38.33 -2.12 -3.75
N ALA B 528 -39.06 -2.72 -4.68
CA ALA B 528 -39.84 -3.91 -4.38
C ALA B 528 -39.03 -5.19 -4.47
N HIS B 529 -37.87 -5.14 -5.09
CA HIS B 529 -37.13 -6.38 -5.32
C HIS B 529 -35.76 -6.48 -4.64
N GLY B 530 -35.70 -7.26 -3.57
CA GLY B 530 -34.46 -7.67 -2.96
C GLY B 530 -33.57 -6.63 -2.31
N ILE B 531 -32.30 -7.02 -2.20
CA ILE B 531 -31.30 -6.27 -1.46
C ILE B 531 -30.36 -5.57 -2.44
N PHE B 532 -29.83 -4.42 -2.05
CA PHE B 532 -28.92 -3.71 -2.91
C PHE B 532 -27.59 -3.41 -2.23
N TRP B 533 -26.51 -3.43 -3.01
CA TRP B 533 -25.20 -3.07 -2.52
C TRP B 533 -24.60 -1.98 -3.41
N ALA B 534 -23.71 -1.18 -2.83
CA ALA B 534 -23.28 0.08 -3.43
C ALA B 534 -22.36 -0.07 -4.65
N GLY B 535 -21.98 -1.30 -4.99
CA GLY B 535 -21.14 -1.52 -6.15
C GLY B 535 -19.64 -1.63 -5.90
N ASP B 536 -18.85 -1.32 -6.92
CA ASP B 536 -17.40 -1.53 -6.92
C ASP B 536 -16.60 -0.30 -6.51
N GLU B 537 -15.69 -0.47 -5.56
CA GLU B 537 -14.84 0.64 -5.16
C GLU B 537 -13.46 0.20 -4.66
N ASP B 538 -12.53 1.13 -4.73
CA ASP B 538 -11.21 1.00 -4.13
C ASP B 538 -11.31 1.06 -2.62
N SER B 539 -10.26 0.63 -1.93
CA SER B 539 -10.28 0.75 -0.49
C SER B 539 -9.67 2.08 -0.10
N THR B 540 -10.54 3.05 0.16
CA THR B 540 -10.13 4.42 0.44
C THR B 540 -11.14 5.06 1.37
N TRP B 541 -10.72 6.12 2.03
CA TRP B 541 -11.60 6.86 2.92
C TRP B 541 -12.66 7.61 2.11
N GLN B 542 -12.26 8.12 0.95
CA GLN B 542 -13.19 8.77 0.05
C GLN B 542 -14.33 7.83 -0.37
N ALA B 543 -14.00 6.58 -0.65
CA ALA B 543 -14.99 5.59 -1.04
C ALA B 543 -15.91 5.21 0.12
N PHE B 544 -15.32 5.13 1.32
CA PHE B 544 -16.06 4.95 2.56
C PHE B 544 -17.15 6.01 2.65
N ARG B 545 -16.73 7.27 2.51
CA ARG B 545 -17.65 8.40 2.61
C ARG B 545 -18.70 8.42 1.51
N SER B 546 -18.30 8.09 0.29
CA SER B 546 -19.24 8.06 -0.83
C SER B 546 -20.29 6.99 -0.60
N SER B 547 -19.86 5.87 -0.08
CA SER B 547 -20.76 4.75 0.17
C SER B 547 -21.81 5.11 1.22
N VAL B 548 -21.41 5.82 2.28
CA VAL B 548 -22.36 6.25 3.30
C VAL B 548 -23.44 7.10 2.65
N THR B 549 -23.01 8.06 1.83
CA THR B 549 -23.92 8.91 1.09
C THR B 549 -24.84 8.10 0.17
N ALA B 550 -24.30 7.04 -0.43
CA ALA B 550 -25.07 6.20 -1.32
C ALA B 550 -26.20 5.52 -0.57
N GLY B 551 -25.92 5.01 0.62
CA GLY B 551 -26.92 4.34 1.42
C GLY B 551 -28.03 5.29 1.88
N LEU B 552 -27.63 6.50 2.23
CA LEU B 552 -28.57 7.51 2.72
C LEU B 552 -29.51 8.03 1.64
N THR B 553 -28.97 8.33 0.46
CA THR B 553 -29.79 8.81 -0.65
C THR B 553 -30.71 7.72 -1.14
N ALA B 554 -30.20 6.51 -1.24
CA ALA B 554 -31.00 5.36 -1.66
C ALA B 554 -32.17 5.13 -0.69
N ALA B 555 -31.89 5.24 0.61
CA ALA B 555 -32.92 5.04 1.62
C ALA B 555 -34.01 6.10 1.51
N SER B 556 -33.60 7.32 1.17
CA SER B 556 -34.53 8.42 0.97
C SER B 556 -35.47 8.17 -0.20
N CYS B 557 -35.06 7.28 -1.10
CA CYS B 557 -35.86 6.92 -2.26
C CYS B 557 -36.59 5.60 -2.12
N GLY B 558 -36.48 4.97 -0.96
CA GLY B 558 -37.24 3.76 -0.69
C GLY B 558 -36.46 2.47 -0.76
N ILE B 559 -35.15 2.56 -0.90
CA ILE B 559 -34.32 1.35 -0.86
C ILE B 559 -34.00 1.05 0.59
N VAL B 560 -34.49 -0.09 1.06
CA VAL B 560 -34.49 -0.43 2.47
C VAL B 560 -33.28 -1.28 2.82
N TYR B 561 -33.15 -2.41 2.13
CA TYR B 561 -32.04 -3.28 2.40
C TYR B 561 -30.87 -2.87 1.50
N TRP B 562 -29.87 -2.24 2.10
CA TRP B 562 -28.75 -1.68 1.38
C TRP B 562 -27.48 -1.99 2.13
N GLY B 563 -26.40 -2.19 1.40
CA GLY B 563 -25.11 -2.47 1.98
C GLY B 563 -24.00 -2.04 1.03
N TRP B 564 -22.76 -2.36 1.38
CA TRP B 564 -21.60 -2.01 0.57
C TRP B 564 -20.49 -2.98 0.90
N ASP B 565 -19.44 -3.02 0.06
CA ASP B 565 -18.29 -3.82 0.44
C ASP B 565 -17.51 -3.00 1.45
N LEU B 566 -17.47 -3.46 2.69
CA LEU B 566 -16.91 -2.63 3.75
C LEU B 566 -15.40 -2.57 3.57
N ALA B 567 -14.87 -1.35 3.67
CA ALA B 567 -13.45 -1.06 3.45
C ALA B 567 -13.02 -1.23 1.99
N GLY B 568 -13.95 -1.61 1.11
CA GLY B 568 -13.70 -1.63 -0.33
C GLY B 568 -13.24 -3.00 -0.80
N PHE B 569 -13.63 -3.43 -1.99
CA PHE B 569 -13.25 -4.77 -2.45
C PHE B 569 -12.05 -4.81 -3.42
N SER B 570 -11.58 -3.66 -3.87
CA SER B 570 -10.62 -3.61 -4.97
C SER B 570 -9.24 -3.14 -4.53
N GLY B 571 -8.20 -3.74 -5.10
CA GLY B 571 -6.83 -3.35 -4.80
C GLY B 571 -6.21 -4.12 -3.65
N PRO B 572 -5.02 -3.71 -3.21
CA PRO B 572 -4.36 -4.33 -2.06
C PRO B 572 -5.24 -4.28 -0.81
N VAL B 573 -5.09 -5.28 0.05
CA VAL B 573 -5.77 -5.32 1.34
C VAL B 573 -5.58 -3.99 2.07
N PRO B 574 -6.66 -3.40 2.57
CA PRO B 574 -6.56 -2.12 3.26
C PRO B 574 -5.75 -2.21 4.56
N ASP B 575 -5.30 -1.07 5.07
CA ASP B 575 -4.67 -1.04 6.38
C ASP B 575 -5.73 -1.33 7.44
N ALA B 576 -5.27 -1.65 8.65
CA ALA B 576 -6.16 -2.04 9.72
C ALA B 576 -7.16 -0.96 10.12
N GLU B 577 -6.76 0.30 10.03
CA GLU B 577 -7.62 1.38 10.51
C GLU B 577 -8.88 1.55 9.66
N LEU B 578 -8.71 1.62 8.34
CA LEU B 578 -9.85 1.74 7.44
C LEU B 578 -10.75 0.52 7.59
N TYR B 579 -10.14 -0.65 7.64
CA TYR B 579 -10.90 -1.88 7.77
C TYR B 579 -11.80 -1.88 8.99
N LEU B 580 -11.26 -1.46 10.13
CA LEU B 580 -11.98 -1.49 11.38
C LEU B 580 -12.99 -0.35 11.53
N ARG B 581 -12.68 0.83 11.00
CA ARG B 581 -13.64 1.93 11.01
C ARG B 581 -14.83 1.56 10.15
N ALA B 582 -14.54 0.99 8.98
CA ALA B 582 -15.59 0.56 8.05
C ALA B 582 -16.42 -0.55 8.68
N ALA B 583 -15.76 -1.49 9.35
CA ALA B 583 -16.46 -2.62 9.93
C ALA B 583 -17.38 -2.18 11.08
N ALA B 584 -16.88 -1.30 11.94
CA ALA B 584 -17.66 -0.77 13.05
C ALA B 584 -18.92 -0.07 12.57
N ALA B 585 -18.74 0.82 11.59
CA ALA B 585 -19.86 1.57 11.04
C ALA B 585 -20.86 0.66 10.33
N SER B 586 -20.34 -0.36 9.65
CA SER B 586 -21.17 -1.26 8.86
C SER B 586 -22.06 -2.15 9.72
N ALA B 587 -21.63 -2.41 10.96
CA ALA B 587 -22.46 -3.17 11.88
C ALA B 587 -23.74 -2.43 12.22
N PHE B 588 -23.71 -1.12 11.99
CA PHE B 588 -24.86 -0.22 12.15
C PHE B 588 -25.57 0.17 10.84
N MET B 589 -25.36 -0.61 9.80
CA MET B 589 -26.02 -0.39 8.51
C MET B 589 -26.97 -1.55 8.19
N PRO B 590 -27.91 -1.35 7.23
CA PRO B 590 -28.88 -2.41 6.91
C PRO B 590 -28.25 -3.75 6.51
N ILE B 591 -27.22 -3.72 5.68
CA ILE B 591 -26.54 -4.96 5.29
C ILE B 591 -25.03 -4.89 5.58
N MET B 592 -24.54 -5.79 6.43
CA MET B 592 -23.13 -5.85 6.77
C MET B 592 -22.44 -6.98 6.00
N GLN B 593 -21.57 -6.58 5.07
CA GLN B 593 -20.94 -7.53 4.15
C GLN B 593 -19.50 -7.14 3.82
N TYR B 594 -18.60 -8.12 3.83
CA TYR B 594 -17.25 -7.88 3.30
C TYR B 594 -17.07 -8.67 2.01
N HIS B 595 -16.22 -8.16 1.11
CA HIS B 595 -16.08 -8.70 -0.22
C HIS B 595 -14.68 -8.43 -0.77
N SER B 596 -14.25 -9.19 -1.77
CA SER B 596 -12.97 -8.92 -2.43
C SER B 596 -12.99 -9.25 -3.92
N GLU B 597 -12.37 -8.39 -4.72
CA GLU B 597 -12.32 -8.53 -6.17
C GLU B 597 -11.41 -9.68 -6.62
N PHE B 598 -11.64 -10.16 -7.84
CA PHE B 598 -10.76 -11.13 -8.49
C PHE B 598 -9.34 -10.58 -8.59
N ASN B 599 -8.39 -11.32 -8.03
CA ASN B 599 -6.98 -10.97 -8.08
C ASN B 599 -6.12 -11.78 -9.07
N HIS B 600 -6.77 -12.61 -9.89
CA HIS B 600 -6.08 -13.55 -10.79
C HIS B 600 -5.33 -14.62 -10.01
N HIS B 601 -5.83 -14.90 -8.81
CA HIS B 601 -5.26 -15.91 -7.92
C HIS B 601 -3.76 -15.76 -7.70
N GLN B 602 -3.32 -14.51 -7.63
CA GLN B 602 -1.94 -14.21 -7.32
C GLN B 602 -1.70 -14.27 -5.81
N LEU B 603 -0.46 -14.02 -5.41
CA LEU B 603 -0.12 -13.98 -4.00
C LEU B 603 0.55 -12.65 -3.69
N PRO B 604 0.31 -12.09 -2.48
CA PRO B 604 -0.55 -12.61 -1.41
C PRO B 604 -2.03 -12.45 -1.72
N LEU B 605 -2.89 -13.13 -0.97
CA LEU B 605 -4.34 -13.00 -1.13
C LEU B 605 -4.83 -11.58 -0.89
N ARG B 606 -5.88 -11.20 -1.62
CA ARG B 606 -6.61 -9.95 -1.41
C ARG B 606 -7.93 -10.09 -0.65
N ASP B 607 -8.16 -11.25 -0.03
CA ASP B 607 -9.34 -11.45 0.81
C ASP B 607 -9.57 -10.33 1.81
N ARG B 608 -10.84 -9.97 2.02
CA ARG B 608 -11.22 -8.95 3.01
C ARG B 608 -11.67 -9.55 4.33
N THR B 609 -11.46 -10.84 4.53
CA THR B 609 -11.75 -11.50 5.80
C THR B 609 -10.99 -10.85 6.95
N PRO B 610 -11.51 -10.93 8.17
CA PRO B 610 -10.81 -10.27 9.28
C PRO B 610 -9.45 -10.89 9.62
N TRP B 611 -9.32 -12.21 9.51
CA TRP B 611 -8.05 -12.83 9.85
C TRP B 611 -6.99 -12.52 8.79
N HIS B 612 -7.38 -12.44 7.52
CA HIS B 612 -6.39 -12.11 6.50
C HIS B 612 -5.95 -10.65 6.59
N VAL B 613 -6.86 -9.74 6.92
CA VAL B 613 -6.48 -8.35 7.12
C VAL B 613 -5.51 -8.26 8.31
N ALA B 614 -5.75 -9.08 9.33
CA ALA B 614 -4.90 -9.10 10.50
C ALA B 614 -3.50 -9.64 10.16
N GLU B 615 -3.46 -10.74 9.42
CA GLU B 615 -2.21 -11.35 9.01
C GLU B 615 -1.43 -10.44 8.07
N THR B 616 -2.15 -9.75 7.19
CA THR B 616 -1.57 -8.82 6.25
C THR B 616 -0.95 -7.59 6.91
N THR B 617 -1.71 -6.94 7.78
CA THR B 617 -1.28 -5.73 8.44
C THR B 617 -0.36 -5.98 9.62
N GLY B 618 -0.41 -7.19 10.16
CA GLY B 618 0.30 -7.50 11.40
C GLY B 618 -0.31 -6.87 12.64
N ASP B 619 -1.55 -6.39 12.53
CA ASP B 619 -2.24 -5.73 13.65
C ASP B 619 -3.08 -6.76 14.40
N ASP B 620 -2.74 -7.00 15.66
CA ASP B 620 -3.39 -8.10 16.38
C ASP B 620 -4.72 -7.70 17.02
N ARG B 621 -5.17 -6.47 16.78
CA ARG B 621 -6.49 -6.03 17.21
C ARG B 621 -7.60 -6.36 16.20
N VAL B 622 -7.23 -6.65 14.96
CA VAL B 622 -8.24 -6.75 13.90
C VAL B 622 -9.23 -7.89 14.14
N VAL B 623 -8.73 -9.07 14.44
CA VAL B 623 -9.62 -10.20 14.71
C VAL B 623 -10.47 -9.99 15.98
N PRO B 624 -9.85 -9.61 17.12
CA PRO B 624 -10.70 -9.42 18.30
C PRO B 624 -11.75 -8.32 18.14
N LEU B 625 -11.40 -7.21 17.50
CA LEU B 625 -12.33 -6.11 17.34
C LEU B 625 -13.41 -6.42 16.30
N PHE B 626 -13.03 -7.09 15.21
CA PHE B 626 -14.02 -7.47 14.23
C PHE B 626 -14.99 -8.47 14.85
N ARG B 627 -14.47 -9.34 15.71
CA ARG B 627 -15.33 -10.31 16.38
C ARG B 627 -16.33 -9.59 17.28
N ARG B 628 -15.88 -8.57 17.98
CA ARG B 628 -16.77 -7.77 18.83
C ARG B 628 -17.85 -7.13 17.96
N PHE B 629 -17.47 -6.55 16.82
CA PHE B 629 -18.43 -5.93 15.92
C PHE B 629 -19.43 -6.94 15.36
N ALA B 630 -18.97 -8.15 15.10
CA ALA B 630 -19.81 -9.18 14.49
C ALA B 630 -20.79 -9.79 15.49
N THR B 631 -20.37 -9.94 16.74
CA THR B 631 -21.28 -10.46 17.76
C THR B 631 -22.24 -9.36 18.22
N LEU B 632 -21.79 -8.11 18.17
CA LEU B 632 -22.67 -6.98 18.41
C LEU B 632 -23.74 -6.93 17.33
N ARG B 633 -23.35 -7.27 16.10
CA ARG B 633 -24.27 -7.35 14.98
C ARG B 633 -25.35 -8.40 15.23
N GLU B 634 -24.94 -9.55 15.77
CA GLU B 634 -25.88 -10.59 16.16
C GLU B 634 -26.89 -10.04 17.18
N SER B 635 -26.39 -9.30 18.16
CA SER B 635 -27.25 -8.72 19.19
C SER B 635 -28.23 -7.70 18.62
N LEU B 636 -27.88 -7.10 17.48
CA LEU B 636 -28.67 -6.06 16.86
C LEU B 636 -29.76 -6.58 15.92
N VAL B 637 -29.73 -7.87 15.63
CA VAL B 637 -30.68 -8.46 14.67
C VAL B 637 -32.16 -8.25 15.06
N PRO B 638 -32.53 -8.46 16.35
CA PRO B 638 -33.93 -8.18 16.68
C PRO B 638 -34.32 -6.72 16.46
N TYR B 639 -33.47 -5.78 16.84
CA TYR B 639 -33.75 -4.36 16.60
C TYR B 639 -33.87 -4.07 15.10
N LEU B 640 -32.95 -4.59 14.30
CA LEU B 640 -32.96 -4.37 12.86
C LEU B 640 -34.24 -4.94 12.23
N THR B 641 -34.64 -6.11 12.69
CA THR B 641 -35.85 -6.78 12.23
C THR B 641 -37.10 -5.99 12.58
N GLU B 642 -37.16 -5.52 13.83
CA GLU B 642 -38.26 -4.66 14.26
C GLU B 642 -38.33 -3.41 13.40
N GLN B 643 -37.20 -2.75 13.22
CA GLN B 643 -37.15 -1.46 12.52
C GLN B 643 -37.38 -1.59 11.02
N ALA B 644 -36.95 -2.69 10.42
CA ALA B 644 -37.19 -2.90 9.00
C ALA B 644 -38.69 -3.06 8.77
N ALA B 645 -39.33 -3.81 9.67
CA ALA B 645 -40.78 -4.01 9.61
C ALA B 645 -41.54 -2.69 9.72
N ARG B 646 -41.12 -1.84 10.64
CA ARG B 646 -41.71 -0.51 10.78
C ARG B 646 -41.46 0.36 9.56
N THR B 647 -40.26 0.23 8.98
CA THR B 647 -39.89 1.00 7.81
C THR B 647 -40.79 0.63 6.64
N ILE B 648 -41.12 -0.64 6.55
CA ILE B 648 -42.00 -1.11 5.50
C ILE B 648 -43.44 -0.64 5.74
N ALA B 649 -43.88 -0.65 7.00
CA ALA B 649 -45.21 -0.16 7.34
C ALA B 649 -45.38 1.35 7.12
N THR B 650 -44.48 2.14 7.69
CA THR B 650 -44.61 3.61 7.62
C THR B 650 -43.76 4.37 6.59
N ASP B 651 -42.87 3.67 5.90
CA ASP B 651 -41.92 4.29 4.96
C ASP B 651 -40.85 5.19 5.60
N ARG B 652 -40.86 5.34 6.93
CA ARG B 652 -39.74 6.00 7.61
C ARG B 652 -38.50 5.12 7.43
N PRO B 653 -37.47 5.65 6.75
CA PRO B 653 -36.31 4.84 6.31
C PRO B 653 -35.53 4.15 7.42
N LEU B 654 -34.90 3.03 7.07
CA LEU B 654 -34.04 2.29 7.97
C LEU B 654 -32.68 2.96 8.16
N MET B 655 -32.02 3.32 7.07
CA MET B 655 -30.78 4.09 7.18
C MET B 655 -31.18 5.51 6.88
N ARG B 656 -31.35 6.30 7.93
CA ARG B 656 -32.23 7.45 7.85
C ARG B 656 -31.54 8.78 8.07
N PRO B 657 -31.47 9.62 7.02
CA PRO B 657 -30.98 10.99 7.17
C PRO B 657 -31.81 11.73 8.21
N LEU B 658 -31.20 12.70 8.90
CA LEU B 658 -31.87 13.35 10.02
C LEU B 658 -33.07 14.18 9.60
N PHE B 659 -33.15 14.59 8.34
CA PHE B 659 -34.22 15.50 7.93
C PHE B 659 -35.59 14.82 7.97
N PHE B 660 -35.60 13.50 8.03
CA PHE B 660 -36.87 12.79 8.14
C PHE B 660 -37.56 13.05 9.48
N ASP B 661 -36.81 12.98 10.58
CA ASP B 661 -37.38 13.33 11.87
C ASP B 661 -37.07 14.76 12.35
N HIS B 662 -36.08 15.38 11.73
CA HIS B 662 -35.58 16.70 12.17
C HIS B 662 -35.68 17.90 11.21
N GLU B 663 -36.56 17.82 10.22
CA GLU B 663 -36.58 18.74 9.09
C GLU B 663 -36.48 20.24 9.40
N ASN B 664 -36.91 20.66 10.59
CA ASN B 664 -36.82 22.08 10.95
C ASN B 664 -35.51 22.51 11.62
N ASP B 665 -34.57 21.60 11.78
CA ASP B 665 -33.27 21.93 12.37
C ASP B 665 -32.26 22.12 11.26
N PRO B 666 -31.85 23.37 11.03
CA PRO B 666 -30.92 23.68 9.92
C PRO B 666 -29.52 23.09 10.12
N GLU B 667 -29.14 22.83 11.36
CA GLU B 667 -27.79 22.39 11.66
C GLU B 667 -27.52 20.97 11.14
N ILE B 668 -28.58 20.19 10.92
CA ILE B 668 -28.40 18.81 10.47
C ILE B 668 -27.68 18.69 9.13
N TRP B 669 -27.81 19.70 8.28
CA TRP B 669 -27.22 19.64 6.95
C TRP B 669 -25.70 19.82 7.00
N ASN B 670 -25.19 20.31 8.12
CA ASN B 670 -23.75 20.44 8.33
C ASN B 670 -23.12 19.11 8.76
N HIS B 671 -23.94 18.08 8.91
CA HIS B 671 -23.40 16.78 9.30
C HIS B 671 -24.03 15.66 8.48
N PRO B 672 -23.78 15.69 7.15
CA PRO B 672 -24.47 14.84 6.18
C PRO B 672 -24.13 13.36 6.25
N TYR B 673 -23.09 12.97 6.99
CA TYR B 673 -22.75 11.55 7.10
C TYR B 673 -23.30 10.81 8.32
N GLN B 674 -23.79 11.52 9.32
CA GLN B 674 -24.44 10.83 10.43
C GLN B 674 -25.87 10.54 10.03
N TYR B 675 -26.45 9.53 10.67
CA TYR B 675 -27.80 9.10 10.34
C TYR B 675 -28.47 8.38 11.50
N LEU B 676 -29.77 8.20 11.39
CA LEU B 676 -30.48 7.39 12.35
C LEU B 676 -30.63 5.98 11.79
N LEU B 677 -30.40 4.98 12.63
CA LEU B 677 -30.69 3.62 12.26
C LEU B 677 -32.00 3.23 12.90
N GLY B 678 -33.05 3.14 12.10
CA GLY B 678 -34.40 3.04 12.64
C GLY B 678 -34.76 4.32 13.39
N ASP B 679 -35.68 4.20 14.32
CA ASP B 679 -36.10 5.36 15.11
C ASP B 679 -35.10 5.75 16.18
N GLU B 680 -34.48 4.76 16.81
CA GLU B 680 -33.83 4.98 18.10
C GLU B 680 -32.33 5.24 18.17
N LEU B 681 -31.59 4.99 17.10
CA LEU B 681 -30.14 5.05 17.22
C LEU B 681 -29.55 6.04 16.22
N LEU B 682 -28.71 6.93 16.73
CA LEU B 682 -28.01 7.86 15.86
C LEU B 682 -26.57 7.39 15.71
N ILE B 683 -26.16 7.22 14.46
CA ILE B 683 -24.84 6.68 14.13
C ILE B 683 -23.96 7.75 13.49
N ASN B 684 -22.70 7.82 13.89
CA ASN B 684 -21.77 8.79 13.29
C ASN B 684 -20.43 8.13 12.93
N PRO B 685 -20.38 7.53 11.73
CA PRO B 685 -19.19 6.81 11.27
C PRO B 685 -17.92 7.67 11.35
N VAL B 686 -16.80 7.04 11.72
CA VAL B 686 -15.54 7.77 11.76
C VAL B 686 -14.89 7.63 10.39
N LEU B 687 -14.90 8.72 9.65
CA LEU B 687 -14.55 8.75 8.24
C LEU B 687 -13.17 9.28 7.88
N GLU B 688 -12.33 9.59 8.87
CA GLU B 688 -10.96 10.04 8.59
C GLU B 688 -9.93 9.18 9.33
N PRO B 689 -8.77 8.95 8.70
CA PRO B 689 -7.71 8.24 9.41
C PRO B 689 -7.09 9.11 10.49
N GLY B 690 -6.66 8.51 11.59
CA GLY B 690 -5.94 9.23 12.61
C GLY B 690 -6.79 9.94 13.64
N ALA B 691 -8.12 9.76 13.57
CA ALA B 691 -9.01 10.44 14.50
C ALA B 691 -8.98 9.78 15.87
N THR B 692 -8.60 10.55 16.89
CA THR B 692 -8.67 10.07 18.26
C THR B 692 -9.92 10.55 18.98
N THR B 693 -10.54 11.59 18.47
CA THR B 693 -11.83 12.04 18.96
C THR B 693 -12.74 12.25 17.76
N TRP B 694 -14.04 12.29 18.01
CA TRP B 694 -14.99 12.46 16.93
C TRP B 694 -16.18 13.24 17.48
N THR B 695 -16.70 14.18 16.70
CA THR B 695 -17.75 15.06 17.18
C THR B 695 -19.06 14.77 16.48
N THR B 696 -20.11 14.57 17.26
CA THR B 696 -21.40 14.23 16.73
C THR B 696 -22.41 15.35 17.03
N TYR B 697 -23.28 15.64 16.07
CA TYR B 697 -24.36 16.59 16.32
C TYR B 697 -25.64 15.87 16.75
N LEU B 698 -26.04 16.11 17.99
CA LEU B 698 -27.29 15.56 18.49
C LEU B 698 -28.37 16.62 18.43
N PRO B 699 -29.42 16.36 17.64
CA PRO B 699 -30.59 17.24 17.54
C PRO B 699 -31.35 17.24 18.85
N ALA B 700 -32.26 18.18 19.03
CA ALA B 700 -33.04 18.28 20.26
C ALA B 700 -33.70 16.94 20.57
N GLY B 701 -33.48 16.48 21.79
CA GLY B 701 -33.93 15.19 22.26
C GLY B 701 -33.05 14.79 23.42
N GLU B 702 -33.40 13.73 24.13
CA GLU B 702 -32.54 13.22 25.18
C GLU B 702 -31.80 12.01 24.65
N TRP B 703 -30.49 11.99 24.86
CA TRP B 703 -29.64 10.98 24.25
C TRP B 703 -28.78 10.28 25.28
N ILE B 704 -28.46 9.03 24.98
CA ILE B 704 -27.56 8.25 25.82
C ILE B 704 -26.43 7.65 24.99
N ASP B 705 -25.22 7.75 25.51
CA ASP B 705 -24.05 7.15 24.86
C ASP B 705 -24.14 5.65 25.13
N VAL B 706 -24.28 4.87 24.06
CA VAL B 706 -24.58 3.44 24.21
C VAL B 706 -23.42 2.63 24.77
N TRP B 707 -22.21 3.17 24.67
CA TRP B 707 -21.05 2.46 25.20
C TRP B 707 -20.89 2.64 26.70
N THR B 708 -21.18 3.84 27.20
CA THR B 708 -21.14 4.08 28.65
C THR B 708 -22.47 4.01 29.39
N GLY B 709 -23.58 4.04 28.66
CA GLY B 709 -24.88 4.18 29.29
C GLY B 709 -25.18 5.53 29.92
N ASP B 710 -24.33 6.52 29.70
CA ASP B 710 -24.48 7.84 30.33
C ASP B 710 -25.26 8.81 29.45
N ARG B 711 -26.05 9.66 30.08
CA ARG B 711 -26.69 10.76 29.36
C ARG B 711 -25.63 11.74 28.89
N VAL B 712 -25.83 12.32 27.71
CA VAL B 712 -24.94 13.34 27.19
C VAL B 712 -25.76 14.53 26.72
N PRO B 713 -25.17 15.73 26.69
CA PRO B 713 -25.94 16.90 26.23
C PRO B 713 -26.29 16.81 24.74
N SER B 714 -27.31 17.53 24.32
CA SER B 714 -27.61 17.65 22.90
C SER B 714 -26.70 18.69 22.29
N GLY B 715 -26.82 18.89 20.99
CA GLY B 715 -25.88 19.72 20.28
C GLY B 715 -24.60 18.94 19.96
N LEU B 716 -23.49 19.64 19.83
CA LEU B 716 -22.23 18.98 19.51
C LEU B 716 -21.68 18.21 20.70
N VAL B 717 -21.41 16.92 20.50
CA VAL B 717 -20.82 16.10 21.55
C VAL B 717 -19.55 15.43 21.02
N THR B 718 -18.47 15.53 21.78
CA THR B 718 -17.19 14.95 21.38
C THR B 718 -16.87 13.75 22.25
N ARG B 719 -16.40 12.67 21.66
CA ARG B 719 -15.92 11.56 22.48
C ARG B 719 -14.71 10.88 21.86
N ASP B 720 -14.01 10.10 22.67
CA ASP B 720 -12.86 9.35 22.23
C ASP B 720 -13.28 8.26 21.26
N VAL B 721 -12.50 8.04 20.22
CA VAL B 721 -12.80 6.97 19.29
C VAL B 721 -11.60 6.05 19.07
N PRO B 722 -11.30 5.20 20.06
CA PRO B 722 -10.39 4.09 19.77
C PRO B 722 -11.11 3.15 18.81
N LEU B 723 -10.40 2.23 18.18
CA LEU B 723 -10.99 1.44 17.09
C LEU B 723 -12.17 0.57 17.53
N GLU B 724 -12.31 0.33 18.83
CA GLU B 724 -13.42 -0.51 19.29
C GLU B 724 -14.72 0.28 19.38
N VAL B 725 -14.65 1.55 19.02
CA VAL B 725 -15.78 2.46 19.17
C VAL B 725 -16.14 3.18 17.89
N VAL B 726 -17.43 3.16 17.55
CA VAL B 726 -17.96 4.15 16.63
C VAL B 726 -19.06 4.86 17.43
N PRO B 727 -19.13 6.19 17.33
CA PRO B 727 -20.11 6.90 18.16
C PRO B 727 -21.53 6.54 17.80
N VAL B 728 -22.28 6.12 18.80
CA VAL B 728 -23.66 5.69 18.64
C VAL B 728 -24.45 6.19 19.84
N TYR B 729 -25.57 6.83 19.58
CA TYR B 729 -26.38 7.39 20.64
C TYR B 729 -27.82 6.86 20.53
N CYS B 730 -28.40 6.54 21.68
CA CYS B 730 -29.72 5.97 21.74
C CYS B 730 -30.66 6.99 22.35
N ARG B 731 -31.85 7.12 21.77
CA ARG B 731 -32.86 8.00 22.35
C ARG B 731 -33.13 7.51 23.77
N ALA B 732 -33.10 8.43 24.73
CA ALA B 732 -33.16 8.08 26.13
C ALA B 732 -34.39 7.27 26.50
N SER B 733 -35.52 7.56 25.85
CA SER B 733 -36.76 6.88 26.16
C SER B 733 -36.77 5.41 25.71
N ARG B 734 -35.90 5.04 24.79
CA ARG B 734 -35.76 3.63 24.43
C ARG B 734 -34.54 2.91 25.04
N TRP B 735 -33.73 3.61 25.82
CA TRP B 735 -32.50 3.00 26.34
C TRP B 735 -32.79 1.82 27.25
N SER B 736 -33.88 1.89 28.01
CA SER B 736 -34.25 0.80 28.91
C SER B 736 -34.45 -0.50 28.14
N GLU B 737 -35.07 -0.39 26.98
CA GLU B 737 -35.29 -1.55 26.11
C GLU B 737 -34.02 -2.01 25.39
N LEU B 738 -33.24 -1.06 24.88
CA LEU B 738 -32.12 -1.40 24.01
C LEU B 738 -30.80 -1.63 24.70
N GLN B 739 -30.67 -1.20 25.96
CA GLN B 739 -29.42 -1.34 26.73
C GLN B 739 -28.75 -2.74 26.66
N PRO B 740 -29.53 -3.83 26.78
CA PRO B 740 -28.90 -5.17 26.76
C PRO B 740 -28.19 -5.52 25.46
N VAL B 741 -28.49 -4.82 24.37
CA VAL B 741 -27.84 -5.06 23.09
C VAL B 741 -26.33 -4.73 23.15
N PHE B 742 -25.99 -3.71 23.91
CA PHE B 742 -24.65 -3.14 23.88
C PHE B 742 -23.73 -3.62 24.99
N SER B 743 -24.21 -4.52 25.83
CA SER B 743 -23.37 -5.04 26.89
C SER B 743 -22.69 -6.32 26.43
#